data_6V6H
#
_entry.id   6V6H
#
_cell.length_a   87.812
_cell.length_b   144.555
_cell.length_c   173.762
_cell.angle_alpha   90.00
_cell.angle_beta   90.00
_cell.angle_gamma   90.00
#
_symmetry.space_group_name_H-M   'P 21 21 21'
#
loop_
_entity.id
_entity.type
_entity.pdbx_description
1 polymer 'Histidine ammonia-lyase'
2 water water
#
_entity_poly.entity_id   1
_entity_poly.type   'polypeptide(L)'
_entity_poly.pdbx_seq_one_letter_code
;HHHHHHMRVILDGCSLTPDVLYALGYEKGATIEISDEAVARITAARAVIDKIVNDRQTVYGINTGFGKFESTIIPPHQLE
ELQLNLIRSHSACVGEPLTPERARMMLALRVNVLCKGHSGIRLETVQKYLKAFNAGVVPYIPEQGTVG(MDO)DLGPLSH
LALGMLGEGLLATLNNKKFRDAGSVLRELGVEPITLAAKEGLALINGTQFISALGAEAVVRARKIARLADVALAMSHEAL
RATNSTLNPDIHRVRPHKGQQLVAQRLRALLHSEEYPSMINESHVNCGRVQDAYSIRCAPQVHGISNEVIEWVYGILTTE
LNCATDNPLVFPDGVKKVVSGGNFHGEYPAKALDMLAIGVHELGNISERRIERLNNPTLSRLPAFLVKNGGLNSGFMIAH
(CSS)TAAALVSENKVYCHPASADSISTSAAQEDHVSMGGFSARKAIKVVENVERIIAIELLGACQGIDLLRPLRTTEPM
EKVWSLVRSVSPPWEEDRVINTDIDNVTKLLRSGAVWKTVKPYVPEEARFLGVLTVKKPFELKSKM
;
_entity_poly.pdbx_strand_id   A,B,C,D
#
# COMPACT_ATOMS: atom_id res chain seq x y z
N MET A 7 -33.60 -26.68 -7.87
CA MET A 7 -33.57 -25.26 -7.51
C MET A 7 -33.65 -25.07 -6.00
N ARG A 8 -33.84 -26.17 -5.27
CA ARG A 8 -34.12 -26.08 -3.85
C ARG A 8 -32.99 -26.68 -3.02
N VAL A 9 -32.28 -25.82 -2.29
CA VAL A 9 -31.15 -26.25 -1.49
C VAL A 9 -31.57 -26.47 -0.03
N ILE A 10 -31.18 -27.61 0.52
CA ILE A 10 -31.44 -27.91 1.93
C ILE A 10 -30.23 -27.58 2.78
N LEU A 11 -30.38 -26.60 3.65
CA LEU A 11 -29.29 -26.14 4.50
C LEU A 11 -29.23 -26.92 5.80
N ASP A 12 -28.03 -27.19 6.30
CA ASP A 12 -27.89 -27.90 7.57
C ASP A 12 -26.68 -27.40 8.35
N GLY A 13 -26.09 -26.31 7.88
CA GLY A 13 -24.96 -25.69 8.56
C GLY A 13 -23.65 -26.45 8.45
N CYS A 14 -23.61 -27.44 7.56
CA CYS A 14 -22.43 -28.27 7.43
C CYS A 14 -22.02 -28.54 5.98
N SER A 15 -22.92 -28.27 5.04
CA SER A 15 -22.72 -28.73 3.66
C SER A 15 -22.65 -27.64 2.61
N LEU A 16 -22.66 -26.37 3.02
CA LEU A 16 -22.71 -25.28 2.06
C LEU A 16 -21.34 -25.00 1.43
N THR A 17 -21.32 -24.90 0.11
CA THR A 17 -20.11 -24.52 -0.61
C THR A 17 -20.30 -23.11 -1.20
N PRO A 18 -19.20 -22.39 -1.45
CA PRO A 18 -19.28 -21.08 -2.08
C PRO A 18 -20.04 -21.11 -3.41
N ASP A 19 -19.90 -22.19 -4.17
CA ASP A 19 -20.56 -22.29 -5.47
C ASP A 19 -22.08 -22.44 -5.33
N VAL A 20 -22.53 -23.19 -4.33
CA VAL A 20 -23.97 -23.34 -4.09
C VAL A 20 -24.55 -22.03 -3.56
N LEU A 21 -23.81 -21.34 -2.69
CA LEU A 21 -24.26 -20.05 -2.17
C LEU A 21 -24.37 -19.02 -3.28
N TYR A 22 -23.40 -19.01 -4.19
CA TYR A 22 -23.42 -18.12 -5.34
C TYR A 22 -24.66 -18.39 -6.18
N ALA A 23 -24.96 -19.66 -6.40
CA ALA A 23 -26.14 -20.05 -7.16
C ALA A 23 -27.42 -19.60 -6.47
N LEU A 24 -27.43 -19.70 -5.14
CA LEU A 24 -28.58 -19.27 -4.33
C LEU A 24 -28.88 -17.79 -4.52
N GLY A 25 -27.85 -17.00 -4.78
CA GLY A 25 -28.02 -15.58 -5.00
C GLY A 25 -28.28 -15.19 -6.44
N TYR A 26 -27.76 -15.96 -7.39
CA TYR A 26 -27.77 -15.54 -8.79
C TYR A 26 -28.67 -16.36 -9.73
N GLU A 27 -29.04 -17.57 -9.32
CA GLU A 27 -29.91 -18.38 -10.18
C GLU A 27 -31.38 -18.07 -9.92
N LYS A 28 -32.13 -17.90 -11.00
CA LYS A 28 -33.56 -17.67 -10.91
C LYS A 28 -34.28 -18.89 -10.36
N GLY A 29 -35.16 -18.66 -9.40
CA GLY A 29 -35.95 -19.74 -8.82
C GLY A 29 -35.27 -20.45 -7.67
N ALA A 30 -34.15 -19.91 -7.22
CA ALA A 30 -33.43 -20.48 -6.09
C ALA A 30 -34.29 -20.45 -4.83
N THR A 31 -34.25 -21.53 -4.08
CA THR A 31 -35.02 -21.63 -2.84
C THR A 31 -34.25 -22.41 -1.78
N ILE A 32 -34.47 -22.07 -0.52
CA ILE A 32 -33.81 -22.76 0.57
C ILE A 32 -34.80 -23.40 1.55
N GLU A 33 -34.35 -24.50 2.13
CA GLU A 33 -35.07 -25.17 3.22
C GLU A 33 -34.01 -25.61 4.23
N ILE A 34 -34.42 -25.94 5.45
CA ILE A 34 -33.46 -26.45 6.42
C ILE A 34 -33.78 -27.90 6.78
N SER A 35 -32.74 -28.67 7.08
CA SER A 35 -32.89 -30.10 7.33
C SER A 35 -33.56 -30.38 8.65
N ASP A 36 -34.06 -31.61 8.81
CA ASP A 36 -34.66 -32.02 10.08
C ASP A 36 -33.67 -31.98 11.22
N GLU A 37 -32.45 -32.43 10.96
CA GLU A 37 -31.40 -32.44 11.97
C GLU A 37 -31.13 -31.01 12.45
N ALA A 38 -31.26 -30.05 11.53
CA ALA A 38 -31.07 -28.65 11.86
C ALA A 38 -32.19 -28.13 12.74
N VAL A 39 -33.43 -28.52 12.40
CA VAL A 39 -34.60 -28.17 13.20
C VAL A 39 -34.44 -28.68 14.63
N ALA A 40 -34.00 -29.92 14.76
CA ALA A 40 -33.80 -30.54 16.06
C ALA A 40 -32.75 -29.80 16.89
N ARG A 41 -31.66 -29.41 16.24
CA ARG A 41 -30.58 -28.68 16.91
C ARG A 41 -31.05 -27.31 17.38
N ILE A 42 -31.83 -26.64 16.54
CA ILE A 42 -32.31 -25.30 16.84
C ILE A 42 -33.24 -25.30 18.06
N THR A 43 -34.18 -26.25 18.10
CA THR A 43 -35.12 -26.33 19.21
C THR A 43 -34.44 -26.79 20.50
N ALA A 44 -33.41 -27.64 20.35
CA ALA A 44 -32.66 -28.11 21.51
C ALA A 44 -31.88 -26.97 22.16
N ALA A 45 -31.28 -26.12 21.33
CA ALA A 45 -30.55 -24.96 21.83
C ALA A 45 -31.51 -23.96 22.46
N ARG A 46 -32.68 -23.80 21.87
CA ARG A 46 -33.66 -22.83 22.36
C ARG A 46 -34.23 -23.27 23.71
N ALA A 47 -34.25 -24.58 23.94
CA ALA A 47 -34.73 -25.13 25.20
C ALA A 47 -33.82 -24.69 26.34
N VAL A 48 -32.52 -24.62 26.05
CA VAL A 48 -31.55 -24.15 27.02
C VAL A 48 -31.83 -22.70 27.40
N ILE A 49 -32.05 -21.87 26.38
CA ILE A 49 -32.34 -20.45 26.58
C ILE A 49 -33.63 -20.26 27.38
N ASP A 50 -34.69 -20.96 26.95
CA ASP A 50 -35.99 -20.87 27.60
C ASP A 50 -35.92 -21.29 29.06
N LYS A 51 -35.09 -22.29 29.37
CA LYS A 51 -34.93 -22.71 30.76
C LYS A 51 -34.25 -21.61 31.57
N ILE A 52 -33.18 -21.06 31.03
CA ILE A 52 -32.43 -19.99 31.67
C ILE A 52 -33.31 -18.79 32.00
N VAL A 53 -34.14 -18.40 31.04
CA VAL A 53 -35.05 -17.27 31.22
C VAL A 53 -36.17 -17.59 32.21
N ASN A 54 -36.79 -18.77 32.04
CA ASN A 54 -37.86 -19.19 32.91
C ASN A 54 -37.41 -19.31 34.36
N ASP A 55 -36.26 -19.95 34.57
CA ASP A 55 -35.73 -20.17 35.91
C ASP A 55 -35.15 -18.89 36.50
N ARG A 56 -35.26 -17.79 35.76
CA ARG A 56 -34.76 -16.48 36.18
C ARG A 56 -33.29 -16.55 36.59
N GLN A 57 -32.51 -17.30 35.82
CA GLN A 57 -31.08 -17.45 36.08
C GLN A 57 -30.28 -16.40 35.31
N THR A 58 -29.28 -15.82 35.95
CA THR A 58 -28.48 -14.77 35.34
C THR A 58 -27.36 -15.31 34.47
N VAL A 59 -27.46 -15.09 33.17
CA VAL A 59 -26.42 -15.49 32.23
C VAL A 59 -26.12 -14.35 31.26
N TYR A 60 -24.85 -13.96 31.20
CA TYR A 60 -24.42 -12.86 30.33
C TYR A 60 -24.75 -13.16 28.87
N GLY A 61 -25.46 -12.24 28.22
CA GLY A 61 -25.78 -12.39 26.82
C GLY A 61 -27.17 -12.94 26.57
N ILE A 62 -27.81 -13.43 27.63
CA ILE A 62 -29.17 -13.96 27.50
C ILE A 62 -30.17 -13.00 28.16
N ASN A 63 -29.96 -12.67 29.43
CA ASN A 63 -30.84 -11.72 30.11
C ASN A 63 -30.11 -10.68 30.95
N THR A 64 -28.90 -10.30 30.52
CA THR A 64 -28.15 -9.25 31.22
C THR A 64 -28.20 -7.93 30.44
N GLY A 65 -27.31 -7.00 30.78
CA GLY A 65 -27.35 -5.68 30.19
C GLY A 65 -26.02 -5.19 29.67
N PHE A 66 -26.02 -4.02 29.04
N SER A 71 -24.53 -4.24 33.10
CA SER A 71 -24.97 -5.63 33.26
C SER A 71 -25.80 -5.81 34.53
N THR A 72 -26.98 -6.38 34.36
CA THR A 72 -27.88 -6.74 35.45
C THR A 72 -29.03 -7.54 34.86
N ILE A 73 -29.59 -8.48 35.62
CA ILE A 73 -30.65 -9.32 35.10
C ILE A 73 -31.85 -8.47 34.67
N ILE A 74 -32.16 -8.52 33.38
CA ILE A 74 -33.20 -7.68 32.80
C ILE A 74 -34.56 -8.37 32.88
N PRO A 75 -35.57 -7.67 33.40
CA PRO A 75 -36.95 -8.16 33.47
C PRO A 75 -37.54 -8.44 32.07
N PRO A 76 -38.51 -9.37 32.01
CA PRO A 76 -39.14 -9.86 30.77
C PRO A 76 -39.59 -8.78 29.79
N HIS A 77 -40.30 -7.77 30.28
CA HIS A 77 -40.82 -6.72 29.42
C HIS A 77 -39.69 -5.94 28.74
N GLN A 78 -38.68 -5.58 29.52
CA GLN A 78 -37.56 -4.80 29.00
C GLN A 78 -36.65 -5.64 28.11
N LEU A 79 -36.78 -6.95 28.21
CA LEU A 79 -35.86 -7.84 27.50
C LEU A 79 -36.22 -7.90 26.03
N GLU A 80 -37.51 -7.79 25.73
CA GLU A 80 -37.98 -7.71 24.35
C GLU A 80 -37.57 -6.38 23.71
N GLU A 81 -37.72 -5.30 24.49
CA GLU A 81 -37.35 -3.97 24.01
C GLU A 81 -35.86 -3.88 23.74
N LEU A 82 -35.07 -4.60 24.54
CA LEU A 82 -33.63 -4.62 24.38
C LEU A 82 -33.23 -5.17 23.00
N GLN A 83 -33.94 -6.21 22.56
CA GLN A 83 -33.67 -6.82 21.26
C GLN A 83 -33.89 -5.80 20.13
N LEU A 84 -35.00 -5.08 20.22
CA LEU A 84 -35.33 -4.08 19.20
C LEU A 84 -34.35 -2.92 19.18
N ASN A 85 -34.00 -2.42 20.37
CA ASN A 85 -33.00 -1.36 20.49
C ASN A 85 -31.67 -1.79 19.88
N LEU A 86 -31.33 -3.06 20.10
CA LEU A 86 -30.10 -3.63 19.57
C LEU A 86 -30.08 -3.55 18.04
N ILE A 87 -31.12 -4.08 17.40
CA ILE A 87 -31.22 -4.11 15.95
C ILE A 87 -31.20 -2.70 15.34
N ARG A 88 -31.94 -1.79 15.96
CA ARG A 88 -32.07 -0.43 15.44
C ARG A 88 -30.79 0.38 15.58
N SER A 89 -30.21 0.37 16.78
CA SER A 89 -29.02 1.16 17.05
C SER A 89 -27.80 0.63 16.31
N HIS A 90 -27.84 -0.65 15.94
CA HIS A 90 -26.70 -1.26 15.25
C HIS A 90 -26.85 -1.20 13.73
N SER A 91 -27.99 -0.70 13.26
CA SER A 91 -28.16 -0.46 11.84
C SER A 91 -27.48 0.86 11.49
N ALA A 92 -26.16 0.83 11.41
CA ALA A 92 -25.34 2.04 11.32
C ALA A 92 -24.53 2.10 10.04
N CYS A 93 -24.83 1.23 9.09
CA CYS A 93 -24.04 1.16 7.87
C CYS A 93 -24.42 2.28 6.90
N VAL A 94 -23.48 2.63 6.03
CA VAL A 94 -23.65 3.73 5.08
C VAL A 94 -23.20 3.33 3.68
N GLY A 95 -23.51 4.17 2.70
CA GLY A 95 -23.08 3.94 1.33
C GLY A 95 -24.13 3.22 0.50
N GLU A 96 -23.73 2.80 -0.71
CA GLU A 96 -24.64 2.09 -1.60
C GLU A 96 -25.01 0.72 -1.03
N PRO A 97 -26.28 0.34 -1.18
CA PRO A 97 -26.73 -0.98 -0.72
C PRO A 97 -26.16 -2.10 -1.59
N LEU A 98 -26.03 -3.29 -1.02
CA LEU A 98 -25.60 -4.46 -1.79
C LEU A 98 -26.57 -4.70 -2.94
N THR A 99 -26.07 -5.30 -4.02
CA THR A 99 -26.94 -5.78 -5.08
C THR A 99 -27.90 -6.82 -4.51
N PRO A 100 -29.08 -6.96 -5.10
CA PRO A 100 -30.08 -7.94 -4.63
C PRO A 100 -29.50 -9.35 -4.45
N GLU A 101 -28.63 -9.75 -5.38
CA GLU A 101 -28.06 -11.09 -5.34
C GLU A 101 -27.15 -11.29 -4.13
N ARG A 102 -26.34 -10.28 -3.83
CA ARG A 102 -25.41 -10.37 -2.72
C ARG A 102 -26.11 -10.26 -1.38
N ALA A 103 -27.14 -9.40 -1.31
CA ALA A 103 -27.94 -9.26 -0.11
C ALA A 103 -28.64 -10.57 0.23
N ARG A 104 -29.13 -11.25 -0.81
CA ARG A 104 -29.85 -12.51 -0.62
C ARG A 104 -28.87 -13.65 -0.33
N MET A 105 -27.64 -13.54 -0.82
CA MET A 105 -26.59 -14.49 -0.45
C MET A 105 -26.30 -14.39 1.05
N MET A 106 -26.22 -13.17 1.56
CA MET A 106 -25.98 -12.95 2.98
C MET A 106 -27.13 -13.51 3.82
N LEU A 107 -28.34 -13.38 3.30
CA LEU A 107 -29.54 -13.90 3.96
C LEU A 107 -29.49 -15.43 4.08
N ALA A 108 -29.22 -16.10 2.97
CA ALA A 108 -29.17 -17.55 2.94
C ALA A 108 -28.04 -18.08 3.83
N LEU A 109 -26.89 -17.41 3.80
CA LEU A 109 -25.74 -17.81 4.61
C LEU A 109 -26.06 -17.65 6.09
N ARG A 110 -26.80 -16.61 6.43
CA ARG A 110 -27.25 -16.36 7.79
C ARG A 110 -28.04 -17.56 8.31
N VAL A 111 -28.95 -18.04 7.47
CA VAL A 111 -29.80 -19.17 7.81
C VAL A 111 -28.97 -20.44 8.00
N ASN A 112 -27.99 -20.64 7.12
CA ASN A 112 -27.14 -21.83 7.20
C ASN A 112 -26.37 -21.89 8.51
N VAL A 113 -25.82 -20.76 8.93
CA VAL A 113 -25.06 -20.71 10.19
C VAL A 113 -25.96 -21.00 11.39
N LEU A 114 -27.18 -20.48 11.36
CA LEU A 114 -28.15 -20.74 12.42
C LEU A 114 -28.53 -22.21 12.50
N CYS A 115 -28.39 -22.92 11.38
CA CYS A 115 -28.72 -24.35 11.32
C CYS A 115 -27.79 -25.21 12.16
N LYS A 116 -26.62 -24.68 12.52
CA LYS A 116 -25.69 -25.42 13.35
C LYS A 116 -26.24 -25.56 14.77
N GLY A 117 -27.16 -24.68 15.14
CA GLY A 117 -27.88 -24.78 16.39
C GLY A 117 -27.08 -24.38 17.63
N HIS A 118 -26.31 -23.30 17.53
CA HIS A 118 -25.54 -22.82 18.66
C HIS A 118 -25.81 -21.34 18.96
N SER A 119 -26.76 -20.76 18.24
CA SER A 119 -27.07 -19.34 18.42
C SER A 119 -28.14 -19.12 19.49
N GLY A 120 -29.02 -20.09 19.66
CA GLY A 120 -30.13 -19.96 20.60
C GLY A 120 -31.33 -19.27 19.99
N ILE A 121 -31.32 -19.16 18.67
CA ILE A 121 -32.41 -18.54 17.92
C ILE A 121 -33.69 -19.39 18.03
N ARG A 122 -34.85 -18.75 17.94
CA ARG A 122 -36.10 -19.50 17.88
C ARG A 122 -36.29 -20.06 16.47
N LEU A 123 -37.00 -21.18 16.38
CA LEU A 123 -37.28 -21.81 15.10
C LEU A 123 -38.16 -20.93 14.23
N GLU A 124 -39.15 -20.31 14.86
CA GLU A 124 -40.10 -19.43 14.17
C GLU A 124 -39.41 -18.31 13.41
N THR A 125 -38.37 -17.76 14.02
CA THR A 125 -37.61 -16.66 13.43
C THR A 125 -36.86 -17.12 12.19
N VAL A 126 -36.26 -18.31 12.27
CA VAL A 126 -35.54 -18.88 11.13
C VAL A 126 -36.49 -19.13 9.97
N GLN A 127 -37.67 -19.65 10.29
CA GLN A 127 -38.71 -19.92 9.30
C GLN A 127 -39.13 -18.67 8.53
N LYS A 128 -39.21 -17.54 9.22
CA LYS A 128 -39.59 -16.28 8.58
C LYS A 128 -38.49 -15.72 7.66
N TYR A 129 -37.23 -15.80 8.10
CA TYR A 129 -36.10 -15.51 7.22
C TYR A 129 -36.20 -16.38 5.97
N LEU A 130 -36.41 -17.67 6.21
CA LEU A 130 -36.55 -18.69 5.19
C LEU A 130 -37.66 -18.35 4.19
N LYS A 131 -38.83 -18.02 4.71
CA LYS A 131 -39.99 -17.70 3.87
C LYS A 131 -39.75 -16.40 3.11
N ALA A 132 -39.09 -15.44 3.74
CA ALA A 132 -38.81 -14.17 3.10
C ALA A 132 -37.90 -14.35 1.88
N PHE A 133 -36.86 -15.16 2.04
CA PHE A 133 -35.96 -15.48 0.93
C PHE A 133 -36.71 -16.11 -0.23
N ASN A 134 -37.50 -17.14 0.06
CA ASN A 134 -38.20 -17.88 -0.98
C ASN A 134 -39.27 -17.03 -1.68
N ALA A 135 -39.78 -16.04 -0.96
CA ALA A 135 -40.79 -15.14 -1.53
C ALA A 135 -40.15 -14.08 -2.41
N GLY A 136 -38.84 -13.90 -2.29
CA GLY A 136 -38.11 -12.99 -3.14
C GLY A 136 -37.77 -11.64 -2.51
N VAL A 137 -37.59 -11.62 -1.20
CA VAL A 137 -37.25 -10.38 -0.52
C VAL A 137 -35.84 -9.92 -0.92
N VAL A 138 -35.67 -8.61 -1.02
CA VAL A 138 -34.37 -8.01 -1.26
C VAL A 138 -34.01 -7.09 -0.10
N PRO A 139 -33.14 -7.57 0.81
CA PRO A 139 -32.74 -6.77 1.97
C PRO A 139 -31.99 -5.50 1.55
N TYR A 140 -32.09 -4.46 2.38
CA TYR A 140 -31.36 -3.22 2.13
C TYR A 140 -30.11 -3.19 3.01
N ILE A 141 -28.96 -3.50 2.42
CA ILE A 141 -27.72 -3.62 3.19
C ILE A 141 -26.65 -2.66 2.67
N PRO A 142 -26.48 -1.52 3.34
CA PRO A 142 -25.41 -0.58 2.98
C PRO A 142 -24.04 -1.27 3.08
N GLU A 143 -23.19 -1.08 2.06
CA GLU A 143 -21.99 -1.90 1.91
C GLU A 143 -20.81 -1.46 2.79
N GLN A 144 -20.91 -0.29 3.40
CA GLN A 144 -19.83 0.22 4.24
C GLN A 144 -20.25 0.32 5.71
N GLY A 145 -19.35 -0.06 6.61
CA GLY A 145 -19.62 0.09 8.04
C GLY A 145 -19.01 -0.99 8.91
N THR A 146 -19.09 -2.24 8.49
CA THR A 146 -18.61 -3.35 9.30
C THR A 146 -17.09 -3.30 9.51
N VAL A 147 -16.65 -3.65 10.70
CA VAL A 147 -15.23 -3.79 10.99
C VAL A 147 -14.87 -5.27 11.13
N GLY A 148 -15.85 -6.12 10.87
CA GLY A 148 -15.66 -7.56 10.85
C GLY A 148 -15.30 -8.18 12.19
N ASP A 150 -20.07 -8.97 11.67
CA ASP A 150 -20.67 -7.97 10.80
C ASP A 150 -21.98 -7.45 11.39
N LEU A 151 -21.89 -6.85 12.57
CA LEU A 151 -23.04 -6.37 13.32
C LEU A 151 -23.96 -5.47 12.50
N GLY A 152 -23.36 -4.48 11.83
CA GLY A 152 -24.10 -3.55 11.00
C GLY A 152 -24.94 -4.20 9.90
N PRO A 153 -24.29 -4.87 8.94
CA PRO A 153 -25.00 -5.52 7.83
C PRO A 153 -26.07 -6.50 8.30
N LEU A 154 -25.74 -7.31 9.30
CA LEU A 154 -26.67 -8.30 9.82
C LEU A 154 -27.85 -7.64 10.55
N SER A 155 -27.61 -6.47 11.14
CA SER A 155 -28.69 -5.71 11.78
C SER A 155 -29.64 -5.12 10.74
N HIS A 156 -29.07 -4.61 9.64
CA HIS A 156 -29.89 -4.09 8.56
C HIS A 156 -30.75 -5.19 7.96
N LEU A 157 -30.20 -6.41 7.94
CA LEU A 157 -30.95 -7.58 7.49
C LEU A 157 -32.13 -7.86 8.43
N ALA A 158 -31.86 -7.85 9.72
CA ALA A 158 -32.88 -8.11 10.73
C ALA A 158 -33.90 -6.98 10.80
N LEU A 159 -33.44 -5.76 10.52
CA LEU A 159 -34.31 -4.59 10.52
C LEU A 159 -35.43 -4.74 9.50
N GLY A 160 -35.06 -5.18 8.30
CA GLY A 160 -36.02 -5.41 7.24
C GLY A 160 -36.97 -6.55 7.57
N MET A 161 -36.48 -7.56 8.28
CA MET A 161 -37.30 -8.68 8.70
C MET A 161 -38.28 -8.27 9.79
N LEU A 162 -38.00 -7.15 10.44
CA LEU A 162 -38.90 -6.57 11.43
C LEU A 162 -39.94 -5.69 10.76
N GLY A 163 -39.80 -5.50 9.44
CA GLY A 163 -40.69 -4.65 8.70
C GLY A 163 -40.35 -3.19 8.85
N GLU A 164 -39.09 -2.91 9.18
CA GLU A 164 -38.64 -1.54 9.37
C GLU A 164 -37.52 -1.20 8.38
N GLY A 165 -37.37 0.09 8.09
CA GLY A 165 -36.39 0.53 7.11
C GLY A 165 -36.88 0.27 5.69
N LEU A 166 -35.95 -0.11 4.82
CA LEU A 166 -36.29 -0.33 3.41
C LEU A 166 -36.18 -1.79 3.00
N LEU A 167 -37.00 -2.17 2.03
CA LEU A 167 -36.90 -3.47 1.38
C LEU A 167 -37.24 -3.35 -0.09
N ALA A 168 -36.82 -4.34 -0.87
CA ALA A 168 -37.25 -4.46 -2.25
C ALA A 168 -37.65 -5.90 -2.51
N THR A 169 -38.07 -6.19 -3.74
CA THR A 169 -38.37 -7.56 -4.15
C THR A 169 -37.70 -7.85 -5.47
N LEU A 170 -37.64 -9.11 -5.86
CA LEU A 170 -37.04 -9.49 -7.13
C LEU A 170 -37.87 -8.96 -8.30
N ASN A 171 -39.19 -8.86 -8.09
CA ASN A 171 -40.09 -8.36 -9.12
C ASN A 171 -40.13 -6.84 -9.18
N ASN A 172 -39.76 -6.20 -8.07
CA ASN A 172 -39.70 -4.75 -7.98
C ASN A 172 -38.53 -4.32 -7.10
N LYS A 173 -37.41 -4.01 -7.74
CA LYS A 173 -36.17 -3.79 -7.01
C LYS A 173 -35.99 -2.36 -6.52
N LYS A 174 -37.03 -1.55 -6.66
CA LYS A 174 -37.03 -0.20 -6.09
C LYS A 174 -37.25 -0.30 -4.59
N PHE A 175 -36.25 0.13 -3.82
CA PHE A 175 -36.33 0.05 -2.36
C PHE A 175 -37.45 0.94 -1.83
N ARG A 176 -38.33 0.34 -1.04
CA ARG A 176 -39.49 1.03 -0.50
C ARG A 176 -39.72 0.61 0.95
N ASP A 177 -40.86 0.98 1.50
CA ASP A 177 -41.18 0.68 2.89
C ASP A 177 -41.16 -0.82 3.17
N ALA A 178 -40.34 -1.22 4.14
CA ALA A 178 -40.15 -2.63 4.48
C ALA A 178 -41.45 -3.27 4.95
N GLY A 179 -42.29 -2.49 5.64
CA GLY A 179 -43.55 -2.99 6.13
C GLY A 179 -44.49 -3.40 5.01
N SER A 180 -44.55 -2.58 3.97
CA SER A 180 -45.42 -2.86 2.84
C SER A 180 -44.89 -4.02 1.99
N VAL A 181 -43.57 -4.13 1.90
CA VAL A 181 -42.96 -5.21 1.14
C VAL A 181 -43.27 -6.56 1.78
N LEU A 182 -43.18 -6.64 3.11
CA LEU A 182 -43.52 -7.87 3.82
C LEU A 182 -45.00 -8.21 3.63
N ARG A 183 -45.85 -7.20 3.59
CA ARG A 183 -47.27 -7.42 3.30
C ARG A 183 -47.40 -7.95 1.89
N GLU A 184 -46.62 -7.39 0.98
CA GLU A 184 -46.63 -7.80 -0.42
C GLU A 184 -46.23 -9.27 -0.57
N LEU A 185 -45.27 -9.69 0.23
CA LEU A 185 -44.72 -11.03 0.16
C LEU A 185 -45.52 -12.04 0.97
N GLY A 186 -46.39 -11.54 1.84
CA GLY A 186 -47.18 -12.40 2.69
C GLY A 186 -46.36 -12.94 3.85
N VAL A 187 -45.29 -12.25 4.21
CA VAL A 187 -44.48 -12.65 5.35
C VAL A 187 -44.76 -11.79 6.57
N GLU A 188 -45.12 -12.43 7.67
CA GLU A 188 -45.29 -11.74 8.95
C GLU A 188 -43.91 -11.42 9.51
N PRO A 189 -43.73 -10.17 9.98
CA PRO A 189 -42.42 -9.75 10.52
C PRO A 189 -41.99 -10.57 11.72
N ILE A 190 -40.68 -10.69 11.93
CA ILE A 190 -40.16 -11.44 13.05
C ILE A 190 -40.48 -10.74 14.37
N THR A 191 -40.50 -11.51 15.45
CA THR A 191 -40.58 -10.98 16.80
C THR A 191 -39.39 -11.53 17.56
N LEU A 192 -38.87 -10.77 18.51
CA LEU A 192 -37.62 -11.13 19.16
C LEU A 192 -37.77 -11.47 20.64
N ALA A 193 -37.43 -12.71 20.99
CA ALA A 193 -37.34 -13.12 22.38
C ALA A 193 -35.90 -12.96 22.87
N ALA A 194 -35.62 -13.44 24.07
CA ALA A 194 -34.28 -13.36 24.65
C ALA A 194 -33.22 -13.96 23.73
N LYS A 195 -32.08 -13.27 23.61
CA LYS A 195 -30.91 -13.71 22.84
C LYS A 195 -31.11 -13.64 21.33
N GLU A 196 -32.35 -13.49 20.87
CA GLU A 196 -32.62 -13.50 19.43
C GLU A 196 -31.98 -12.33 18.70
N GLY A 197 -31.88 -11.18 19.37
CA GLY A 197 -31.23 -10.01 18.80
C GLY A 197 -29.77 -10.25 18.46
N LEU A 198 -29.02 -10.80 19.41
CA LEU A 198 -27.62 -11.12 19.20
C LEU A 198 -27.45 -12.28 18.22
N ALA A 199 -28.33 -13.25 18.32
CA ALA A 199 -28.26 -14.44 17.47
C ALA A 199 -28.34 -14.08 16.00
N LEU A 200 -29.09 -13.03 15.69
CA LEU A 200 -29.29 -12.61 14.30
C LEU A 200 -28.15 -11.77 13.76
N ILE A 201 -27.44 -11.05 14.63
CA ILE A 201 -26.46 -10.07 14.15
C ILE A 201 -25.00 -10.41 14.48
N ASN A 202 -24.76 -11.46 15.25
CA ASN A 202 -23.40 -11.94 15.47
C ASN A 202 -22.95 -12.84 14.32
N GLY A 203 -21.81 -12.52 13.72
CA GLY A 203 -21.27 -13.40 12.70
C GLY A 203 -20.48 -12.72 11.59
N THR A 204 -19.88 -13.55 10.74
CA THR A 204 -19.01 -13.06 9.67
C THR A 204 -19.67 -13.23 8.30
N GLN A 205 -21.00 -13.18 8.26
CA GLN A 205 -21.74 -13.56 7.06
C GLN A 205 -21.72 -12.52 5.93
N PHE A 206 -21.45 -11.25 6.26
CA PHE A 206 -21.30 -10.23 5.23
C PHE A 206 -19.99 -10.43 4.48
N ILE A 207 -18.92 -10.57 5.25
CA ILE A 207 -17.59 -10.85 4.69
C ILE A 207 -17.57 -12.16 3.91
N SER A 208 -18.18 -13.19 4.48
CA SER A 208 -18.11 -14.54 3.91
C SER A 208 -19.01 -14.72 2.68
N ALA A 209 -20.16 -14.05 2.66
CA ALA A 209 -21.04 -14.14 1.51
C ALA A 209 -20.43 -13.44 0.31
N LEU A 210 -19.90 -12.24 0.53
CA LEU A 210 -19.20 -11.50 -0.51
C LEU A 210 -17.94 -12.25 -0.93
N GLY A 211 -17.28 -12.87 0.04
CA GLY A 211 -16.09 -13.65 -0.21
C GLY A 211 -16.39 -14.88 -1.03
N ALA A 212 -17.58 -15.44 -0.81
CA ALA A 212 -18.01 -16.64 -1.54
C ALA A 212 -18.13 -16.33 -3.03
N GLU A 213 -18.75 -15.20 -3.35
CA GLU A 213 -18.85 -14.76 -4.75
C GLU A 213 -17.45 -14.57 -5.34
N ALA A 214 -16.60 -13.89 -4.60
CA ALA A 214 -15.24 -13.59 -5.06
C ALA A 214 -14.48 -14.85 -5.44
N VAL A 215 -14.44 -15.83 -4.55
CA VAL A 215 -13.62 -17.01 -4.78
C VAL A 215 -14.23 -17.91 -5.86
N VAL A 216 -15.55 -17.86 -6.02
CA VAL A 216 -16.21 -18.60 -7.09
C VAL A 216 -15.85 -18.00 -8.45
N ARG A 217 -15.95 -16.68 -8.56
CA ARG A 217 -15.58 -15.98 -9.77
C ARG A 217 -14.08 -16.15 -10.05
N ALA A 218 -13.29 -16.19 -8.99
CA ALA A 218 -11.84 -16.35 -9.11
C ALA A 218 -11.48 -17.70 -9.71
N ARG A 219 -12.11 -18.75 -9.19
CA ARG A 219 -11.88 -20.11 -9.66
C ARG A 219 -12.22 -20.24 -11.15
N LYS A 220 -13.31 -19.60 -11.56
CA LYS A 220 -13.76 -19.70 -12.95
C LYS A 220 -12.89 -18.89 -13.90
N ILE A 221 -12.38 -17.76 -13.44
CA ILE A 221 -11.52 -16.94 -14.30
C ILE A 221 -10.12 -17.54 -14.40
N ALA A 222 -9.71 -18.31 -13.38
CA ALA A 222 -8.43 -19.00 -13.41
C ALA A 222 -8.40 -20.04 -14.54
N ARG A 223 -9.51 -20.77 -14.70
CA ARG A 223 -9.64 -21.72 -15.79
C ARG A 223 -9.66 -21.00 -17.14
N LEU A 224 -10.45 -19.93 -17.22
CA LEU A 224 -10.60 -19.16 -18.45
C LEU A 224 -9.30 -18.46 -18.86
N ALA A 225 -8.47 -18.12 -17.87
CA ALA A 225 -7.18 -17.51 -18.15
C ALA A 225 -6.30 -18.43 -18.99
N ASP A 226 -6.42 -19.74 -18.74
CA ASP A 226 -5.65 -20.71 -19.51
C ASP A 226 -6.21 -20.88 -20.92
N VAL A 227 -7.50 -20.61 -21.09
CA VAL A 227 -8.11 -20.66 -22.41
C VAL A 227 -7.65 -19.47 -23.24
N ALA A 228 -7.61 -18.29 -22.63
CA ALA A 228 -7.13 -17.09 -23.30
C ALA A 228 -5.66 -17.25 -23.67
N LEU A 229 -4.88 -17.79 -22.74
CA LEU A 229 -3.48 -18.05 -22.95
C LEU A 229 -3.25 -19.02 -24.11
N ALA A 230 -4.05 -20.08 -24.16
CA ALA A 230 -3.97 -21.06 -25.23
C ALA A 230 -4.20 -20.40 -26.59
N MET A 231 -5.19 -19.52 -26.66
CA MET A 231 -5.49 -18.82 -27.90
C MET A 231 -4.35 -17.89 -28.28
N SER A 232 -3.82 -17.15 -27.31
CA SER A 232 -2.67 -16.27 -27.54
C SER A 232 -1.46 -17.08 -28.01
N HIS A 233 -1.27 -18.23 -27.37
CA HIS A 233 -0.22 -19.17 -27.74
C HIS A 233 -0.30 -19.53 -29.22
N GLU A 234 -1.52 -19.75 -29.70
CA GLU A 234 -1.75 -20.12 -31.09
C GLU A 234 -1.59 -18.92 -32.03
N ALA A 235 -2.12 -17.78 -31.62
CA ALA A 235 -2.06 -16.58 -32.44
C ALA A 235 -0.62 -16.08 -32.57
N LEU A 236 0.19 -16.32 -31.54
CA LEU A 236 1.58 -15.91 -31.55
C LEU A 236 2.48 -16.98 -32.14
N ARG A 237 1.87 -18.14 -32.42
CA ARG A 237 2.57 -19.28 -32.98
C ARG A 237 3.78 -19.67 -32.15
N ALA A 238 3.53 -19.91 -30.87
CA ALA A 238 4.57 -20.32 -29.92
C ALA A 238 4.78 -21.84 -29.97
N THR A 239 5.90 -22.29 -29.40
CA THR A 239 6.19 -23.72 -29.34
C THR A 239 5.55 -24.37 -28.12
N ASN A 240 5.33 -25.68 -28.20
CA ASN A 240 4.77 -26.43 -27.08
C ASN A 240 5.84 -26.90 -26.09
N SER A 241 7.09 -26.52 -26.36
CA SER A 241 8.24 -26.99 -25.59
C SER A 241 8.10 -26.78 -24.09
N THR A 242 7.55 -25.63 -23.69
CA THR A 242 7.45 -25.28 -22.28
C THR A 242 6.35 -26.05 -21.54
N LEU A 243 5.59 -26.84 -22.29
CA LEU A 243 4.52 -27.64 -21.69
C LEU A 243 4.98 -29.08 -21.41
N ASN A 244 6.23 -29.37 -21.78
CA ASN A 244 6.83 -30.68 -21.53
C ASN A 244 6.68 -31.08 -20.07
N PRO A 245 5.95 -32.18 -19.81
CA PRO A 245 5.64 -32.61 -18.44
C PRO A 245 6.89 -32.90 -17.58
N ASP A 246 8.03 -33.15 -18.23
CA ASP A 246 9.28 -33.33 -17.49
C ASP A 246 9.69 -32.05 -16.76
N ILE A 247 9.43 -30.91 -17.40
CA ILE A 247 9.71 -29.60 -16.81
C ILE A 247 8.99 -29.42 -15.48
N HIS A 248 7.72 -29.81 -15.46
CA HIS A 248 6.87 -29.53 -14.32
C HIS A 248 6.91 -30.66 -13.29
N ARG A 249 7.42 -31.81 -13.72
CA ARG A 249 7.66 -32.93 -12.82
C ARG A 249 8.79 -32.61 -11.84
N VAL A 250 9.75 -31.80 -12.28
CA VAL A 250 10.91 -31.46 -11.46
C VAL A 250 10.76 -30.11 -10.77
N ARG A 251 9.63 -29.45 -11.03
CA ARG A 251 9.23 -28.24 -10.31
C ARG A 251 7.78 -28.46 -9.87
N PRO A 252 7.55 -29.52 -9.08
CA PRO A 252 6.25 -30.19 -8.96
C PRO A 252 5.23 -29.53 -8.04
N HIS A 253 5.09 -28.21 -8.08
CA HIS A 253 3.97 -27.57 -7.41
C HIS A 253 2.67 -28.07 -8.03
N LYS A 254 1.65 -28.27 -7.19
CA LYS A 254 0.38 -28.79 -7.68
C LYS A 254 -0.23 -27.90 -8.77
N GLY A 255 -0.26 -26.60 -8.51
CA GLY A 255 -0.85 -25.67 -9.45
C GLY A 255 -0.15 -25.64 -10.79
N GLN A 256 1.18 -25.57 -10.75
CA GLN A 256 1.98 -25.53 -11.97
C GLN A 256 1.76 -26.76 -12.84
N GLN A 257 1.74 -27.93 -12.21
CA GLN A 257 1.52 -29.18 -12.95
C GLN A 257 0.11 -29.24 -13.54
N LEU A 258 -0.88 -28.81 -12.76
CA LEU A 258 -2.27 -28.84 -13.19
C LEU A 258 -2.54 -27.86 -14.33
N VAL A 259 -1.94 -26.67 -14.26
CA VAL A 259 -2.10 -25.67 -15.31
C VAL A 259 -1.47 -26.15 -16.62
N ALA A 260 -0.28 -26.74 -16.53
CA ALA A 260 0.41 -27.26 -17.69
C ALA A 260 -0.41 -28.38 -18.35
N GLN A 261 -1.03 -29.22 -17.53
CA GLN A 261 -1.85 -30.31 -18.07
C GLN A 261 -3.10 -29.75 -18.75
N ARG A 262 -3.68 -28.72 -18.16
CA ARG A 262 -4.84 -28.04 -18.73
C ARG A 262 -4.50 -27.43 -20.09
N LEU A 263 -3.31 -26.84 -20.18
CA LEU A 263 -2.84 -26.24 -21.43
C LEU A 263 -2.53 -27.29 -22.49
N ARG A 264 -1.99 -28.44 -22.07
CA ARG A 264 -1.69 -29.51 -23.00
C ARG A 264 -2.98 -30.09 -23.58
N ALA A 265 -4.03 -30.09 -22.78
CA ALA A 265 -5.32 -30.62 -23.20
C ALA A 265 -5.95 -29.74 -24.28
N LEU A 266 -5.67 -28.44 -24.23
CA LEU A 266 -6.22 -27.48 -25.17
C LEU A 266 -5.32 -27.31 -26.40
N LEU A 267 -4.10 -27.81 -26.33
CA LEU A 267 -3.13 -27.60 -27.40
C LEU A 267 -2.60 -28.92 -27.97
N HIS A 268 -3.31 -30.01 -27.69
CA HIS A 268 -2.98 -31.32 -28.27
C HIS A 268 -3.21 -31.33 -29.77
N GLN A 287 13.96 -18.63 -27.16
CA GLN A 287 12.74 -19.35 -26.78
C GLN A 287 11.54 -18.40 -26.72
N ASP A 288 10.39 -18.93 -26.31
CA ASP A 288 9.18 -18.11 -26.16
C ASP A 288 9.37 -17.08 -25.04
N ALA A 289 8.50 -16.08 -25.02
CA ALA A 289 8.54 -15.05 -23.98
C ALA A 289 8.04 -15.61 -22.65
N TYR A 290 8.40 -14.94 -21.55
CA TYR A 290 8.08 -15.44 -20.22
C TYR A 290 6.58 -15.47 -19.94
N SER A 291 5.86 -14.48 -20.47
CA SER A 291 4.42 -14.38 -20.22
C SER A 291 3.68 -15.58 -20.81
N ILE A 292 4.34 -16.31 -21.72
CA ILE A 292 3.81 -17.56 -22.25
C ILE A 292 4.57 -18.76 -21.68
N ARG A 293 5.90 -18.70 -21.71
CA ARG A 293 6.75 -19.81 -21.29
C ARG A 293 6.68 -20.06 -19.78
N CYS A 294 6.56 -18.99 -18.99
CA CYS A 294 6.52 -19.14 -17.54
C CYS A 294 5.08 -19.09 -17.01
N ALA A 295 4.12 -19.27 -17.90
CA ALA A 295 2.71 -19.20 -17.52
C ALA A 295 2.30 -20.28 -16.50
N PRO A 296 2.74 -21.55 -16.71
CA PRO A 296 2.42 -22.52 -15.65
C PRO A 296 3.02 -22.14 -14.30
N GLN A 297 4.20 -21.52 -14.32
CA GLN A 297 4.89 -21.14 -13.11
C GLN A 297 4.29 -19.89 -12.45
N VAL A 298 3.41 -19.20 -13.17
CA VAL A 298 2.76 -18.01 -12.65
C VAL A 298 1.28 -18.26 -12.36
N HIS A 299 0.58 -18.84 -13.34
CA HIS A 299 -0.82 -19.22 -13.13
C HIS A 299 -0.93 -20.24 -12.00
N GLY A 300 0.07 -21.11 -11.90
CA GLY A 300 0.09 -22.16 -10.90
C GLY A 300 -0.13 -21.69 -9.48
N ILE A 301 0.68 -20.73 -9.05
CA ILE A 301 0.58 -20.22 -7.69
C ILE A 301 -0.73 -19.47 -7.49
N SER A 302 -1.21 -18.80 -8.54
CA SER A 302 -2.52 -18.15 -8.50
C SER A 302 -3.61 -19.18 -8.24
N ASN A 303 -3.56 -20.29 -8.97
CA ASN A 303 -4.50 -21.39 -8.78
C ASN A 303 -4.46 -21.95 -7.36
N GLU A 304 -3.26 -22.13 -6.82
CA GLU A 304 -3.12 -22.69 -5.48
C GLU A 304 -3.62 -21.75 -4.40
N VAL A 305 -3.44 -20.45 -4.59
CA VAL A 305 -3.97 -19.46 -3.66
C VAL A 305 -5.49 -19.51 -3.67
N ILE A 306 -6.07 -19.55 -4.86
CA ILE A 306 -7.51 -19.64 -5.03
C ILE A 306 -8.07 -20.92 -4.38
N GLU A 307 -7.38 -22.03 -4.58
CA GLU A 307 -7.80 -23.31 -4.00
C GLU A 307 -7.72 -23.26 -2.46
N TRP A 308 -6.68 -22.61 -1.95
CA TRP A 308 -6.49 -22.48 -0.52
C TRP A 308 -7.59 -21.61 0.11
N VAL A 309 -7.83 -20.46 -0.52
CA VAL A 309 -8.87 -19.54 -0.06
C VAL A 309 -10.24 -20.22 -0.07
N TYR A 310 -10.47 -21.00 -1.13
CA TYR A 310 -11.72 -21.74 -1.28
C TYR A 310 -11.95 -22.66 -0.07
N GLY A 311 -10.89 -23.33 0.37
CA GLY A 311 -10.97 -24.19 1.54
C GLY A 311 -11.26 -23.44 2.83
N ILE A 312 -10.58 -22.32 3.03
CA ILE A 312 -10.81 -21.47 4.19
C ILE A 312 -12.28 -21.02 4.24
N LEU A 313 -12.78 -20.51 3.11
CA LEU A 313 -14.13 -19.99 3.04
C LEU A 313 -15.20 -21.06 3.18
N THR A 314 -14.94 -22.24 2.62
CA THR A 314 -15.89 -23.35 2.72
C THR A 314 -16.12 -23.72 4.18
N THR A 315 -15.04 -23.74 4.95
CA THR A 315 -15.14 -23.97 6.39
C THR A 315 -15.94 -22.85 7.05
N GLU A 316 -15.63 -21.62 6.66
CA GLU A 316 -16.24 -20.44 7.27
C GLU A 316 -17.75 -20.35 7.03
N LEU A 317 -18.20 -20.82 5.86
CA LEU A 317 -19.62 -20.83 5.52
C LEU A 317 -20.40 -21.75 6.44
N ASN A 318 -19.69 -22.71 7.04
CA ASN A 318 -20.32 -23.71 7.90
C ASN A 318 -19.80 -23.64 9.34
N CYS A 319 -19.54 -22.42 9.80
CA CYS A 319 -19.04 -22.18 11.16
C CYS A 319 -20.11 -21.59 12.06
N ALA A 320 -20.04 -21.90 13.35
CA ALA A 320 -20.92 -21.28 14.33
C ALA A 320 -20.25 -20.02 14.88
N THR A 321 -20.60 -18.88 14.29
CA THR A 321 -19.94 -17.62 14.60
C THR A 321 -20.75 -16.80 15.61
N ASP A 322 -21.54 -17.50 16.42
CA ASP A 322 -22.42 -16.83 17.36
C ASP A 322 -21.72 -16.53 18.68
N ASN A 323 -22.32 -15.65 19.48
CA ASN A 323 -21.82 -15.39 20.83
C ASN A 323 -22.88 -14.74 21.72
N PRO A 324 -23.08 -15.31 22.93
CA PRO A 324 -22.42 -16.52 23.40
C PRO A 324 -22.94 -17.78 22.72
N LEU A 325 -22.14 -18.84 22.71
CA LEU A 325 -22.51 -20.08 22.04
C LEU A 325 -23.33 -20.98 22.95
N VAL A 326 -24.31 -21.65 22.37
CA VAL A 326 -25.17 -22.57 23.10
C VAL A 326 -24.83 -24.02 22.77
N PHE A 327 -24.41 -24.77 23.79
CA PHE A 327 -24.09 -26.19 23.63
C PHE A 327 -24.98 -27.04 24.53
N PRO A 328 -26.10 -27.53 23.98
CA PRO A 328 -27.06 -28.33 24.76
C PRO A 328 -26.45 -29.61 25.33
N ASP A 329 -25.43 -30.14 24.64
CA ASP A 329 -24.79 -31.37 25.09
C ASP A 329 -23.39 -31.13 25.67
N GLY A 330 -23.07 -29.88 25.93
CA GLY A 330 -21.74 -29.52 26.42
C GLY A 330 -21.65 -29.50 27.93
N VAL A 331 -20.42 -29.45 28.44
CA VAL A 331 -20.19 -29.34 29.88
C VAL A 331 -20.72 -27.99 30.37
N LYS A 332 -20.52 -26.97 29.56
CA LYS A 332 -21.16 -25.66 29.78
C LYS A 332 -22.16 -25.41 28.65
N LYS A 333 -23.40 -25.10 29.02
CA LYS A 333 -24.46 -24.95 28.03
C LYS A 333 -24.36 -23.62 27.28
N VAL A 334 -23.90 -22.59 27.97
CA VAL A 334 -23.74 -21.27 27.36
C VAL A 334 -22.31 -20.78 27.58
N VAL A 335 -21.58 -20.59 26.49
CA VAL A 335 -20.16 -20.27 26.55
C VAL A 335 -19.82 -19.02 25.75
N SER A 336 -19.02 -18.13 26.34
CA SER A 336 -18.54 -16.95 25.63
C SER A 336 -17.21 -17.23 24.93
N GLY A 337 -17.16 -16.96 23.64
CA GLY A 337 -15.96 -17.16 22.86
C GLY A 337 -15.71 -16.02 21.88
N GLY A 338 -14.91 -16.27 20.85
CA GLY A 338 -14.59 -15.24 19.89
C GLY A 338 -14.77 -15.63 18.44
N ASN A 339 -15.73 -16.51 18.17
CA ASN A 339 -15.95 -17.05 16.82
C ASN A 339 -16.54 -16.04 15.84
N PHE A 340 -16.92 -14.88 16.35
CA PHE A 340 -17.49 -13.82 15.52
C PHE A 340 -16.39 -13.03 14.82
N HIS A 341 -15.14 -13.24 15.24
CA HIS A 341 -14.02 -12.47 14.70
C HIS A 341 -13.70 -12.93 13.27
N GLY A 342 -13.72 -11.99 12.34
CA GLY A 342 -13.62 -12.33 10.93
C GLY A 342 -12.22 -12.32 10.35
N GLU A 343 -11.19 -12.52 11.18
CA GLU A 343 -9.82 -12.48 10.68
C GLU A 343 -9.56 -13.58 9.65
N TYR A 344 -10.13 -14.76 9.87
CA TYR A 344 -9.94 -15.88 8.95
C TYR A 344 -10.42 -15.57 7.52
N PRO A 345 -11.70 -15.18 7.35
CA PRO A 345 -12.06 -14.87 5.96
C PRO A 345 -11.44 -13.57 5.45
N ALA A 346 -11.18 -12.62 6.35
CA ALA A 346 -10.55 -11.35 5.98
C ALA A 346 -9.17 -11.56 5.38
N LYS A 347 -8.33 -12.32 6.08
CA LYS A 347 -6.99 -12.64 5.61
C LYS A 347 -7.04 -13.38 4.28
N ALA A 348 -7.94 -14.35 4.18
CA ALA A 348 -8.04 -15.18 2.99
C ALA A 348 -8.42 -14.35 1.76
N LEU A 349 -9.27 -13.35 1.97
CA LEU A 349 -9.74 -12.52 0.86
C LEU A 349 -8.70 -11.50 0.42
N ASP A 350 -7.87 -11.06 1.37
CA ASP A 350 -6.74 -10.20 1.02
C ASP A 350 -5.75 -10.95 0.14
N MET A 351 -5.59 -12.24 0.41
CA MET A 351 -4.66 -13.06 -0.35
C MET A 351 -5.28 -13.53 -1.67
N LEU A 352 -6.59 -13.65 -1.72
CA LEU A 352 -7.29 -13.97 -2.96
C LEU A 352 -7.05 -12.87 -3.98
N ALA A 353 -7.18 -11.62 -3.53
CA ALA A 353 -6.98 -10.47 -4.40
C ALA A 353 -5.59 -10.48 -5.03
N ILE A 354 -4.57 -10.75 -4.21
CA ILE A 354 -3.20 -10.81 -4.68
C ILE A 354 -2.99 -11.93 -5.70
N GLY A 355 -3.58 -13.10 -5.43
CA GLY A 355 -3.48 -14.23 -6.33
C GLY A 355 -4.18 -14.03 -7.66
N VAL A 356 -5.41 -13.50 -7.60
CA VAL A 356 -6.18 -13.24 -8.80
C VAL A 356 -5.55 -12.13 -9.65
N HIS A 357 -5.03 -11.12 -8.98
CA HIS A 357 -4.37 -10.00 -9.64
C HIS A 357 -3.29 -10.44 -10.63
N GLU A 358 -2.53 -11.47 -10.26
CA GLU A 358 -1.40 -11.91 -11.06
C GLU A 358 -1.85 -12.51 -12.39
N LEU A 359 -3.04 -13.09 -12.41
CA LEU A 359 -3.61 -13.61 -13.64
C LEU A 359 -3.77 -12.50 -14.66
N GLY A 360 -4.27 -11.35 -14.21
CA GLY A 360 -4.44 -10.20 -15.08
C GLY A 360 -3.11 -9.57 -15.44
N ASN A 361 -2.18 -9.59 -14.49
CA ASN A 361 -0.86 -9.02 -14.68
C ASN A 361 -0.09 -9.66 -15.84
N ILE A 362 -0.04 -10.99 -15.84
CA ILE A 362 0.68 -11.71 -16.90
C ILE A 362 -0.12 -11.72 -18.20
N SER A 363 -1.45 -11.63 -18.10
CA SER A 363 -2.31 -11.61 -19.27
C SER A 363 -2.11 -10.33 -20.06
N GLU A 364 -2.00 -9.22 -19.35
CA GLU A 364 -1.79 -7.92 -19.96
C GLU A 364 -0.50 -7.90 -20.79
N ARG A 365 0.52 -8.61 -20.33
CA ARG A 365 1.78 -8.71 -21.06
C ARG A 365 1.62 -9.50 -22.36
N ARG A 366 0.76 -10.50 -22.34
CA ARG A 366 0.49 -11.27 -23.55
C ARG A 366 -0.34 -10.45 -24.53
N ILE A 367 -1.20 -9.58 -23.99
CA ILE A 367 -1.95 -8.64 -24.81
C ILE A 367 -0.99 -7.69 -25.52
N GLU A 368 0.03 -7.27 -24.78
CA GLU A 368 1.09 -6.42 -25.33
C GLU A 368 1.81 -7.10 -26.50
N ARG A 369 2.08 -8.40 -26.36
CA ARG A 369 2.75 -9.14 -27.43
C ARG A 369 1.88 -9.25 -28.68
N LEU A 370 0.58 -9.42 -28.48
CA LEU A 370 -0.36 -9.53 -29.60
C LEU A 370 -0.40 -8.26 -30.44
N ASN A 371 -0.33 -7.11 -29.77
CA ASN A 371 -0.40 -5.82 -30.46
C ASN A 371 0.92 -5.36 -31.04
N ASN A 372 2.01 -5.95 -30.55
CA ASN A 372 3.34 -5.56 -30.97
C ASN A 372 3.81 -6.32 -32.21
N PRO A 373 3.99 -5.59 -33.32
CA PRO A 373 4.34 -6.18 -34.63
C PRO A 373 5.68 -6.92 -34.66
N THR A 374 6.65 -6.44 -33.88
CA THR A 374 7.96 -7.09 -33.84
C THR A 374 7.94 -8.30 -32.91
N LEU A 375 6.95 -8.34 -32.02
CA LEU A 375 6.82 -9.44 -31.06
C LEU A 375 5.82 -10.50 -31.53
N SER A 376 4.90 -10.11 -32.42
CA SER A 376 3.82 -11.00 -32.82
C SER A 376 3.99 -11.58 -34.22
N ARG A 377 4.75 -10.89 -35.07
CA ARG A 377 4.85 -11.21 -36.50
C ARG A 377 3.46 -11.12 -37.17
N LEU A 378 2.61 -10.29 -36.58
CA LEU A 378 1.27 -10.00 -37.11
C LEU A 378 1.20 -8.51 -37.43
N PRO A 379 0.18 -8.09 -38.21
CA PRO A 379 -0.04 -6.65 -38.41
C PRO A 379 -0.14 -5.90 -37.08
N ALA A 380 0.44 -4.70 -37.02
CA ALA A 380 0.47 -3.92 -35.78
C ALA A 380 -0.94 -3.65 -35.25
N PHE A 381 -1.15 -3.98 -33.98
CA PHE A 381 -2.43 -3.83 -33.30
C PHE A 381 -3.54 -4.66 -33.96
N LEU A 382 -3.12 -5.77 -34.57
CA LEU A 382 -4.04 -6.78 -35.10
C LEU A 382 -5.04 -6.24 -36.11
N VAL A 383 -4.61 -5.31 -36.96
CA VAL A 383 -5.49 -4.76 -37.98
C VAL A 383 -4.76 -4.56 -39.31
N LYS A 384 -5.35 -5.09 -40.38
CA LYS A 384 -4.85 -4.86 -41.72
C LYS A 384 -5.25 -3.46 -42.17
N ASN A 385 -4.49 -2.88 -43.10
CA ASN A 385 -4.67 -1.49 -43.51
C ASN A 385 -4.68 -0.57 -42.30
N GLY A 386 -3.65 -0.70 -41.47
CA GLY A 386 -3.54 0.08 -40.25
C GLY A 386 -2.95 1.47 -40.48
N GLY A 387 -3.13 1.99 -41.69
CA GLY A 387 -2.73 3.34 -42.00
C GLY A 387 -3.87 4.31 -41.67
N LEU A 388 -5.05 3.75 -41.48
CA LEU A 388 -6.22 4.53 -41.08
C LEU A 388 -6.90 3.90 -39.87
N ASN A 389 -6.38 2.74 -39.44
CA ASN A 389 -6.98 2.00 -38.35
C ASN A 389 -6.00 1.72 -37.20
N SER A 390 -6.52 1.77 -35.98
CA SER A 390 -5.73 1.61 -34.76
C SER A 390 -5.90 0.23 -34.12
N GLY A 391 -6.94 -0.49 -34.52
CA GLY A 391 -7.17 -1.84 -34.03
C GLY A 391 -7.42 -1.93 -32.53
N PHE A 392 -6.75 -2.88 -31.89
CA PHE A 392 -6.97 -3.14 -30.47
CA PHE A 392 -6.95 -3.17 -30.47
C PHE A 392 -5.94 -2.43 -29.60
N MET A 393 -5.35 -1.37 -30.16
CA MET A 393 -4.34 -0.57 -29.47
C MET A 393 -4.82 -0.06 -28.12
N ILE A 394 -5.98 0.58 -28.10
CA ILE A 394 -6.49 1.22 -26.90
C ILE A 394 -7.13 0.20 -25.96
N ALA A 395 -7.46 -0.99 -26.48
CA ALA A 395 -8.00 -2.05 -25.65
C ALA A 395 -6.92 -2.57 -24.70
N HIS A 396 -5.70 -2.67 -25.20
CA HIS A 396 -4.55 -3.02 -24.37
C HIS A 396 -4.39 -1.96 -23.29
N THR A 398 -6.75 -0.20 -21.90
CA THR A 398 -7.78 -0.45 -20.90
C THR A 398 -7.35 -1.57 -19.97
N ALA A 399 -6.72 -2.61 -20.52
CA ALA A 399 -6.24 -3.74 -19.73
C ALA A 399 -5.16 -3.30 -18.74
N ALA A 400 -4.23 -2.49 -19.23
CA ALA A 400 -3.14 -1.98 -18.39
C ALA A 400 -3.66 -1.13 -17.23
N ALA A 401 -4.69 -0.34 -17.49
CA ALA A 401 -5.29 0.50 -16.46
C ALA A 401 -5.94 -0.36 -15.37
N LEU A 402 -6.55 -1.46 -15.78
CA LEU A 402 -7.19 -2.38 -14.84
C LEU A 402 -6.16 -3.09 -13.94
N VAL A 403 -5.06 -3.53 -14.54
CA VAL A 403 -3.97 -4.13 -13.79
C VAL A 403 -3.42 -3.14 -12.78
N SER A 404 -3.24 -1.90 -13.22
CA SER A 404 -2.64 -0.86 -12.40
C SER A 404 -3.47 -0.56 -11.16
N GLU A 405 -4.79 -0.48 -11.32
CA GLU A 405 -5.65 -0.19 -10.18
C GLU A 405 -5.76 -1.41 -9.27
N ASN A 406 -5.58 -2.60 -9.84
CA ASN A 406 -5.58 -3.82 -9.03
C ASN A 406 -4.40 -3.85 -8.06
N LYS A 407 -3.32 -3.16 -8.39
CA LYS A 407 -2.15 -3.11 -7.52
C LYS A 407 -2.45 -2.37 -6.23
N VAL A 408 -3.31 -1.36 -6.29
CA VAL A 408 -3.75 -0.66 -5.10
C VAL A 408 -4.64 -1.56 -4.25
N TYR A 409 -5.55 -2.27 -4.92
CA TYR A 409 -6.47 -3.19 -4.25
C TYR A 409 -5.74 -4.40 -3.66
N CYS A 410 -4.47 -4.58 -4.05
CA CYS A 410 -3.67 -5.69 -3.53
C CYS A 410 -3.17 -5.43 -2.11
N HIS A 411 -3.29 -4.18 -1.66
CA HIS A 411 -2.91 -3.86 -0.29
C HIS A 411 -3.88 -4.54 0.67
N PRO A 412 -3.34 -5.29 1.64
CA PRO A 412 -4.18 -6.05 2.58
C PRO A 412 -4.96 -5.15 3.55
N ALA A 413 -6.28 -5.16 3.42
CA ALA A 413 -7.13 -4.38 4.29
C ALA A 413 -7.15 -4.93 5.72
N SER A 414 -6.99 -6.25 5.85
CA SER A 414 -7.04 -6.90 7.16
C SER A 414 -5.78 -6.66 7.98
N ALA A 415 -4.79 -6.00 7.37
CA ALA A 415 -3.54 -5.69 8.06
C ALA A 415 -3.75 -4.56 9.06
N ASP A 416 -4.87 -3.87 8.93
CA ASP A 416 -5.20 -2.75 9.80
C ASP A 416 -6.21 -3.14 10.85
N SER A 417 -6.09 -2.55 12.02
CA SER A 417 -7.11 -2.69 13.05
C SER A 417 -7.25 -1.38 13.81
N ILE A 418 -8.48 -0.91 13.95
CA ILE A 418 -8.76 0.27 14.73
C ILE A 418 -9.69 -0.11 15.88
N SER A 419 -9.16 0.01 17.10
CA SER A 419 -9.85 -0.48 18.29
C SER A 419 -10.73 0.57 18.95
N THR A 420 -11.80 0.10 19.59
CA THR A 420 -12.54 0.96 20.52
C THR A 420 -11.98 0.71 21.92
N SER A 421 -11.33 1.73 22.45
CA SER A 421 -10.50 1.61 23.66
C SER A 421 -11.25 1.06 24.87
N ALA A 422 -12.28 1.75 25.32
CA ALA A 422 -13.09 1.19 26.40
C ALA A 422 -14.36 0.59 25.85
N ALA A 423 -14.19 -0.64 25.41
CA ALA A 423 -15.21 -1.62 25.20
C ALA A 423 -14.63 -2.97 25.58
N GLN A 424 -14.83 -3.97 24.74
CA GLN A 424 -14.01 -5.16 24.85
C GLN A 424 -13.45 -5.45 23.47
N GLU A 425 -13.89 -4.65 22.50
CA GLU A 425 -13.53 -4.82 21.10
C GLU A 425 -12.24 -4.10 20.74
N ASP A 426 -11.11 -4.60 21.23
CA ASP A 426 -9.82 -3.93 21.04
C ASP A 426 -9.05 -4.46 19.83
N HIS A 427 -9.60 -5.46 19.15
CA HIS A 427 -9.01 -5.93 17.91
C HIS A 427 -10.09 -6.42 16.96
N VAL A 428 -10.08 -5.88 15.74
CA VAL A 428 -11.08 -6.25 14.74
C VAL A 428 -10.37 -6.60 13.44
N SER A 429 -11.09 -7.24 12.52
CA SER A 429 -10.48 -7.78 11.30
C SER A 429 -10.43 -6.77 10.15
N MET A 430 -11.40 -5.86 10.12
CA MET A 430 -11.54 -4.91 9.01
C MET A 430 -11.67 -5.63 7.67
N GLY A 431 -12.37 -6.76 7.68
CA GLY A 431 -12.45 -7.60 6.50
C GLY A 431 -13.60 -7.27 5.56
N GLY A 432 -14.37 -6.25 5.91
CA GLY A 432 -15.47 -5.82 5.07
C GLY A 432 -14.96 -5.32 3.73
N PHE A 433 -13.91 -4.52 3.77
CA PHE A 433 -13.31 -3.98 2.56
C PHE A 433 -12.48 -5.04 1.84
N SER A 434 -11.95 -6.01 2.59
CA SER A 434 -11.22 -7.12 2.00
C SER A 434 -12.11 -7.90 1.04
N ALA A 435 -13.36 -8.12 1.46
CA ALA A 435 -14.30 -8.87 0.66
C ALA A 435 -14.72 -8.09 -0.58
N ARG A 436 -14.96 -6.79 -0.42
CA ARG A 436 -15.44 -5.95 -1.50
C ARG A 436 -14.37 -5.73 -2.57
N LYS A 437 -13.13 -5.48 -2.16
CA LYS A 437 -12.08 -5.23 -3.12
C LYS A 437 -11.62 -6.52 -3.79
N ALA A 438 -11.87 -7.66 -3.13
CA ALA A 438 -11.60 -8.95 -3.76
C ALA A 438 -12.53 -9.14 -4.96
N ILE A 439 -13.79 -8.79 -4.80
CA ILE A 439 -14.76 -8.87 -5.88
C ILE A 439 -14.37 -7.92 -7.02
N LYS A 440 -13.88 -6.74 -6.64
CA LYS A 440 -13.47 -5.74 -7.64
C LYS A 440 -12.29 -6.21 -8.48
N VAL A 441 -11.29 -6.81 -7.83
CA VAL A 441 -10.12 -7.32 -8.53
C VAL A 441 -10.52 -8.40 -9.53
N VAL A 442 -11.36 -9.34 -9.10
CA VAL A 442 -11.82 -10.41 -9.99
C VAL A 442 -12.64 -9.85 -11.15
N GLU A 443 -13.48 -8.88 -10.84
CA GLU A 443 -14.26 -8.20 -11.87
C GLU A 443 -13.36 -7.55 -12.92
N ASN A 444 -12.28 -6.90 -12.45
CA ASN A 444 -11.31 -6.29 -13.34
C ASN A 444 -10.55 -7.31 -14.17
N VAL A 445 -10.13 -8.41 -13.54
CA VAL A 445 -9.34 -9.44 -14.22
C VAL A 445 -10.19 -10.16 -15.27
N GLU A 446 -11.49 -10.30 -15.02
CA GLU A 446 -12.41 -10.88 -15.99
C GLU A 446 -12.39 -10.10 -17.30
N ARG A 447 -12.32 -8.77 -17.19
CA ARG A 447 -12.30 -7.91 -18.36
C ARG A 447 -10.97 -8.03 -19.09
N ILE A 448 -9.89 -8.14 -18.32
CA ILE A 448 -8.55 -8.29 -18.88
C ILE A 448 -8.48 -9.57 -19.72
N ILE A 449 -8.91 -10.68 -19.14
CA ILE A 449 -8.93 -11.96 -19.84
C ILE A 449 -9.79 -11.86 -21.10
N ALA A 450 -10.90 -11.15 -21.01
CA ALA A 450 -11.78 -10.93 -22.16
C ALA A 450 -11.05 -10.19 -23.28
N ILE A 451 -10.28 -9.17 -22.91
CA ILE A 451 -9.53 -8.41 -23.89
C ILE A 451 -8.47 -9.28 -24.56
N GLU A 452 -7.77 -10.11 -23.78
CA GLU A 452 -6.77 -11.01 -24.35
C GLU A 452 -7.41 -12.00 -25.32
N LEU A 453 -8.49 -12.64 -24.89
CA LEU A 453 -9.21 -13.60 -25.73
C LEU A 453 -9.71 -12.96 -27.02
N LEU A 454 -10.22 -11.73 -26.91
CA LEU A 454 -10.73 -10.99 -28.05
C LEU A 454 -9.60 -10.69 -29.04
N GLY A 455 -8.45 -10.26 -28.52
CA GLY A 455 -7.31 -9.96 -29.35
C GLY A 455 -6.71 -11.20 -29.99
N ALA A 456 -6.63 -12.27 -29.22
CA ALA A 456 -6.04 -13.52 -29.71
C ALA A 456 -6.89 -14.14 -30.82
N CYS A 457 -8.21 -14.01 -30.72
CA CYS A 457 -9.11 -14.54 -31.75
C CYS A 457 -8.94 -13.81 -33.06
N GLN A 458 -8.65 -12.51 -32.98
CA GLN A 458 -8.37 -11.73 -34.17
C GLN A 458 -7.06 -12.20 -34.80
N GLY A 459 -6.12 -12.62 -33.95
CA GLY A 459 -4.88 -13.19 -34.41
C GLY A 459 -5.12 -14.44 -35.23
N ILE A 460 -6.03 -15.28 -34.76
CA ILE A 460 -6.44 -16.49 -35.47
C ILE A 460 -6.98 -16.14 -36.86
N ASP A 461 -7.82 -15.12 -36.93
CA ASP A 461 -8.34 -14.65 -38.21
C ASP A 461 -7.21 -14.25 -39.15
N LEU A 462 -6.23 -13.51 -38.63
CA LEU A 462 -5.11 -13.03 -39.43
C LEU A 462 -4.21 -14.17 -39.93
N LEU A 463 -4.34 -15.35 -39.33
CA LEU A 463 -3.50 -16.47 -39.69
C LEU A 463 -4.18 -17.45 -40.63
N ARG A 464 -5.47 -17.24 -40.91
CA ARG A 464 -6.19 -18.09 -41.85
C ARG A 464 -5.44 -18.16 -43.19
N PRO A 465 -5.52 -19.31 -43.89
CA PRO A 465 -6.37 -20.48 -43.64
C PRO A 465 -5.83 -21.46 -42.59
N LEU A 466 -4.82 -21.06 -41.83
CA LEU A 466 -4.32 -21.89 -40.74
C LEU A 466 -5.42 -22.19 -39.73
N ARG A 467 -5.38 -23.38 -39.15
CA ARG A 467 -6.34 -23.79 -38.14
C ARG A 467 -5.62 -24.09 -36.83
N THR A 468 -6.34 -24.00 -35.72
CA THR A 468 -5.79 -24.41 -34.43
C THR A 468 -6.45 -25.72 -33.99
N THR A 469 -6.29 -26.07 -32.73
CA THR A 469 -6.84 -27.33 -32.23
C THR A 469 -8.36 -27.32 -32.22
N GLU A 470 -8.94 -28.51 -32.11
CA GLU A 470 -10.39 -28.66 -32.10
C GLU A 470 -11.08 -27.89 -30.95
N PRO A 471 -10.57 -27.99 -29.71
CA PRO A 471 -11.26 -27.21 -28.68
C PRO A 471 -11.09 -25.70 -28.86
N MET A 472 -9.93 -25.27 -29.34
CA MET A 472 -9.67 -23.83 -29.50
C MET A 472 -10.41 -23.26 -30.71
N GLU A 473 -10.63 -24.09 -31.73
CA GLU A 473 -11.44 -23.68 -32.86
C GLU A 473 -12.90 -23.47 -32.44
N LYS A 474 -13.35 -24.28 -31.48
CA LYS A 474 -14.70 -24.15 -30.95
C LYS A 474 -14.86 -22.87 -30.14
N VAL A 475 -13.84 -22.53 -29.35
CA VAL A 475 -13.84 -21.30 -28.58
C VAL A 475 -13.85 -20.09 -29.51
N TRP A 476 -13.02 -20.17 -30.55
CA TRP A 476 -12.94 -19.11 -31.55
C TRP A 476 -14.30 -18.86 -32.20
N SER A 477 -14.95 -19.95 -32.62
CA SER A 477 -16.28 -19.85 -33.21
C SER A 477 -17.29 -19.26 -32.24
N LEU A 478 -17.13 -19.62 -30.96
CA LEU A 478 -18.01 -19.12 -29.92
C LEU A 478 -17.85 -17.60 -29.77
N VAL A 479 -16.60 -17.13 -29.78
CA VAL A 479 -16.30 -15.71 -29.69
C VAL A 479 -16.82 -14.99 -30.93
N ARG A 480 -16.65 -15.60 -32.09
CA ARG A 480 -17.09 -15.00 -33.34
C ARG A 480 -18.61 -14.91 -33.45
N SER A 481 -19.32 -15.60 -32.56
CA SER A 481 -20.77 -15.55 -32.57
C SER A 481 -21.30 -14.34 -31.79
N VAL A 482 -20.43 -13.66 -31.07
CA VAL A 482 -20.82 -12.45 -30.36
C VAL A 482 -19.98 -11.26 -30.78
N SER A 483 -18.88 -11.53 -31.48
CA SER A 483 -17.98 -10.48 -31.94
C SER A 483 -17.35 -10.83 -33.28
N PRO A 484 -17.75 -10.13 -34.36
CA PRO A 484 -17.22 -10.37 -35.70
C PRO A 484 -15.75 -10.01 -35.81
N PRO A 485 -15.05 -10.53 -36.83
CA PRO A 485 -13.63 -10.16 -36.99
C PRO A 485 -13.47 -8.66 -37.24
N TRP A 486 -12.28 -8.15 -36.96
CA TRP A 486 -12.02 -6.73 -37.04
C TRP A 486 -11.53 -6.35 -38.44
N GLU A 487 -12.47 -5.97 -39.29
CA GLU A 487 -12.17 -5.54 -40.65
C GLU A 487 -11.70 -4.08 -40.63
N GLU A 488 -12.66 -3.17 -40.44
CA GLU A 488 -12.34 -1.76 -40.24
C GLU A 488 -12.49 -1.42 -38.75
N ASP A 489 -12.15 -0.19 -38.39
CA ASP A 489 -12.29 0.22 -37.00
C ASP A 489 -13.76 0.41 -36.61
N ARG A 490 -14.08 0.04 -35.38
CA ARG A 490 -15.42 0.22 -34.84
C ARG A 490 -15.35 0.45 -33.34
N VAL A 491 -16.49 0.73 -32.70
CA VAL A 491 -16.53 0.96 -31.27
C VAL A 491 -16.20 -0.33 -30.51
N ILE A 492 -15.04 -0.35 -29.87
CA ILE A 492 -14.46 -1.59 -29.38
C ILE A 492 -14.90 -1.95 -27.96
N ASN A 493 -15.42 -0.98 -27.20
CA ASN A 493 -15.87 -1.28 -25.85
C ASN A 493 -17.08 -2.21 -25.89
N THR A 494 -17.83 -2.17 -26.98
CA THR A 494 -18.94 -3.09 -27.19
C THR A 494 -18.44 -4.53 -27.31
N ASP A 495 -17.40 -4.74 -28.11
CA ASP A 495 -16.81 -6.06 -28.27
C ASP A 495 -16.24 -6.59 -26.94
N ILE A 496 -15.53 -5.72 -26.22
CA ILE A 496 -14.95 -6.08 -24.93
C ILE A 496 -16.04 -6.54 -23.95
N ASP A 497 -17.13 -5.78 -23.88
CA ASP A 497 -18.21 -6.09 -22.98
C ASP A 497 -18.91 -7.39 -23.37
N ASN A 498 -19.10 -7.59 -24.68
CA ASN A 498 -19.72 -8.81 -25.19
C ASN A 498 -18.92 -10.07 -24.88
N VAL A 499 -17.60 -10.00 -25.06
CA VAL A 499 -16.74 -11.14 -24.77
C VAL A 499 -16.67 -11.37 -23.27
N THR A 500 -16.76 -10.29 -22.49
CA THR A 500 -16.81 -10.42 -21.04
C THR A 500 -18.09 -11.14 -20.61
N LYS A 501 -19.22 -10.73 -21.19
CA LYS A 501 -20.49 -11.41 -20.94
C LYS A 501 -20.40 -12.89 -21.30
N LEU A 502 -19.74 -13.18 -22.42
CA LEU A 502 -19.54 -14.54 -22.90
C LEU A 502 -18.77 -15.38 -21.88
N LEU A 503 -17.66 -14.84 -21.38
CA LEU A 503 -16.86 -15.53 -20.37
C LEU A 503 -17.66 -15.82 -19.10
N ARG A 504 -18.41 -14.82 -18.65
CA ARG A 504 -19.16 -14.94 -17.41
C ARG A 504 -20.34 -15.90 -17.54
N SER A 505 -20.77 -16.13 -18.78
CA SER A 505 -21.92 -17.00 -19.06
C SER A 505 -21.60 -18.47 -18.78
N GLY A 506 -20.33 -18.84 -18.85
CA GLY A 506 -19.92 -20.21 -18.63
C GLY A 506 -19.81 -21.01 -19.91
N ALA A 507 -20.23 -20.40 -21.02
CA ALA A 507 -20.25 -21.08 -22.31
C ALA A 507 -18.86 -21.42 -22.81
N VAL A 508 -17.87 -20.57 -22.50
CA VAL A 508 -16.51 -20.80 -22.95
C VAL A 508 -15.91 -22.03 -22.27
N TRP A 509 -16.02 -22.10 -20.95
CA TRP A 509 -15.50 -23.26 -20.24
C TRP A 509 -16.25 -24.54 -20.61
N LYS A 510 -17.57 -24.42 -20.72
CA LYS A 510 -18.41 -25.56 -21.10
C LYS A 510 -17.96 -26.14 -22.44
N THR A 511 -17.44 -25.28 -23.31
CA THR A 511 -16.97 -25.69 -24.63
C THR A 511 -15.72 -26.56 -24.58
N VAL A 512 -14.74 -26.18 -23.77
CA VAL A 512 -13.47 -26.92 -23.71
C VAL A 512 -13.47 -28.00 -22.64
N LYS A 513 -14.43 -27.93 -21.72
CA LYS A 513 -14.52 -28.85 -20.58
C LYS A 513 -14.28 -30.34 -20.90
N PRO A 514 -14.95 -30.87 -21.95
CA PRO A 514 -14.73 -32.32 -22.18
C PRO A 514 -13.34 -32.69 -22.71
N TYR A 515 -12.53 -31.71 -23.10
CA TYR A 515 -11.18 -31.99 -23.59
C TYR A 515 -10.16 -32.02 -22.45
N VAL A 516 -10.57 -31.55 -21.28
CA VAL A 516 -9.66 -31.41 -20.15
C VAL A 516 -9.83 -32.56 -19.16
N PRO A 517 -8.70 -33.18 -18.73
CA PRO A 517 -8.71 -34.20 -17.68
C PRO A 517 -9.42 -33.70 -16.42
N GLU A 518 -10.19 -34.58 -15.77
CA GLU A 518 -11.04 -34.20 -14.64
C GLU A 518 -10.28 -33.41 -13.57
N GLU A 519 -9.06 -33.84 -13.28
CA GLU A 519 -8.28 -33.23 -12.19
C GLU A 519 -7.88 -31.81 -12.52
N ALA A 520 -7.81 -31.48 -13.81
CA ALA A 520 -7.39 -30.15 -14.23
C ALA A 520 -8.57 -29.20 -14.47
N ARG A 521 -9.74 -29.59 -13.98
CA ARG A 521 -10.95 -28.79 -14.19
C ARG A 521 -11.31 -27.92 -12.99
N PHE A 522 -10.48 -27.97 -11.95
CA PHE A 522 -10.70 -27.17 -10.74
C PHE A 522 -12.04 -27.51 -10.09
N LEU A 523 -12.24 -28.78 -9.78
CA LEU A 523 -13.52 -29.26 -9.27
C LEU A 523 -13.44 -29.86 -7.87
N GLY A 524 -12.22 -30.17 -7.42
CA GLY A 524 -12.02 -30.80 -6.13
C GLY A 524 -12.60 -30.01 -4.97
N VAL A 525 -12.59 -28.69 -5.09
CA VAL A 525 -13.05 -27.80 -4.02
C VAL A 525 -14.59 -27.77 -3.90
N LEU A 526 -15.27 -28.37 -4.86
CA LEU A 526 -16.74 -28.33 -4.90
C LEU A 526 -17.40 -29.28 -3.89
N THR A 527 -16.63 -30.20 -3.32
CA THR A 527 -17.17 -31.10 -2.30
C THR A 527 -16.58 -30.79 -0.92
N VAL A 528 -17.46 -30.70 0.08
CA VAL A 528 -17.05 -30.34 1.44
C VAL A 528 -16.26 -31.46 2.11
N LYS A 529 -15.03 -31.16 2.50
CA LYS A 529 -14.19 -32.11 3.21
C LYS A 529 -14.57 -32.16 4.69
N LYS A 530 -14.29 -33.29 5.33
CA LYS A 530 -14.51 -33.41 6.77
C LYS A 530 -13.61 -32.42 7.50
N PRO A 531 -14.14 -31.81 8.57
CA PRO A 531 -13.36 -30.80 9.31
C PRO A 531 -12.18 -31.42 10.05
N PHE A 532 -11.12 -30.63 10.24
CA PHE A 532 -9.93 -31.09 10.95
C PHE A 532 -10.29 -31.56 12.36
N GLU A 533 -9.61 -32.61 12.80
CA GLU A 533 -9.87 -33.16 14.12
C GLU A 533 -8.56 -33.34 14.89
N LEU A 534 -8.53 -32.79 16.10
CA LEU A 534 -7.38 -32.91 16.99
C LEU A 534 -7.05 -34.38 17.28
N LYS A 535 -5.75 -34.70 17.28
CA LYS A 535 -5.31 -36.04 17.65
C LYS A 535 -5.41 -36.23 19.16
N SER A 536 -5.10 -35.16 19.89
CA SER A 536 -5.03 -35.20 21.35
C SER A 536 -6.30 -34.63 21.98
N LYS A 537 -6.63 -35.14 23.17
CA LYS A 537 -7.83 -34.71 23.89
C LYS A 537 -7.59 -33.41 24.67
N MET A 538 -6.33 -33.03 24.83
CA MET A 538 -5.95 -31.85 25.59
C MET A 538 -6.48 -30.56 24.98
N MET B 7 27.26 -31.75 12.63
CA MET B 7 26.35 -31.03 11.75
C MET B 7 26.79 -31.16 10.28
N ARG B 8 26.85 -32.39 9.79
CA ARG B 8 27.13 -32.62 8.37
C ARG B 8 25.86 -33.05 7.64
N VAL B 9 25.36 -32.16 6.77
CA VAL B 9 24.15 -32.44 6.01
C VAL B 9 24.48 -32.99 4.62
N ILE B 10 23.81 -34.08 4.26
CA ILE B 10 23.97 -34.65 2.92
C ILE B 10 22.84 -34.19 1.99
N LEU B 11 23.21 -33.41 1.00
CA LEU B 11 22.23 -32.86 0.05
C LEU B 11 21.98 -33.84 -1.09
N ASP B 12 20.75 -33.86 -1.59
CA ASP B 12 20.42 -34.72 -2.72
C ASP B 12 19.35 -34.07 -3.61
N GLY B 13 19.05 -32.81 -3.33
CA GLY B 13 18.09 -32.05 -4.12
C GLY B 13 16.64 -32.44 -3.91
N CYS B 14 16.37 -33.25 -2.89
CA CYS B 14 15.02 -33.74 -2.64
C CYS B 14 14.59 -33.65 -1.18
N SER B 15 15.55 -33.44 -0.28
CA SER B 15 15.28 -33.62 1.16
C SER B 15 15.49 -32.38 2.02
N LEU B 16 15.80 -31.26 1.40
CA LEU B 16 16.13 -30.06 2.17
C LEU B 16 14.88 -29.36 2.72
N THR B 17 14.91 -29.05 4.01
CA THR B 17 13.84 -28.26 4.63
C THR B 17 14.38 -26.87 4.99
N PRO B 18 13.48 -25.88 5.08
CA PRO B 18 13.89 -24.53 5.50
C PRO B 18 14.65 -24.53 6.83
N ASP B 19 14.26 -25.40 7.76
CA ASP B 19 14.91 -25.45 9.06
C ASP B 19 16.34 -25.98 8.98
N VAL B 20 16.58 -26.97 8.12
CA VAL B 20 17.93 -27.50 7.95
C VAL B 20 18.81 -26.47 7.22
N LEU B 21 18.24 -25.77 6.25
CA LEU B 21 18.98 -24.74 5.52
C LEU B 21 19.35 -23.59 6.46
N TYR B 22 18.42 -23.21 7.32
CA TYR B 22 18.68 -22.17 8.31
C TYR B 22 19.84 -22.59 9.22
N ALA B 23 19.82 -23.84 9.65
CA ALA B 23 20.88 -24.38 10.49
C ALA B 23 22.22 -24.36 9.76
N LEU B 24 22.19 -24.68 8.47
CA LEU B 24 23.39 -24.68 7.63
C LEU B 24 24.05 -23.30 7.59
N GLY B 25 23.24 -22.26 7.69
CA GLY B 25 23.75 -20.90 7.67
C GLY B 25 24.13 -20.36 9.04
N TYR B 26 23.45 -20.82 10.09
CA TYR B 26 23.59 -20.19 11.39
C TYR B 26 24.28 -21.04 12.48
N GLU B 27 24.33 -22.36 12.30
CA GLU B 27 24.96 -23.21 13.31
C GLU B 27 26.46 -23.40 13.04
N LYS B 28 27.28 -23.14 14.06
CA LYS B 28 28.73 -23.27 13.96
C LYS B 28 29.13 -24.71 13.64
N GLY B 29 30.03 -24.86 12.67
CA GLY B 29 30.52 -26.17 12.29
C GLY B 29 29.67 -26.88 11.26
N ALA B 30 28.69 -26.16 10.70
CA ALA B 30 27.84 -26.72 9.66
C ALA B 30 28.66 -27.10 8.44
N THR B 31 28.34 -28.25 7.86
CA THR B 31 29.05 -28.73 6.68
C THR B 31 28.09 -29.47 5.75
N ILE B 32 28.36 -29.40 4.45
CA ILE B 32 27.53 -30.07 3.47
C ILE B 32 28.32 -31.09 2.64
N GLU B 33 27.61 -32.13 2.23
CA GLU B 33 28.13 -33.11 1.28
C GLU B 33 26.98 -33.45 0.33
N ILE B 34 27.27 -34.07 -0.81
CA ILE B 34 26.20 -34.49 -1.70
C ILE B 34 26.15 -36.01 -1.81
N SER B 35 24.95 -36.54 -2.02
CA SER B 35 24.74 -37.99 -2.01
C SER B 35 25.31 -38.64 -3.27
N ASP B 36 25.49 -39.95 -3.19
CA ASP B 36 26.01 -40.73 -4.31
C ASP B 36 25.07 -40.70 -5.51
N GLU B 37 23.77 -40.71 -5.24
CA GLU B 37 22.77 -40.64 -6.30
C GLU B 37 22.83 -39.28 -6.98
N ALA B 38 23.10 -38.24 -6.21
CA ALA B 38 23.25 -36.89 -6.76
C ALA B 38 24.45 -36.82 -7.70
N VAL B 39 25.55 -37.43 -7.27
CA VAL B 39 26.76 -37.51 -8.08
C VAL B 39 26.47 -38.19 -9.41
N ALA B 40 25.72 -39.30 -9.34
CA ALA B 40 25.35 -40.05 -10.53
C ALA B 40 24.51 -39.23 -11.49
N ARG B 41 23.55 -38.48 -10.94
CA ARG B 41 22.67 -37.64 -11.75
C ARG B 41 23.44 -36.51 -12.42
N ILE B 42 24.38 -35.93 -11.69
CA ILE B 42 25.17 -34.81 -12.20
C ILE B 42 26.04 -35.23 -13.37
N THR B 43 26.72 -36.38 -13.24
CA THR B 43 27.60 -36.86 -14.30
C THR B 43 26.79 -37.34 -15.51
N ALA B 44 25.61 -37.88 -15.26
CA ALA B 44 24.74 -38.35 -16.34
C ALA B 44 24.25 -37.18 -17.18
N ALA B 45 23.88 -36.08 -16.51
CA ALA B 45 23.45 -34.88 -17.21
C ALA B 45 24.60 -34.24 -17.97
N ARG B 46 25.79 -34.28 -17.39
CA ARG B 46 26.96 -33.68 -18.01
C ARG B 46 27.38 -34.46 -19.25
N ALA B 47 27.09 -35.75 -19.27
CA ALA B 47 27.40 -36.59 -20.41
C ALA B 47 26.59 -36.15 -21.64
N VAL B 48 25.36 -35.71 -21.39
CA VAL B 48 24.51 -35.19 -22.45
C VAL B 48 25.13 -33.93 -23.05
N ILE B 49 25.59 -33.04 -22.18
CA ILE B 49 26.17 -31.77 -22.62
C ILE B 49 27.50 -31.99 -23.35
N ASP B 50 28.33 -32.88 -22.82
CA ASP B 50 29.60 -33.22 -23.45
C ASP B 50 29.41 -33.85 -24.82
N LYS B 51 28.37 -34.68 -24.95
CA LYS B 51 28.06 -35.33 -26.22
C LYS B 51 27.66 -34.29 -27.26
N ILE B 52 26.91 -33.29 -26.82
CA ILE B 52 26.45 -32.23 -27.70
C ILE B 52 27.62 -31.38 -28.24
N VAL B 53 28.52 -30.98 -27.35
CA VAL B 53 29.64 -30.14 -27.75
C VAL B 53 30.70 -30.94 -28.52
N ASN B 54 30.85 -32.22 -28.19
CA ASN B 54 31.76 -33.09 -28.93
C ASN B 54 31.26 -33.34 -30.34
N ASP B 55 29.95 -33.54 -30.47
CA ASP B 55 29.36 -33.85 -31.77
C ASP B 55 29.10 -32.58 -32.57
N ARG B 56 29.49 -31.44 -32.02
CA ARG B 56 29.31 -30.13 -32.66
C ARG B 56 27.86 -29.90 -33.08
N GLN B 57 26.93 -30.30 -32.22
CA GLN B 57 25.51 -30.15 -32.49
C GLN B 57 25.00 -28.83 -31.91
N THR B 58 24.16 -28.13 -32.66
CA THR B 58 23.65 -26.83 -32.24
C THR B 58 22.44 -26.95 -31.33
N VAL B 59 22.62 -26.54 -30.08
CA VAL B 59 21.52 -26.52 -29.11
C VAL B 59 21.53 -25.19 -28.34
N TYR B 60 20.39 -24.51 -28.36
CA TYR B 60 20.25 -23.22 -27.70
C TYR B 60 20.51 -23.32 -26.20
N GLY B 61 21.46 -22.53 -25.70
CA GLY B 61 21.76 -22.52 -24.29
C GLY B 61 22.99 -23.33 -23.92
N ILE B 62 23.49 -24.12 -24.85
CA ILE B 62 24.69 -24.91 -24.62
C ILE B 62 25.91 -24.28 -25.30
N ASN B 63 25.92 -24.33 -26.62
CA ASN B 63 27.00 -23.72 -27.41
C ASN B 63 26.48 -22.61 -28.34
N THR B 64 25.78 -21.65 -27.75
CA THR B 64 25.14 -20.58 -28.52
C THR B 64 25.40 -19.19 -27.96
N GLY B 65 24.58 -18.22 -28.37
CA GLY B 65 24.69 -16.85 -27.91
C GLY B 65 23.34 -16.22 -27.67
C ILE B 74 31.17 -21.89 -30.55
N PRO B 75 32.36 -21.41 -30.94
CA PRO B 75 33.61 -22.17 -30.90
C PRO B 75 34.04 -22.54 -29.48
N PRO B 76 34.69 -23.71 -29.33
CA PRO B 76 35.20 -24.21 -28.04
C PRO B 76 36.10 -23.20 -27.32
N HIS B 77 36.96 -22.50 -28.07
CA HIS B 77 37.86 -21.53 -27.48
C HIS B 77 37.10 -20.42 -26.77
N GLN B 78 36.15 -19.81 -27.49
CA GLN B 78 35.44 -18.63 -27.01
C GLN B 78 34.21 -18.98 -26.16
N LEU B 79 33.72 -20.20 -26.30
CA LEU B 79 32.62 -20.71 -25.48
C LEU B 79 32.98 -20.61 -24.01
N GLU B 80 34.27 -20.77 -23.70
CA GLU B 80 34.77 -20.57 -22.34
C GLU B 80 34.71 -19.10 -21.95
N GLU B 81 35.10 -18.23 -22.87
CA GLU B 81 35.07 -16.80 -22.65
C GLU B 81 33.65 -16.30 -22.42
N LEU B 82 32.70 -16.93 -23.10
CA LEU B 82 31.29 -16.58 -22.97
C LEU B 82 30.81 -16.78 -21.54
N GLN B 83 31.25 -17.87 -20.92
CA GLN B 83 30.87 -18.18 -19.54
C GLN B 83 31.34 -17.08 -18.59
N LEU B 84 32.60 -16.66 -18.76
CA LEU B 84 33.18 -15.63 -17.91
C LEU B 84 32.50 -14.28 -18.11
N ASN B 85 32.26 -13.90 -19.37
CA ASN B 85 31.54 -12.67 -19.68
C ASN B 85 30.17 -12.67 -19.05
N LEU B 86 29.53 -13.83 -19.06
CA LEU B 86 28.21 -14.00 -18.47
C LEU B 86 28.22 -13.67 -16.97
N ILE B 87 29.12 -14.32 -16.24
CA ILE B 87 29.24 -14.13 -14.79
C ILE B 87 29.57 -12.69 -14.43
N ARG B 88 30.50 -12.09 -15.16
CA ARG B 88 30.95 -10.73 -14.88
C ARG B 88 29.90 -9.67 -15.18
N SER B 89 29.32 -9.74 -16.36
CA SER B 89 28.35 -8.73 -16.80
C SER B 89 27.06 -8.82 -15.99
N HIS B 90 26.79 -10.00 -15.42
CA HIS B 90 25.55 -10.19 -14.67
C HIS B 90 25.74 -9.93 -13.18
N SER B 91 26.97 -9.65 -12.77
CA SER B 91 27.23 -9.22 -11.40
C SER B 91 26.90 -7.74 -11.29
N ALA B 92 25.61 -7.44 -11.24
CA ALA B 92 25.11 -6.07 -11.36
C ALA B 92 24.36 -5.60 -10.13
N CYS B 93 24.45 -6.36 -9.04
CA CYS B 93 23.70 -6.04 -7.85
C CYS B 93 24.35 -4.90 -7.06
N VAL B 94 23.54 -4.19 -6.27
CA VAL B 94 23.98 -3.03 -5.51
C VAL B 94 23.48 -3.08 -4.08
N GLY B 95 24.00 -2.17 -3.24
CA GLY B 95 23.55 -2.08 -1.86
C GLY B 95 24.42 -2.87 -0.90
N GLU B 96 23.95 -2.99 0.34
CA GLU B 96 24.67 -3.74 1.36
C GLU B 96 24.70 -5.22 1.04
N PRO B 97 25.84 -5.88 1.27
CA PRO B 97 25.95 -7.33 1.04
C PRO B 97 25.13 -8.11 2.06
N LEU B 98 24.71 -9.32 1.69
CA LEU B 98 24.04 -10.20 2.63
C LEU B 98 24.93 -10.49 3.82
N THR B 99 24.33 -10.76 4.97
CA THR B 99 25.08 -11.26 6.13
C THR B 99 25.73 -12.58 5.75
N PRO B 100 26.88 -12.90 6.39
CA PRO B 100 27.59 -14.16 6.10
C PRO B 100 26.69 -15.38 6.15
N GLU B 101 25.76 -15.42 7.10
CA GLU B 101 24.89 -16.57 7.28
C GLU B 101 23.93 -16.74 6.10
N ARG B 102 23.39 -15.62 5.62
CA ARG B 102 22.43 -15.66 4.52
C ARG B 102 23.12 -15.94 3.18
N ALA B 103 24.32 -15.39 3.01
CA ALA B 103 25.11 -15.64 1.81
C ALA B 103 25.47 -17.13 1.72
N ARG B 104 25.80 -17.71 2.85
CA ARG B 104 26.18 -19.12 2.88
C ARG B 104 24.96 -20.03 2.76
N MET B 105 23.80 -19.54 3.20
CA MET B 105 22.55 -20.26 2.96
C MET B 105 22.26 -20.35 1.48
N MET B 106 22.46 -19.24 0.77
CA MET B 106 22.26 -19.20 -0.68
C MET B 106 23.23 -20.15 -1.38
N LEU B 107 24.45 -20.24 -0.86
CA LEU B 107 25.46 -21.12 -1.42
C LEU B 107 25.05 -22.59 -1.28
N ALA B 108 24.64 -22.99 -0.08
CA ALA B 108 24.23 -24.36 0.18
C ALA B 108 23.00 -24.74 -0.64
N LEU B 109 22.05 -23.82 -0.73
CA LEU B 109 20.83 -24.05 -1.50
C LEU B 109 21.15 -24.24 -2.98
N ARG B 110 22.12 -23.46 -3.46
CA ARG B 110 22.58 -23.56 -4.83
C ARG B 110 23.05 -24.98 -5.13
N VAL B 111 23.83 -25.52 -4.21
CA VAL B 111 24.37 -26.86 -4.34
C VAL B 111 23.27 -27.90 -4.34
N ASN B 112 22.28 -27.72 -3.46
CA ASN B 112 21.17 -28.66 -3.36
C ASN B 112 20.38 -28.76 -4.66
N VAL B 113 20.11 -27.61 -5.28
CA VAL B 113 19.36 -27.58 -6.54
C VAL B 113 20.14 -28.28 -7.65
N LEU B 114 21.45 -28.06 -7.68
CA LEU B 114 22.31 -28.72 -8.67
C LEU B 114 22.32 -30.23 -8.50
N CYS B 115 22.03 -30.70 -7.28
CA CYS B 115 22.02 -32.13 -6.99
C CYS B 115 20.88 -32.87 -7.69
N LYS B 116 19.88 -32.14 -8.15
CA LYS B 116 18.78 -32.75 -8.88
C LYS B 116 19.25 -33.26 -10.24
N GLY B 117 20.35 -32.69 -10.73
CA GLY B 117 20.99 -33.17 -11.94
C GLY B 117 20.31 -32.80 -13.24
N HIS B 118 19.81 -31.56 -13.32
CA HIS B 118 19.16 -31.10 -14.55
C HIS B 118 19.78 -29.80 -15.08
N SER B 119 20.86 -29.36 -14.45
CA SER B 119 21.48 -28.11 -14.84
C SER B 119 22.56 -28.33 -15.90
N GLY B 120 23.18 -29.50 -15.89
CA GLY B 120 24.25 -29.80 -16.82
C GLY B 120 25.61 -29.32 -16.30
N ILE B 121 25.65 -28.99 -15.01
CA ILE B 121 26.88 -28.54 -14.37
C ILE B 121 27.90 -29.68 -14.30
N ARG B 122 29.18 -29.34 -14.30
CA ARG B 122 30.22 -30.34 -14.08
C ARG B 122 30.33 -30.68 -12.59
N LEU B 123 30.71 -31.93 -12.31
CA LEU B 123 30.85 -32.38 -10.94
C LEU B 123 31.94 -31.61 -10.20
N GLU B 124 33.06 -31.36 -10.88
CA GLU B 124 34.20 -30.64 -10.29
C GLU B 124 33.78 -29.26 -9.77
N THR B 125 32.91 -28.60 -10.51
CA THR B 125 32.46 -27.27 -10.13
C THR B 125 31.64 -27.33 -8.84
N VAL B 126 30.76 -28.32 -8.74
CA VAL B 126 29.95 -28.52 -7.55
C VAL B 126 30.84 -28.78 -6.34
N GLN B 127 31.85 -29.63 -6.53
CA GLN B 127 32.76 -29.99 -5.44
C GLN B 127 33.53 -28.77 -4.92
N LYS B 128 33.79 -27.80 -5.79
CA LYS B 128 34.51 -26.60 -5.38
C LYS B 128 33.62 -25.67 -4.56
N TYR B 129 32.39 -25.48 -5.03
CA TYR B 129 31.36 -24.79 -4.24
C TYR B 129 31.24 -25.44 -2.88
N LEU B 130 31.20 -26.78 -2.92
CA LEU B 130 31.03 -27.61 -1.75
C LEU B 130 32.19 -27.35 -0.78
N LYS B 131 33.41 -27.47 -1.29
CA LYS B 131 34.63 -27.28 -0.50
C LYS B 131 34.73 -25.86 0.07
N ALA B 132 34.36 -24.87 -0.73
CA ALA B 132 34.41 -23.48 -0.31
C ALA B 132 33.51 -23.24 0.90
N PHE B 133 32.29 -23.79 0.85
CA PHE B 133 31.36 -23.70 1.97
C PHE B 133 31.97 -24.29 3.25
N ASN B 134 32.47 -25.51 3.14
CA ASN B 134 33.01 -26.22 4.31
C ASN B 134 34.25 -25.56 4.87
N ALA B 135 34.98 -24.84 4.02
CA ALA B 135 36.18 -24.14 4.45
C ALA B 135 35.84 -22.82 5.14
N GLY B 136 34.61 -22.36 4.96
CA GLY B 136 34.13 -21.16 5.64
C GLY B 136 34.12 -19.90 4.78
N VAL B 137 33.92 -20.06 3.48
CA VAL B 137 33.87 -18.89 2.60
C VAL B 137 32.63 -18.05 2.87
N VAL B 138 32.79 -16.73 2.77
CA VAL B 138 31.67 -15.81 2.89
C VAL B 138 31.53 -15.03 1.59
N PRO B 139 30.55 -15.42 0.75
CA PRO B 139 30.32 -14.75 -0.53
C PRO B 139 29.92 -13.29 -0.35
N TYR B 140 30.25 -12.45 -1.33
CA TYR B 140 29.84 -11.06 -1.31
C TYR B 140 28.63 -10.86 -2.21
N ILE B 141 27.44 -10.79 -1.61
CA ILE B 141 26.20 -10.73 -2.36
C ILE B 141 25.40 -9.47 -2.03
N PRO B 142 25.49 -8.44 -2.89
CA PRO B 142 24.69 -7.24 -2.70
C PRO B 142 23.20 -7.57 -2.72
N GLU B 143 22.44 -7.03 -1.77
CA GLU B 143 21.08 -7.49 -1.50
C GLU B 143 20.02 -6.94 -2.47
N GLN B 144 20.40 -5.94 -3.27
CA GLN B 144 19.45 -5.33 -4.21
C GLN B 144 19.86 -5.58 -5.66
N GLY B 145 18.88 -5.86 -6.51
CA GLY B 145 19.15 -6.03 -7.92
C GLY B 145 18.28 -7.05 -8.63
N THR B 146 18.06 -8.19 -8.00
CA THR B 146 17.31 -9.28 -8.63
C THR B 146 15.85 -8.90 -8.88
N VAL B 147 15.34 -9.32 -10.03
CA VAL B 147 13.93 -9.13 -10.36
C VAL B 147 13.21 -10.49 -10.28
N GLY B 148 13.96 -11.51 -9.85
CA GLY B 148 13.40 -12.83 -9.59
C GLY B 148 12.87 -13.54 -10.81
N ASP B 150 17.28 -15.38 -10.01
CA ASP B 150 18.16 -14.42 -9.33
C ASP B 150 19.54 -14.40 -9.97
N LEU B 151 19.58 -13.94 -11.22
CA LEU B 151 20.81 -13.89 -12.01
C LEU B 151 21.93 -13.11 -11.33
N GLY B 152 21.60 -11.92 -10.85
CA GLY B 152 22.56 -11.07 -10.16
C GLY B 152 23.24 -11.71 -8.95
N PRO B 153 22.46 -12.04 -7.92
CA PRO B 153 23.02 -12.65 -6.69
C PRO B 153 23.80 -13.93 -6.97
N LEU B 154 23.27 -14.78 -7.84
CA LEU B 154 23.93 -16.04 -8.16
C LEU B 154 25.22 -15.81 -8.96
N SER B 155 25.26 -14.73 -9.74
CA SER B 155 26.46 -14.37 -10.47
C SER B 155 27.55 -13.86 -9.53
N HIS B 156 27.16 -13.07 -8.55
CA HIS B 156 28.09 -12.58 -7.53
C HIS B 156 28.66 -13.76 -6.74
N LEU B 157 27.84 -14.78 -6.54
CA LEU B 157 28.29 -16.00 -5.89
C LEU B 157 29.35 -16.70 -6.75
N ALA B 158 29.07 -16.85 -8.03
CA ALA B 158 29.98 -17.51 -8.96
C ALA B 158 31.24 -16.68 -9.19
N LEU B 159 31.10 -15.35 -9.13
CA LEU B 159 32.23 -14.45 -9.30
C LEU B 159 33.29 -14.70 -8.24
N GLY B 160 32.85 -14.83 -6.99
CA GLY B 160 33.75 -15.11 -5.89
C GLY B 160 34.38 -16.49 -6.01
N MET B 161 33.65 -17.45 -6.54
CA MET B 161 34.20 -18.78 -6.73
C MET B 161 35.24 -18.78 -7.86
N LEU B 162 35.18 -17.76 -8.72
CA LEU B 162 36.18 -17.60 -9.77
C LEU B 162 37.42 -16.89 -9.23
N GLY B 163 37.35 -16.47 -7.97
CA GLY B 163 38.44 -15.74 -7.34
C GLY B 163 38.45 -14.28 -7.75
N GLU B 164 37.29 -13.77 -8.15
CA GLU B 164 37.18 -12.38 -8.56
C GLU B 164 36.20 -11.63 -7.66
N GLY B 165 36.36 -10.32 -7.59
CA GLY B 165 35.54 -9.49 -6.72
C GLY B 165 35.97 -9.62 -5.27
N LEU B 166 35.00 -9.62 -4.36
CA LEU B 166 35.30 -9.68 -2.93
C LEU B 166 34.85 -10.99 -2.29
N LEU B 167 35.57 -11.39 -1.25
CA LEU B 167 35.17 -12.51 -0.41
C LEU B 167 35.56 -12.23 1.04
N ALA B 168 34.93 -12.94 1.96
CA ALA B 168 35.35 -12.94 3.34
C ALA B 168 35.39 -14.38 3.85
N THR B 169 35.75 -14.55 5.11
CA THR B 169 35.72 -15.87 5.74
C THR B 169 35.01 -15.76 7.08
N LEU B 170 34.66 -16.90 7.66
CA LEU B 170 34.01 -16.90 8.97
C LEU B 170 34.98 -16.42 10.06
N ASN B 171 36.27 -16.67 9.87
CA ASN B 171 37.29 -16.24 10.81
C ASN B 171 37.69 -14.78 10.63
N ASN B 172 37.46 -14.26 9.41
CA ASN B 172 37.76 -12.88 9.10
C ASN B 172 36.71 -12.34 8.14
N LYS B 173 35.71 -11.65 8.68
CA LYS B 173 34.54 -11.27 7.91
C LYS B 173 34.71 -9.93 7.19
N LYS B 174 35.92 -9.38 7.20
CA LYS B 174 36.23 -8.20 6.43
C LYS B 174 36.38 -8.58 4.97
N PHE B 175 35.51 -8.05 4.12
CA PHE B 175 35.54 -8.39 2.70
C PHE B 175 36.84 -7.90 2.05
N ARG B 176 37.53 -8.81 1.39
CA ARG B 176 38.81 -8.51 0.77
C ARG B 176 38.90 -9.21 -0.58
N ASP B 177 40.09 -9.21 -1.17
CA ASP B 177 40.30 -9.81 -2.49
C ASP B 177 39.91 -11.29 -2.52
N ALA B 178 39.00 -11.63 -3.42
CA ALA B 178 38.48 -12.99 -3.54
C ALA B 178 39.58 -13.99 -3.86
N GLY B 179 40.56 -13.57 -4.66
CA GLY B 179 41.66 -14.42 -5.03
C GLY B 179 42.48 -14.87 -3.83
N SER B 180 42.77 -13.92 -2.94
CA SER B 180 43.57 -14.22 -1.76
C SER B 180 42.79 -15.05 -0.75
N VAL B 181 41.48 -14.82 -0.67
CA VAL B 181 40.64 -15.60 0.24
C VAL B 181 40.60 -17.07 -0.16
N LEU B 182 40.47 -17.34 -1.45
CA LEU B 182 40.49 -18.71 -1.94
C LEU B 182 41.85 -19.36 -1.68
N ARG B 183 42.92 -18.58 -1.80
CA ARG B 183 44.24 -19.08 -1.44
C ARG B 183 44.29 -19.40 0.05
N GLU B 184 43.66 -18.53 0.84
CA GLU B 184 43.60 -18.69 2.28
C GLU B 184 42.86 -19.97 2.68
N LEU B 185 41.74 -20.22 2.00
CA LEU B 185 40.84 -21.32 2.31
C LEU B 185 41.30 -22.64 1.71
N GLY B 186 42.34 -22.58 0.88
CA GLY B 186 42.84 -23.75 0.19
C GLY B 186 41.89 -24.27 -0.88
N VAL B 187 41.21 -23.34 -1.56
CA VAL B 187 40.29 -23.70 -2.63
C VAL B 187 40.75 -23.19 -4.00
N GLU B 188 40.88 -24.09 -4.97
CA GLU B 188 41.17 -23.68 -6.33
C GLU B 188 39.91 -23.13 -6.98
N PRO B 189 40.02 -21.97 -7.65
CA PRO B 189 38.85 -21.34 -8.28
C PRO B 189 38.21 -22.23 -9.34
N ILE B 190 36.91 -22.06 -9.55
CA ILE B 190 36.19 -22.83 -10.56
C ILE B 190 36.65 -22.45 -11.96
N THR B 191 36.46 -23.37 -12.90
CA THR B 191 36.64 -23.10 -14.31
C THR B 191 35.34 -23.47 -14.99
N LEU B 192 35.02 -22.77 -16.07
CA LEU B 192 33.69 -22.92 -16.68
C LEU B 192 33.74 -23.51 -18.08
N ALA B 193 33.09 -24.66 -18.23
CA ALA B 193 32.88 -25.27 -19.54
C ALA B 193 31.51 -24.85 -20.07
N ALA B 194 31.10 -25.45 -21.19
CA ALA B 194 29.81 -25.14 -21.80
C ALA B 194 28.66 -25.32 -20.81
N LYS B 195 27.72 -24.35 -20.84
CA LYS B 195 26.50 -24.37 -20.04
C LYS B 195 26.73 -24.10 -18.54
N GLU B 196 27.98 -24.18 -18.09
CA GLU B 196 28.27 -24.02 -16.66
C GLU B 196 27.94 -22.62 -16.15
N GLY B 197 28.10 -21.62 -17.01
CA GLY B 197 27.78 -20.25 -16.65
C GLY B 197 26.31 -20.07 -16.30
N LEU B 198 25.43 -20.56 -17.18
CA LEU B 198 23.99 -20.49 -16.94
C LEU B 198 23.57 -21.40 -15.79
N ALA B 199 24.19 -22.57 -15.70
CA ALA B 199 23.84 -23.55 -14.68
C ALA B 199 24.03 -22.98 -13.28
N LEU B 200 25.02 -22.10 -13.12
CA LEU B 200 25.34 -21.54 -11.82
C LEU B 200 24.45 -20.35 -11.45
N ILE B 201 23.92 -19.64 -12.44
CA ILE B 201 23.22 -18.39 -12.15
C ILE B 201 21.71 -18.40 -12.45
N ASN B 202 21.21 -19.49 -13.05
CA ASN B 202 19.78 -19.66 -13.21
C ASN B 202 19.13 -20.22 -11.95
N GLY B 203 18.12 -19.55 -11.43
CA GLY B 203 17.40 -20.09 -10.29
C GLY B 203 16.83 -19.07 -9.33
N THR B 204 16.06 -19.56 -8.37
CA THR B 204 15.36 -18.72 -7.40
C THR B 204 15.97 -18.82 -6.01
N GLN B 205 17.27 -19.08 -5.96
CA GLN B 205 17.92 -19.42 -4.69
C GLN B 205 18.17 -18.23 -3.76
N PHE B 206 18.22 -17.02 -4.29
CA PHE B 206 18.35 -15.84 -3.43
C PHE B 206 17.02 -15.59 -2.70
N ILE B 207 15.94 -15.59 -3.45
CA ILE B 207 14.59 -15.44 -2.89
C ILE B 207 14.27 -16.56 -1.90
N SER B 208 14.60 -17.80 -2.29
CA SER B 208 14.23 -18.97 -1.51
C SER B 208 15.07 -19.17 -0.25
N ALA B 209 16.35 -18.80 -0.31
CA ALA B 209 17.21 -18.91 0.87
C ALA B 209 16.80 -17.89 1.93
N LEU B 210 16.58 -16.65 1.50
CA LEU B 210 16.10 -15.60 2.39
C LEU B 210 14.70 -15.95 2.90
N GLY B 211 13.90 -16.54 2.02
CA GLY B 211 12.55 -16.96 2.37
C GLY B 211 12.57 -18.09 3.38
N ALA B 212 13.58 -18.94 3.28
CA ALA B 212 13.72 -20.06 4.21
C ALA B 212 13.94 -19.55 5.63
N GLU B 213 14.82 -18.56 5.78
CA GLU B 213 15.04 -17.95 7.09
C GLU B 213 13.76 -17.34 7.61
N ALA B 214 13.07 -16.60 6.74
CA ALA B 214 11.84 -15.91 7.13
C ALA B 214 10.80 -16.87 7.70
N VAL B 215 10.51 -17.94 6.97
CA VAL B 215 9.43 -18.84 7.37
C VAL B 215 9.83 -19.66 8.60
N VAL B 216 11.12 -19.92 8.78
CA VAL B 216 11.61 -20.61 9.97
C VAL B 216 11.42 -19.73 11.20
N ARG B 217 11.85 -18.47 11.09
CA ARG B 217 11.67 -17.51 12.17
C ARG B 217 10.18 -17.26 12.45
N ALA B 218 9.38 -17.29 11.39
CA ALA B 218 7.95 -17.06 11.50
C ALA B 218 7.27 -18.18 12.30
N ARG B 219 7.63 -19.41 11.97
CA ARG B 219 7.08 -20.58 12.66
C ARG B 219 7.41 -20.55 14.16
N LYS B 220 8.63 -20.13 14.49
CA LYS B 220 9.08 -20.11 15.87
C LYS B 220 8.44 -18.97 16.66
N ILE B 221 8.20 -17.84 16.01
CA ILE B 221 7.59 -16.70 16.71
C ILE B 221 6.09 -16.93 16.87
N ALA B 222 5.49 -17.73 15.99
CA ALA B 222 4.08 -18.08 16.11
C ALA B 222 3.83 -18.88 17.38
N ARG B 223 4.72 -19.81 17.68
CA ARG B 223 4.64 -20.59 18.92
C ARG B 223 4.86 -19.68 20.14
N LEU B 224 5.88 -18.83 20.06
CA LEU B 224 6.24 -17.93 21.15
C LEU B 224 5.15 -16.89 21.41
N ALA B 225 4.41 -16.51 20.36
CA ALA B 225 3.31 -15.57 20.50
C ALA B 225 2.26 -16.11 21.46
N ASP B 226 2.04 -17.42 21.44
CA ASP B 226 1.09 -18.06 22.33
C ASP B 226 1.61 -18.12 23.76
N VAL B 227 2.92 -18.13 23.91
CA VAL B 227 3.53 -18.12 25.24
C VAL B 227 3.39 -16.73 25.86
N ALA B 228 3.62 -15.70 25.06
CA ALA B 228 3.46 -14.32 25.51
C ALA B 228 2.01 -14.06 25.88
N LEU B 229 1.11 -14.54 25.03
CA LEU B 229 -0.32 -14.41 25.24
C LEU B 229 -0.77 -15.10 26.53
N ALA B 230 -0.23 -16.29 26.78
CA ALA B 230 -0.53 -17.03 28.00
C ALA B 230 -0.11 -16.24 29.24
N MET B 231 1.06 -15.62 29.18
CA MET B 231 1.54 -14.83 30.30
C MET B 231 0.66 -13.60 30.50
N SER B 232 0.30 -12.92 29.41
CA SER B 232 -0.59 -11.77 29.47
C SER B 232 -1.94 -12.18 30.03
N HIS B 233 -2.42 -13.33 29.59
CA HIS B 233 -3.66 -13.91 30.08
C HIS B 233 -3.64 -14.04 31.60
N GLU B 234 -2.51 -14.46 32.14
CA GLU B 234 -2.34 -14.65 33.57
C GLU B 234 -2.20 -13.31 34.30
N ALA B 235 -1.41 -12.41 33.73
CA ALA B 235 -1.16 -11.11 34.33
C ALA B 235 -2.44 -10.27 34.36
N LEU B 236 -3.30 -10.47 33.36
CA LEU B 236 -4.55 -9.73 33.26
C LEU B 236 -5.67 -10.46 34.00
N ARG B 237 -5.37 -11.65 34.49
CA ARG B 237 -6.34 -12.46 35.24
C ARG B 237 -7.61 -12.69 34.41
N ALA B 238 -7.42 -13.21 33.20
CA ALA B 238 -8.55 -13.50 32.32
C ALA B 238 -9.12 -14.89 32.61
N THR B 239 -10.31 -15.15 32.10
CA THR B 239 -10.95 -16.46 32.27
C THR B 239 -10.51 -17.43 31.18
N ASN B 240 -10.62 -18.73 31.47
CA ASN B 240 -10.27 -19.76 30.51
C ASN B 240 -11.44 -20.12 29.59
N SER B 241 -12.56 -19.41 29.76
CA SER B 241 -13.80 -19.71 29.06
C SER B 241 -13.64 -19.79 27.54
N THR B 242 -12.84 -18.89 26.97
CA THR B 242 -12.69 -18.80 25.53
C THR B 242 -11.82 -19.92 24.95
N LEU B 243 -11.25 -20.75 25.83
CA LEU B 243 -10.42 -21.87 25.39
C LEU B 243 -11.22 -23.17 25.34
N ASN B 244 -12.49 -23.10 25.73
CA ASN B 244 -13.40 -24.24 25.69
C ASN B 244 -13.37 -24.89 24.31
N PRO B 245 -12.95 -26.17 24.24
CA PRO B 245 -12.77 -26.89 22.97
C PRO B 245 -14.06 -27.00 22.15
N ASP B 246 -15.22 -26.85 22.80
CA ASP B 246 -16.49 -26.84 22.08
C ASP B 246 -16.59 -25.64 21.14
N ILE B 247 -16.05 -24.51 21.58
CA ILE B 247 -16.02 -23.28 20.79
C ILE B 247 -15.30 -23.50 19.47
N HIS B 248 -14.17 -24.19 19.53
CA HIS B 248 -13.30 -24.31 18.37
C HIS B 248 -13.62 -25.55 17.55
N ARG B 249 -14.38 -26.46 18.14
CA ARG B 249 -14.91 -27.62 17.43
C ARG B 249 -15.95 -27.20 16.39
N VAL B 250 -16.67 -26.12 16.67
CA VAL B 250 -17.73 -25.65 15.78
C VAL B 250 -17.28 -24.50 14.88
N ARG B 251 -16.01 -24.13 15.02
CA ARG B 251 -15.35 -23.21 14.09
C ARG B 251 -14.03 -23.86 13.68
N PRO B 252 -14.10 -25.05 13.07
CA PRO B 252 -12.98 -26.00 13.12
C PRO B 252 -11.82 -25.75 12.16
N HIS B 253 -11.36 -24.50 12.05
CA HIS B 253 -10.14 -24.25 11.30
C HIS B 253 -8.98 -24.96 12.02
N LYS B 254 -8.06 -25.53 11.26
CA LYS B 254 -6.95 -26.26 11.85
C LYS B 254 -6.12 -25.38 12.79
N GLY B 255 -5.77 -24.18 12.33
CA GLY B 255 -4.95 -23.27 13.11
C GLY B 255 -5.61 -22.86 14.41
N GLN B 256 -6.88 -22.49 14.34
CA GLN B 256 -7.63 -22.04 15.51
C GLN B 256 -7.71 -23.13 16.58
N GLN B 257 -7.96 -24.36 16.15
CA GLN B 257 -8.04 -25.49 17.08
C GLN B 257 -6.68 -25.80 17.71
N LEU B 258 -5.63 -25.74 16.89
CA LEU B 258 -4.28 -26.04 17.35
C LEU B 258 -3.77 -24.98 18.33
N VAL B 259 -4.04 -23.71 18.04
CA VAL B 259 -3.64 -22.62 18.93
C VAL B 259 -4.34 -22.71 20.28
N ALA B 260 -5.64 -23.01 20.25
CA ALA B 260 -6.41 -23.15 21.49
C ALA B 260 -5.88 -24.30 22.33
N GLN B 261 -5.49 -25.39 21.67
CA GLN B 261 -4.94 -26.54 22.40
C GLN B 261 -3.59 -26.20 23.01
N ARG B 262 -2.80 -25.45 22.26
CA ARG B 262 -1.50 -24.99 22.74
C ARG B 262 -1.65 -24.10 23.98
N LEU B 263 -2.66 -23.23 23.94
CA LEU B 263 -2.94 -22.34 25.07
C LEU B 263 -3.48 -23.11 26.28
N ARG B 264 -4.29 -24.13 26.03
CA ARG B 264 -4.83 -24.94 27.13
C ARG B 264 -3.70 -25.71 27.82
N ALA B 265 -2.69 -26.08 27.06
CA ALA B 265 -1.54 -26.78 27.61
C ALA B 265 -0.75 -25.90 28.56
N LEU B 266 -0.73 -24.60 28.27
CA LEU B 266 0.04 -23.66 29.07
C LEU B 266 -0.76 -23.09 30.24
N LEU B 267 -2.08 -23.22 30.18
CA LEU B 267 -2.94 -22.58 31.18
C LEU B 267 -3.80 -23.55 31.99
N HIS B 268 -3.43 -24.84 31.98
CA HIS B 268 -4.17 -25.84 32.74
C HIS B 268 -3.56 -26.04 34.13
N ASP B 288 -14.25 -9.85 28.68
CA ASP B 288 -12.99 -10.40 28.21
C ASP B 288 -12.62 -9.88 26.81
N ALA B 289 -11.53 -9.12 26.73
CA ALA B 289 -11.17 -8.39 25.51
C ALA B 289 -10.86 -9.31 24.32
N TYR B 290 -11.12 -8.81 23.10
CA TYR B 290 -10.96 -9.58 21.88
C TYR B 290 -9.51 -10.00 21.64
N SER B 291 -8.57 -9.16 22.01
CA SER B 291 -7.15 -9.45 21.79
C SER B 291 -6.70 -10.68 22.58
N ILE B 292 -7.50 -11.06 23.57
CA ILE B 292 -7.28 -12.30 24.31
C ILE B 292 -8.32 -13.36 23.93
N ARG B 293 -9.59 -12.97 23.93
CA ARG B 293 -10.68 -13.90 23.68
C ARG B 293 -10.72 -14.41 22.23
N CYS B 294 -10.37 -13.54 21.28
CA CYS B 294 -10.37 -13.93 19.86
C CYS B 294 -8.99 -14.32 19.37
N ALA B 295 -8.07 -14.57 20.29
CA ALA B 295 -6.70 -14.90 19.94
C ALA B 295 -6.58 -16.21 19.13
N PRO B 296 -7.31 -17.28 19.52
CA PRO B 296 -7.25 -18.46 18.64
C PRO B 296 -7.77 -18.17 17.24
N GLN B 297 -8.77 -17.30 17.14
CA GLN B 297 -9.37 -16.95 15.86
C GLN B 297 -8.49 -16.02 15.03
N VAL B 298 -7.46 -15.46 15.64
CA VAL B 298 -6.55 -14.55 14.94
C VAL B 298 -5.18 -15.19 14.74
N HIS B 299 -4.62 -15.76 15.80
CA HIS B 299 -3.37 -16.50 15.70
C HIS B 299 -3.52 -17.68 14.76
N GLY B 300 -4.70 -18.29 14.77
CA GLY B 300 -4.99 -19.46 13.96
C GLY B 300 -4.70 -19.29 12.48
N ILE B 301 -5.26 -18.24 11.89
CA ILE B 301 -5.07 -18.01 10.46
C ILE B 301 -3.61 -17.64 10.17
N SER B 302 -2.97 -16.94 11.10
CA SER B 302 -1.54 -16.65 10.98
C SER B 302 -0.74 -17.93 10.92
N ASN B 303 -1.05 -18.86 11.82
CA ASN B 303 -0.40 -20.17 11.84
C ASN B 303 -0.60 -20.93 10.53
N GLU B 304 -1.81 -20.90 10.00
CA GLU B 304 -2.12 -21.62 8.77
C GLU B 304 -1.42 -21.02 7.56
N VAL B 305 -1.28 -19.70 7.53
CA VAL B 305 -0.55 -19.03 6.46
C VAL B 305 0.93 -19.45 6.51
N ILE B 306 1.50 -19.43 7.71
CA ILE B 306 2.88 -19.84 7.92
C ILE B 306 3.10 -21.29 7.50
N GLU B 307 2.17 -22.17 7.86
CA GLU B 307 2.25 -23.58 7.50
C GLU B 307 2.16 -23.77 5.98
N TRP B 308 1.30 -22.98 5.34
CA TRP B 308 1.12 -23.04 3.90
C TRP B 308 2.38 -22.57 3.17
N VAL B 309 2.91 -21.43 3.61
CA VAL B 309 4.12 -20.88 3.03
C VAL B 309 5.28 -21.86 3.18
N TYR B 310 5.35 -22.49 4.36
CA TYR B 310 6.38 -23.48 4.65
C TYR B 310 6.36 -24.61 3.62
N GLY B 311 5.17 -25.06 3.26
CA GLY B 311 5.01 -26.09 2.25
C GLY B 311 5.46 -25.66 0.87
N ILE B 312 5.05 -24.46 0.47
CA ILE B 312 5.48 -23.89 -0.81
C ILE B 312 6.99 -23.82 -0.90
N LEU B 313 7.62 -23.27 0.14
CA LEU B 313 9.07 -23.08 0.16
C LEU B 313 9.85 -24.39 0.22
N THR B 314 9.32 -25.37 0.95
CA THR B 314 9.97 -26.67 1.06
C THR B 314 10.07 -27.32 -0.31
N THR B 315 9.00 -27.21 -1.10
CA THR B 315 9.02 -27.69 -2.48
C THR B 315 10.05 -26.91 -3.29
N GLU B 316 10.06 -25.59 -3.12
CA GLU B 316 10.92 -24.72 -3.89
C GLU B 316 12.41 -24.96 -3.64
N LEU B 317 12.76 -25.31 -2.41
CA LEU B 317 14.16 -25.60 -2.07
C LEU B 317 14.65 -26.82 -2.82
N ASN B 318 13.72 -27.69 -3.22
CA ASN B 318 14.07 -28.92 -3.89
C ASN B 318 13.56 -28.98 -5.33
N CYS B 319 13.60 -27.82 -6.00
CA CYS B 319 13.15 -27.70 -7.39
C CYS B 319 14.32 -27.53 -8.35
N ALA B 320 14.14 -28.03 -9.58
CA ALA B 320 15.13 -27.80 -10.62
C ALA B 320 14.78 -26.53 -11.37
N THR B 321 15.40 -25.43 -10.97
CA THR B 321 15.06 -24.11 -11.50
C THR B 321 16.02 -23.70 -12.62
N ASP B 322 16.60 -24.68 -13.29
CA ASP B 322 17.60 -24.41 -14.31
C ASP B 322 16.97 -24.17 -15.67
N ASN B 323 17.75 -23.60 -16.59
CA ASN B 323 17.31 -23.45 -17.97
C ASN B 323 18.47 -23.23 -18.93
N PRO B 324 18.52 -24.01 -20.03
CA PRO B 324 17.56 -25.10 -20.31
C PRO B 324 17.79 -26.32 -19.42
N LEU B 325 16.75 -27.13 -19.26
CA LEU B 325 16.81 -28.30 -18.39
C LEU B 325 17.38 -29.50 -19.12
N VAL B 326 18.18 -30.29 -18.41
CA VAL B 326 18.78 -31.50 -18.97
C VAL B 326 18.11 -32.75 -18.42
N PHE B 327 17.50 -33.53 -19.31
CA PHE B 327 16.85 -34.79 -18.93
C PHE B 327 17.49 -35.96 -19.65
N PRO B 328 18.47 -36.62 -19.01
CA PRO B 328 19.19 -37.73 -19.63
C PRO B 328 18.28 -38.90 -19.99
N ASP B 329 17.18 -39.06 -19.26
CA ASP B 329 16.24 -40.16 -19.51
C ASP B 329 14.93 -39.68 -20.14
N GLY B 330 14.92 -38.43 -20.61
CA GLY B 330 13.72 -37.86 -21.19
C GLY B 330 13.60 -38.07 -22.69
N VAL B 331 12.41 -37.81 -23.23
CA VAL B 331 12.18 -37.88 -24.66
C VAL B 331 13.01 -36.80 -25.35
N LYS B 332 13.08 -35.63 -24.73
CA LYS B 332 14.02 -34.58 -25.14
C LYS B 332 15.06 -34.40 -24.05
N LYS B 333 16.33 -34.46 -24.43
CA LYS B 333 17.42 -34.41 -23.46
C LYS B 333 17.66 -32.99 -22.93
N VAL B 334 17.45 -32.00 -23.80
CA VAL B 334 17.63 -30.60 -23.41
C VAL B 334 16.36 -29.83 -23.73
N VAL B 335 15.71 -29.29 -22.70
CA VAL B 335 14.42 -28.65 -22.86
C VAL B 335 14.40 -27.24 -22.27
N SER B 336 13.83 -26.30 -23.02
CA SER B 336 13.66 -24.94 -22.54
C SER B 336 12.31 -24.78 -21.82
N GLY B 337 12.35 -24.28 -20.59
CA GLY B 337 11.15 -24.06 -19.81
C GLY B 337 11.20 -22.75 -19.05
N GLY B 338 10.38 -22.62 -18.00
CA GLY B 338 10.33 -21.40 -17.23
C GLY B 338 10.45 -21.59 -15.73
N ASN B 339 11.18 -22.62 -15.29
CA ASN B 339 11.28 -22.97 -13.87
C ASN B 339 12.11 -21.98 -13.06
N PHE B 340 12.76 -21.05 -13.75
CA PHE B 340 13.57 -20.03 -13.09
C PHE B 340 12.71 -18.90 -12.55
N HIS B 341 11.45 -18.87 -12.95
CA HIS B 341 10.56 -17.78 -12.56
C HIS B 341 10.16 -17.90 -11.10
N GLY B 342 10.43 -16.86 -10.33
CA GLY B 342 10.26 -16.92 -8.90
C GLY B 342 8.92 -16.49 -8.34
N GLU B 343 7.87 -16.56 -9.15
CA GLU B 343 6.55 -16.11 -8.69
C GLU B 343 6.05 -16.93 -7.50
N TYR B 344 6.32 -18.24 -7.52
CA TYR B 344 5.88 -19.10 -6.43
C TYR B 344 6.45 -18.69 -5.07
N PRO B 345 7.78 -18.60 -4.93
CA PRO B 345 8.23 -18.16 -3.60
C PRO B 345 7.95 -16.68 -3.33
N ALA B 346 7.92 -15.87 -4.38
CA ALA B 346 7.62 -14.44 -4.22
C ALA B 346 6.24 -14.21 -3.62
N LYS B 347 5.24 -14.84 -4.22
CA LYS B 347 3.87 -14.75 -3.74
C LYS B 347 3.75 -15.26 -2.30
N ALA B 348 4.40 -16.38 -2.02
CA ALA B 348 4.32 -17.01 -0.71
C ALA B 348 4.91 -16.11 0.38
N LEU B 349 5.98 -15.39 0.03
CA LEU B 349 6.65 -14.53 1.00
C LEU B 349 5.89 -13.23 1.24
N ASP B 350 5.17 -12.76 0.22
CA ASP B 350 4.29 -11.61 0.39
C ASP B 350 3.17 -11.95 1.36
N MET B 351 2.70 -13.18 1.31
CA MET B 351 1.63 -13.61 2.17
C MET B 351 2.13 -13.96 3.56
N LEU B 352 3.37 -14.43 3.65
CA LEU B 352 3.99 -14.70 4.94
C LEU B 352 4.05 -13.42 5.77
N ALA B 353 4.46 -12.34 5.13
CA ALA B 353 4.56 -11.03 5.79
C ALA B 353 3.23 -10.61 6.38
N ILE B 354 2.16 -10.76 5.59
CA ILE B 354 0.82 -10.40 6.03
C ILE B 354 0.37 -11.26 7.22
N GLY B 355 0.65 -12.56 7.16
CA GLY B 355 0.29 -13.48 8.23
C GLY B 355 1.05 -13.24 9.53
N VAL B 356 2.36 -13.03 9.41
CA VAL B 356 3.21 -12.78 10.57
C VAL B 356 2.87 -11.43 11.21
N HIS B 357 2.61 -10.44 10.37
CA HIS B 357 2.24 -9.11 10.82
C HIS B 357 1.11 -9.10 11.85
N GLU B 358 0.12 -9.96 11.64
CA GLU B 358 -1.07 -9.98 12.48
C GLU B 358 -0.76 -10.45 13.89
N LEU B 359 0.26 -11.28 14.03
CA LEU B 359 0.70 -11.72 15.35
C LEU B 359 1.15 -10.52 16.18
N GLY B 360 1.90 -9.62 15.55
CA GLY B 360 2.36 -8.42 16.22
C GLY B 360 1.23 -7.44 16.45
N ASN B 361 0.30 -7.39 15.50
CA ASN B 361 -0.83 -6.49 15.55
C ASN B 361 -1.71 -6.73 16.79
N ILE B 362 -2.09 -7.98 17.01
CA ILE B 362 -2.93 -8.33 18.15
C ILE B 362 -2.13 -8.33 19.46
N SER B 363 -0.83 -8.58 19.36
CA SER B 363 0.03 -8.58 20.53
C SER B 363 0.16 -7.17 21.11
N GLU B 364 0.31 -6.20 20.22
CA GLU B 364 0.43 -4.80 20.61
C GLU B 364 -0.81 -4.34 21.40
N ARG B 365 -1.97 -4.86 21.03
CA ARG B 365 -3.21 -4.52 21.74
C ARG B 365 -3.22 -5.10 23.16
N ARG B 366 -2.61 -6.27 23.32
CA ARG B 366 -2.52 -6.88 24.65
C ARG B 366 -1.50 -6.12 25.50
N ILE B 367 -0.47 -5.60 24.85
CA ILE B 367 0.51 -4.74 25.51
C ILE B 367 -0.19 -3.49 26.03
N GLU B 368 -1.09 -2.95 25.23
CA GLU B 368 -1.89 -1.80 25.60
C GLU B 368 -2.74 -2.09 26.84
N ARG B 369 -3.31 -3.29 26.92
CA ARG B 369 -4.13 -3.65 28.08
C ARG B 369 -3.29 -3.77 29.35
N LEU B 370 -2.07 -4.28 29.22
CA LEU B 370 -1.17 -4.42 30.34
C LEU B 370 -0.81 -3.08 30.97
N ASN B 371 -0.61 -2.06 30.12
CA ASN B 371 -0.21 -0.74 30.59
C ASN B 371 -1.38 0.11 31.06
N ASN B 372 -2.59 -0.28 30.66
CA ASN B 372 -3.78 0.49 30.96
C ASN B 372 -4.38 0.09 32.31
N PRO B 373 -4.36 1.00 33.29
CA PRO B 373 -4.83 0.71 34.66
C PRO B 373 -6.32 0.41 34.71
N THR B 374 -7.07 0.96 33.76
CA THR B 374 -8.51 0.73 33.67
C THR B 374 -8.79 -0.67 33.13
N LEU B 375 -7.85 -1.19 32.34
CA LEU B 375 -8.03 -2.46 31.66
C LEU B 375 -7.31 -3.63 32.34
N SER B 376 -6.28 -3.32 33.12
CA SER B 376 -5.45 -4.35 33.72
C SER B 376 -5.75 -4.58 35.19
N ARG B 377 -6.31 -3.55 35.83
CA ARG B 377 -6.47 -3.52 37.29
C ARG B 377 -5.12 -3.68 37.98
N LEU B 378 -4.07 -3.26 37.27
CA LEU B 378 -2.70 -3.24 37.78
C LEU B 378 -2.26 -1.78 37.88
N PRO B 379 -1.13 -1.52 38.56
CA PRO B 379 -0.59 -0.16 38.53
C PRO B 379 -0.34 0.31 37.10
N ALA B 380 -0.66 1.58 36.82
CA ALA B 380 -0.50 2.13 35.48
C ALA B 380 0.92 1.95 34.97
N PHE B 381 1.04 1.38 33.77
CA PHE B 381 2.30 1.14 33.11
C PHE B 381 3.21 0.18 33.90
N LEU B 382 2.58 -0.64 34.73
CA LEU B 382 3.24 -1.74 35.44
C LEU B 382 4.33 -1.28 36.41
N VAL B 383 4.16 -0.08 36.96
CA VAL B 383 5.11 0.43 37.95
C VAL B 383 4.38 0.93 39.19
N LYS B 384 4.80 0.42 40.35
CA LYS B 384 4.33 0.95 41.61
C LYS B 384 5.05 2.27 41.88
N ASN B 385 4.34 3.23 42.49
CA ASN B 385 4.83 4.60 42.65
C ASN B 385 5.06 5.26 41.30
N GLY B 386 3.97 5.48 40.57
CA GLY B 386 4.03 6.04 39.23
C GLY B 386 4.01 7.56 39.20
N GLY B 387 4.14 8.18 40.37
CA GLY B 387 4.24 9.62 40.45
C GLY B 387 5.58 10.09 39.93
N LEU B 388 6.59 9.24 40.07
CA LEU B 388 7.95 9.55 39.64
C LEU B 388 8.45 8.63 38.52
N ASN B 389 7.68 7.60 38.19
CA ASN B 389 8.13 6.59 37.22
C ASN B 389 7.13 6.31 36.10
N SER B 390 7.66 5.94 34.93
CA SER B 390 6.83 5.78 33.74
C SER B 390 6.65 4.31 33.34
N GLY B 391 7.50 3.44 33.88
CA GLY B 391 7.39 2.02 33.61
C GLY B 391 7.57 1.63 32.15
N PHE B 392 6.67 0.80 31.65
CA PHE B 392 6.80 0.22 30.33
C PHE B 392 6.02 1.04 29.29
N MET B 393 5.66 2.27 29.67
CA MET B 393 4.86 3.16 28.85
C MET B 393 5.42 3.32 27.43
N ILE B 394 6.70 3.65 27.34
CA ILE B 394 7.33 3.93 26.06
C ILE B 394 7.70 2.65 25.32
N ALA B 395 7.73 1.53 26.03
CA ALA B 395 7.98 0.24 25.40
C ALA B 395 6.79 -0.15 24.52
N HIS B 396 5.59 0.13 25.01
CA HIS B 396 4.37 -0.06 24.23
C HIS B 396 4.46 0.81 22.99
N THR B 398 7.15 1.70 21.38
CA THR B 398 8.07 1.05 20.45
C THR B 398 7.36 -0.08 19.70
N ALA B 399 6.51 -0.82 20.41
CA ALA B 399 5.76 -1.92 19.80
C ALA B 399 4.80 -1.39 18.73
N ALA B 400 4.10 -0.31 19.05
CA ALA B 400 3.15 0.30 18.13
C ALA B 400 3.83 0.79 16.85
N ALA B 401 5.04 1.35 17.00
CA ALA B 401 5.81 1.83 15.86
C ALA B 401 6.20 0.68 14.93
N LEU B 402 6.54 -0.46 15.53
CA LEU B 402 6.91 -1.65 14.76
C LEU B 402 5.73 -2.22 13.98
N VAL B 403 4.57 -2.27 14.62
CA VAL B 403 3.34 -2.71 13.96
C VAL B 403 3.03 -1.79 12.78
N SER B 404 3.17 -0.50 13.01
CA SER B 404 2.82 0.51 12.02
C SER B 404 3.68 0.39 10.76
N GLU B 405 4.97 0.17 10.93
CA GLU B 405 5.85 0.07 9.78
C GLU B 405 5.66 -1.29 9.09
N ASN B 406 5.20 -2.29 9.84
CA ASN B 406 4.89 -3.58 9.24
C ASN B 406 3.72 -3.49 8.26
N LYS B 407 2.85 -2.51 8.46
CA LYS B 407 1.71 -2.32 7.57
C LYS B 407 2.16 -1.91 6.17
N VAL B 408 3.24 -1.14 6.09
CA VAL B 408 3.82 -0.75 4.81
C VAL B 408 4.45 -1.98 4.14
N TYR B 409 5.18 -2.77 4.93
CA TYR B 409 5.81 -3.98 4.44
C TYR B 409 4.81 -5.06 4.04
N CYS B 410 3.55 -4.87 4.42
CA CYS B 410 2.49 -5.82 4.08
C CYS B 410 2.04 -5.67 2.63
N HIS B 411 2.45 -4.58 1.98
CA HIS B 411 2.13 -4.41 0.57
C HIS B 411 2.89 -5.44 -0.24
N PRO B 412 2.17 -6.19 -1.10
CA PRO B 412 2.78 -7.27 -1.88
C PRO B 412 3.73 -6.76 -2.96
N ALA B 413 5.02 -7.06 -2.81
CA ALA B 413 6.03 -6.67 -3.78
C ALA B 413 5.87 -7.43 -5.09
N SER B 414 5.40 -8.68 -5.01
CA SER B 414 5.27 -9.53 -6.19
C SER B 414 4.08 -9.12 -7.08
N ALA B 415 3.29 -8.16 -6.61
CA ALA B 415 2.15 -7.68 -7.36
C ALA B 415 2.60 -6.81 -8.53
N ASP B 416 3.86 -6.40 -8.49
CA ASP B 416 4.43 -5.53 -9.51
C ASP B 416 5.31 -6.33 -10.46
N SER B 417 5.31 -5.93 -11.72
CA SER B 417 6.25 -6.48 -12.69
C SER B 417 6.68 -5.39 -13.65
N ILE B 418 7.98 -5.25 -13.84
CA ILE B 418 8.50 -4.32 -14.82
C ILE B 418 9.22 -5.09 -15.91
N SER B 419 8.57 -5.22 -17.05
CA SER B 419 9.15 -5.90 -18.21
C SER B 419 10.42 -5.18 -18.64
N THR B 420 11.54 -5.90 -18.59
CA THR B 420 12.84 -5.32 -18.92
C THR B 420 13.26 -5.69 -20.34
N SER B 421 12.48 -6.56 -20.97
CA SER B 421 12.77 -6.97 -22.35
C SER B 421 11.58 -6.72 -23.26
N ALA B 422 11.83 -6.00 -24.35
CA ALA B 422 10.78 -5.68 -25.31
C ALA B 422 10.29 -6.99 -25.92
N ALA B 423 11.11 -8.02 -25.79
CA ALA B 423 10.78 -9.34 -26.31
C ALA B 423 10.57 -10.37 -25.20
N GLN B 424 11.67 -10.96 -24.72
CA GLN B 424 11.59 -12.23 -23.99
C GLN B 424 11.19 -12.02 -22.52
N GLU B 425 12.11 -11.50 -21.71
CA GLU B 425 11.85 -11.31 -20.29
C GLU B 425 10.75 -10.26 -20.04
N ASP B 426 9.51 -10.61 -20.36
CA ASP B 426 8.42 -9.62 -20.31
C ASP B 426 7.57 -9.76 -19.05
N HIS B 427 7.87 -10.72 -18.21
CA HIS B 427 7.21 -10.83 -16.91
C HIS B 427 8.16 -11.40 -15.87
N VAL B 428 8.31 -10.69 -14.76
CA VAL B 428 9.20 -11.12 -13.69
C VAL B 428 8.45 -11.07 -12.36
N SER B 429 9.02 -11.71 -11.33
CA SER B 429 8.31 -11.88 -10.07
C SER B 429 8.53 -10.71 -9.10
N MET B 430 9.69 -10.06 -9.19
CA MET B 430 10.09 -9.01 -8.26
C MET B 430 10.06 -9.51 -6.81
N GLY B 431 10.46 -10.76 -6.61
CA GLY B 431 10.36 -11.40 -5.31
C GLY B 431 11.57 -11.21 -4.41
N GLY B 432 12.56 -10.47 -4.91
CA GLY B 432 13.75 -10.18 -4.13
C GLY B 432 13.40 -9.37 -2.90
N PHE B 433 12.56 -8.35 -3.09
CA PHE B 433 12.14 -7.49 -2.00
C PHE B 433 11.09 -8.19 -1.13
N SER B 434 10.34 -9.11 -1.73
CA SER B 434 9.37 -9.91 -0.98
C SER B 434 10.06 -10.71 0.11
N ALA B 435 11.20 -11.28 -0.24
CA ALA B 435 11.96 -12.10 0.70
C ALA B 435 12.58 -11.26 1.80
N ARG B 436 13.11 -10.09 1.43
CA ARG B 436 13.81 -9.23 2.38
C ARG B 436 12.85 -8.58 3.37
N LYS B 437 11.70 -8.12 2.89
CA LYS B 437 10.75 -7.46 3.78
C LYS B 437 10.00 -8.49 4.64
N ALA B 438 9.96 -9.73 4.18
CA ALA B 438 9.41 -10.81 5.00
C ALA B 438 10.27 -11.02 6.25
N ILE B 439 11.59 -11.01 6.05
CA ILE B 439 12.53 -11.14 7.16
C ILE B 439 12.40 -9.96 8.12
N LYS B 440 12.20 -8.76 7.55
CA LYS B 440 12.07 -7.56 8.35
C LYS B 440 10.81 -7.58 9.23
N VAL B 441 9.70 -8.01 8.66
CA VAL B 441 8.45 -8.11 9.41
C VAL B 441 8.60 -9.08 10.59
N VAL B 442 9.18 -10.25 10.34
CA VAL B 442 9.38 -11.24 11.39
C VAL B 442 10.32 -10.71 12.47
N GLU B 443 11.37 -10.03 12.03
CA GLU B 443 12.32 -9.40 12.95
C GLU B 443 11.61 -8.38 13.85
N ASN B 444 10.72 -7.60 13.26
CA ASN B 444 9.93 -6.63 14.02
C ASN B 444 8.97 -7.29 15.00
N VAL B 445 8.29 -8.33 14.54
CA VAL B 445 7.30 -9.02 15.35
C VAL B 445 7.95 -9.75 16.53
N GLU B 446 9.18 -10.23 16.33
CA GLU B 446 9.95 -10.85 17.41
C GLU B 446 10.15 -9.87 18.57
N ARG B 447 10.40 -8.61 18.25
CA ARG B 447 10.60 -7.60 19.26
C ARG B 447 9.29 -7.27 19.96
N ILE B 448 8.21 -7.23 19.20
CA ILE B 448 6.89 -6.97 19.75
C ILE B 448 6.52 -8.03 20.78
N ILE B 449 6.65 -9.29 20.41
CA ILE B 449 6.38 -10.41 21.30
C ILE B 449 7.26 -10.32 22.56
N ALA B 450 8.52 -9.92 22.37
CA ALA B 450 9.44 -9.75 23.49
C ALA B 450 8.94 -8.67 24.46
N ILE B 451 8.43 -7.57 23.90
CA ILE B 451 7.90 -6.49 24.73
C ILE B 451 6.66 -6.97 25.52
N GLU B 452 5.78 -7.72 24.87
CA GLU B 452 4.60 -8.24 25.55
C GLU B 452 5.01 -9.18 26.69
N LEU B 453 5.90 -10.13 26.39
CA LEU B 453 6.36 -11.09 27.39
C LEU B 453 7.03 -10.39 28.56
N LEU B 454 7.83 -9.35 28.26
CA LEU B 454 8.50 -8.58 29.28
C LEU B 454 7.51 -7.86 30.19
N GLY B 455 6.50 -7.26 29.58
CA GLY B 455 5.47 -6.55 30.32
C GLY B 455 4.60 -7.48 31.15
N ALA B 456 4.25 -8.62 30.55
CA ALA B 456 3.39 -9.60 31.22
C ALA B 456 4.07 -10.22 32.44
N CYS B 457 5.39 -10.42 32.35
CA CYS B 457 6.15 -10.98 33.47
C CYS B 457 6.19 -10.02 34.65
N GLN B 458 6.22 -8.72 34.35
CA GLN B 458 6.16 -7.71 35.39
C GLN B 458 4.78 -7.76 36.06
N GLY B 459 3.76 -8.05 35.26
CA GLY B 459 2.42 -8.22 35.79
C GLY B 459 2.37 -9.34 36.80
N ILE B 460 3.05 -10.45 36.50
CA ILE B 460 3.16 -11.58 37.40
C ILE B 460 3.80 -11.16 38.73
N ASP B 461 4.85 -10.36 38.65
CA ASP B 461 5.51 -9.80 39.84
C ASP B 461 4.55 -9.00 40.70
N LEU B 462 3.74 -8.17 40.04
CA LEU B 462 2.78 -7.31 40.72
C LEU B 462 1.65 -8.11 41.38
N LEU B 463 1.48 -9.36 40.97
CA LEU B 463 0.39 -10.17 41.51
C LEU B 463 0.84 -11.12 42.61
N ARG B 464 2.14 -11.18 42.87
CA ARG B 464 2.66 -12.02 43.96
C ARG B 464 1.93 -11.68 45.27
N PRO B 465 1.75 -12.68 46.15
CA PRO B 465 2.28 -14.05 46.11
C PRO B 465 1.50 -15.04 45.23
N LEU B 466 0.60 -14.53 44.39
CA LEU B 466 -0.10 -15.39 43.44
C LEU B 466 0.88 -16.10 42.51
N ARG B 467 0.54 -17.32 42.13
CA ARG B 467 1.36 -18.11 41.22
C ARG B 467 0.56 -18.44 39.97
N THR B 468 1.25 -18.70 38.87
CA THR B 468 0.60 -19.18 37.66
C THR B 468 0.92 -20.65 37.45
N THR B 469 0.65 -21.17 36.25
CA THR B 469 0.87 -22.58 35.98
C THR B 469 2.34 -22.94 36.01
N GLU B 470 2.63 -24.24 36.10
CA GLU B 470 3.99 -24.74 36.14
C GLU B 470 4.83 -24.35 34.91
N PRO B 471 4.28 -24.52 33.69
CA PRO B 471 5.13 -24.11 32.56
C PRO B 471 5.33 -22.60 32.48
N MET B 472 4.32 -21.82 32.87
CA MET B 472 4.41 -20.38 32.79
C MET B 472 5.29 -19.81 33.91
N GLU B 473 5.33 -20.49 35.05
CA GLU B 473 6.23 -20.10 36.11
C GLU B 473 7.68 -20.32 35.70
N LYS B 474 7.91 -21.35 34.89
CA LYS B 474 9.24 -21.64 34.37
C LYS B 474 9.69 -20.60 33.37
N VAL B 475 8.77 -20.16 32.52
CA VAL B 475 9.06 -19.10 31.56
C VAL B 475 9.37 -17.79 32.28
N TRP B 476 8.57 -17.50 33.29
CA TRP B 476 8.76 -16.30 34.09
C TRP B 476 10.15 -16.28 34.74
N SER B 477 10.54 -17.41 35.35
CA SER B 477 11.86 -17.55 35.94
C SER B 477 12.96 -17.38 34.90
N LEU B 478 12.70 -17.89 33.70
CA LEU B 478 13.65 -17.80 32.61
C LEU B 478 13.86 -16.34 32.20
N VAL B 479 12.77 -15.59 32.12
CA VAL B 479 12.82 -14.17 31.79
C VAL B 479 13.52 -13.40 32.90
N ARG B 480 13.22 -13.76 34.15
CA ARG B 480 13.81 -13.09 35.30
C ARG B 480 15.31 -13.34 35.41
N SER B 481 15.82 -14.32 34.67
CA SER B 481 17.25 -14.63 34.70
C SER B 481 18.04 -13.72 33.76
N VAL B 482 17.34 -12.98 32.90
CA VAL B 482 18.00 -12.03 32.00
C VAL B 482 17.47 -10.61 32.23
N SER B 483 16.36 -10.49 32.93
CA SER B 483 15.75 -9.20 33.20
C SER B 483 15.07 -9.17 34.56
N PRO B 484 15.65 -8.42 35.51
CA PRO B 484 15.11 -8.29 36.87
C PRO B 484 13.77 -7.57 36.88
N PRO B 485 12.98 -7.74 37.96
CA PRO B 485 11.70 -7.02 38.02
C PRO B 485 11.90 -5.51 38.03
N TRP B 486 10.87 -4.78 37.63
CA TRP B 486 10.96 -3.34 37.49
C TRP B 486 10.61 -2.63 38.79
N GLU B 487 11.62 -2.34 39.60
CA GLU B 487 11.41 -1.57 40.83
C GLU B 487 11.33 -0.08 40.49
N GLU B 488 12.49 0.55 40.34
CA GLU B 488 12.55 1.92 39.86
C GLU B 488 12.81 1.93 38.36
N ASP B 489 12.70 3.11 37.75
CA ASP B 489 12.91 3.24 36.31
C ASP B 489 14.37 3.01 35.93
N ARG B 490 14.57 2.37 34.79
CA ARG B 490 15.90 2.12 34.25
C ARG B 490 15.86 2.11 32.73
N VAL B 491 17.02 2.00 32.10
CA VAL B 491 17.09 1.98 30.63
C VAL B 491 16.44 0.71 30.09
N ILE B 492 15.30 0.87 29.44
CA ILE B 492 14.43 -0.26 29.14
C ILE B 492 14.75 -0.95 27.80
N ASN B 493 15.47 -0.27 26.92
CA ASN B 493 15.81 -0.87 25.64
C ASN B 493 16.76 -2.06 25.85
N THR B 494 17.51 -2.03 26.95
CA THR B 494 18.36 -3.13 27.33
C THR B 494 17.55 -4.38 27.67
N ASP B 495 16.49 -4.20 28.47
CA ASP B 495 15.61 -5.30 28.82
C ASP B 495 14.91 -5.87 27.59
N ILE B 496 14.41 -4.99 26.72
CA ILE B 496 13.75 -5.41 25.49
C ILE B 496 14.67 -6.27 24.64
N ASP B 497 15.90 -5.81 24.46
CA ASP B 497 16.87 -6.53 23.64
C ASP B 497 17.24 -7.87 24.27
N ASN B 498 17.40 -7.89 25.59
CA ASN B 498 17.72 -9.12 26.30
C ASN B 498 16.62 -10.18 26.18
N VAL B 499 15.37 -9.77 26.32
CA VAL B 499 14.26 -10.70 26.20
C VAL B 499 14.11 -11.16 24.76
N THR B 500 14.43 -10.27 23.81
CA THR B 500 14.42 -10.64 22.41
C THR B 500 15.48 -11.71 22.12
N LYS B 501 16.68 -11.50 22.66
CA LYS B 501 17.75 -12.49 22.55
C LYS B 501 17.31 -13.83 23.15
N LEU B 502 16.62 -13.75 24.28
CA LEU B 502 16.11 -14.94 24.96
C LEU B 502 15.14 -15.72 24.09
N LEU B 503 14.19 -15.02 23.48
CA LEU B 503 13.22 -15.66 22.59
C LEU B 503 13.90 -16.32 21.40
N ARG B 504 14.87 -15.63 20.80
CA ARG B 504 15.55 -16.13 19.61
C ARG B 504 16.46 -17.31 19.93
N SER B 505 16.85 -17.43 21.19
CA SER B 505 17.75 -18.49 21.63
C SER B 505 17.08 -19.87 21.60
N GLY B 506 15.76 -19.90 21.69
CA GLY B 506 15.03 -21.15 21.69
C GLY B 506 14.76 -21.68 23.09
N ALA B 507 15.32 -21.02 24.09
CA ALA B 507 15.21 -21.46 25.47
C ALA B 507 13.78 -21.37 26.00
N VAL B 508 13.04 -20.37 25.53
CA VAL B 508 11.66 -20.19 25.98
C VAL B 508 10.77 -21.33 25.49
N TRP B 509 10.83 -21.64 24.20
CA TRP B 509 10.03 -22.75 23.68
C TRP B 509 10.46 -24.08 24.27
N LYS B 510 11.78 -24.27 24.40
CA LYS B 510 12.32 -25.50 24.97
C LYS B 510 11.77 -25.74 26.38
N THR B 511 11.48 -24.64 27.08
CA THR B 511 10.96 -24.70 28.44
C THR B 511 9.53 -25.25 28.51
N VAL B 512 8.65 -24.76 27.63
CA VAL B 512 7.25 -25.17 27.65
C VAL B 512 6.96 -26.39 26.78
N LYS B 513 7.89 -26.70 25.88
CA LYS B 513 7.74 -27.79 24.91
C LYS B 513 7.15 -29.10 25.47
N PRO B 514 7.70 -29.61 26.60
CA PRO B 514 7.14 -30.90 27.05
C PRO B 514 5.71 -30.83 27.60
N TYR B 515 5.17 -29.64 27.81
CA TYR B 515 3.81 -29.50 28.32
C TYR B 515 2.77 -29.47 27.19
N VAL B 516 3.27 -29.31 25.96
CA VAL B 516 2.40 -29.14 24.80
C VAL B 516 2.27 -30.45 24.00
N PRO B 517 1.02 -30.83 23.67
CA PRO B 517 0.75 -31.98 22.79
C PRO B 517 1.54 -31.89 21.49
N GLU B 518 2.07 -33.02 21.02
CA GLU B 518 2.96 -33.04 19.85
C GLU B 518 2.40 -32.28 18.65
N GLU B 519 1.11 -32.44 18.40
CA GLU B 519 0.48 -31.86 17.22
C GLU B 519 0.43 -30.33 17.30
N ALA B 520 0.47 -29.80 18.51
CA ALA B 520 0.39 -28.36 18.70
C ALA B 520 1.77 -27.70 18.80
N ARG B 521 2.81 -28.44 18.42
CA ARG B 521 4.17 -27.92 18.52
C ARG B 521 4.70 -27.38 17.20
N PHE B 522 3.87 -27.40 16.16
CA PHE B 522 4.25 -26.87 14.85
C PHE B 522 5.46 -27.63 14.29
N LEU B 523 5.34 -28.95 14.20
CA LEU B 523 6.47 -29.79 13.79
C LEU B 523 6.21 -30.58 12.52
N GLY B 524 4.94 -30.65 12.10
CA GLY B 524 4.57 -31.41 10.91
C GLY B 524 5.31 -30.99 9.65
N VAL B 525 5.62 -29.70 9.56
CA VAL B 525 6.27 -29.15 8.38
C VAL B 525 7.75 -29.51 8.27
N LEU B 526 8.30 -30.10 9.35
CA LEU B 526 9.72 -30.40 9.41
C LEU B 526 10.12 -31.63 8.58
N THR B 527 9.14 -32.42 8.15
CA THR B 527 9.42 -33.57 7.29
C THR B 527 8.91 -33.36 5.87
N VAL B 528 9.75 -33.65 4.89
CA VAL B 528 9.42 -33.43 3.49
C VAL B 528 8.37 -34.42 2.99
N LYS B 529 7.25 -33.89 2.52
CA LYS B 529 6.19 -34.73 1.97
C LYS B 529 6.52 -35.10 0.53
N LYS B 530 5.96 -36.22 0.07
CA LYS B 530 6.13 -36.63 -1.32
C LYS B 530 5.47 -35.59 -2.23
N PRO B 531 6.11 -35.29 -3.37
CA PRO B 531 5.59 -34.27 -4.28
C PRO B 531 4.28 -34.70 -4.93
N PHE B 532 3.44 -33.71 -5.28
CA PHE B 532 2.17 -33.98 -5.93
C PHE B 532 2.37 -34.75 -7.22
N GLU B 533 1.45 -35.67 -7.51
CA GLU B 533 1.54 -36.47 -8.72
C GLU B 533 0.22 -36.45 -9.48
N LEU B 534 0.29 -36.11 -10.77
CA LEU B 534 -0.87 -36.10 -11.65
C LEU B 534 -1.55 -37.47 -11.70
N LYS B 535 -2.88 -37.47 -11.66
CA LYS B 535 -3.64 -38.71 -11.83
C LYS B 535 -3.63 -39.16 -13.28
N SER B 536 -3.73 -38.19 -14.18
CA SER B 536 -3.86 -38.45 -15.61
C SER B 536 -2.52 -38.33 -16.32
N LYS B 537 -2.37 -39.09 -17.40
CA LYS B 537 -1.12 -39.14 -18.14
C LYS B 537 -1.07 -38.08 -19.24
N MET B 538 -2.13 -37.28 -19.35
CA MET B 538 -2.17 -36.21 -20.34
C MET B 538 -1.22 -35.07 -19.95
N MET C 7 -26.67 30.24 -13.60
CA MET C 7 -25.32 30.77 -13.73
C MET C 7 -24.73 30.48 -15.12
N ARG C 8 -24.51 31.54 -15.88
CA ARG C 8 -23.85 31.43 -17.18
C ARG C 8 -22.37 31.78 -17.07
N VAL C 9 -21.52 30.77 -17.24
CA VAL C 9 -20.08 30.95 -17.14
C VAL C 9 -19.45 31.16 -18.51
N ILE C 10 -18.61 32.19 -18.63
CA ILE C 10 -17.88 32.44 -19.87
C ILE C 10 -16.47 31.87 -19.79
N LEU C 11 -16.20 30.84 -20.59
CA LEU C 11 -14.91 30.19 -20.58
C LEU C 11 -13.95 30.88 -21.55
N ASP C 12 -12.67 30.90 -21.19
CA ASP C 12 -11.65 31.51 -22.03
C ASP C 12 -10.32 30.76 -21.91
N GLY C 13 -10.34 29.62 -21.24
CA GLY C 13 -9.17 28.77 -21.12
C GLY C 13 -8.12 29.31 -20.16
N CYS C 14 -8.47 30.33 -19.38
CA CYS C 14 -7.50 30.96 -18.48
C CYS C 14 -8.06 31.22 -17.09
N SER C 15 -9.39 31.17 -16.93
CA SER C 15 -10.02 31.67 -15.72
C SER C 15 -10.81 30.64 -14.91
N LEU C 16 -10.77 29.38 -15.32
CA LEU C 16 -11.59 28.37 -14.68
C LEU C 16 -11.00 27.89 -13.35
N THR C 17 -11.82 27.87 -12.31
CA THR C 17 -11.42 27.32 -11.02
C THR C 17 -12.17 26.01 -10.77
N PRO C 18 -11.60 25.13 -9.93
CA PRO C 18 -12.29 23.88 -9.56
C PRO C 18 -13.69 24.12 -9.02
N ASP C 19 -13.87 25.20 -8.26
CA ASP C 19 -15.17 25.49 -7.67
C ASP C 19 -16.22 25.88 -8.72
N VAL C 20 -15.80 26.64 -9.73
CA VAL C 20 -16.73 27.02 -10.80
C VAL C 20 -17.07 25.79 -11.66
N LEU C 21 -16.07 24.95 -11.92
CA LEU C 21 -16.30 23.73 -12.69
C LEU C 21 -17.26 22.78 -11.96
N TYR C 22 -17.07 22.67 -10.64
CA TYR C 22 -17.97 21.86 -9.82
C TYR C 22 -19.40 22.38 -9.93
N ALA C 23 -19.54 23.71 -9.87
CA ALA C 23 -20.86 24.33 -9.98
C ALA C 23 -21.47 24.06 -11.35
N LEU C 24 -20.63 24.09 -12.39
CA LEU C 24 -21.07 23.81 -13.75
C LEU C 24 -21.68 22.42 -13.88
N GLY C 25 -21.18 21.48 -13.09
CA GLY C 25 -21.69 20.13 -13.12
C GLY C 25 -22.86 19.87 -12.19
N TYR C 26 -22.92 20.60 -11.08
CA TYR C 26 -23.88 20.26 -10.03
C TYR C 26 -25.01 21.27 -9.80
N GLU C 27 -24.84 22.50 -10.28
CA GLU C 27 -25.90 23.49 -10.10
C GLU C 27 -26.91 23.48 -11.24
N LYS C 28 -28.18 23.45 -10.88
CA LYS C 28 -29.26 23.46 -11.85
C LYS C 28 -29.25 24.75 -12.66
N GLY C 29 -29.36 24.62 -13.98
CA GLY C 29 -29.43 25.78 -14.85
C GLY C 29 -28.06 26.30 -15.28
N ALA C 30 -27.01 25.55 -14.96
CA ALA C 30 -25.66 25.92 -15.35
C ALA C 30 -25.54 25.97 -16.87
N THR C 31 -24.85 26.99 -17.36
CA THR C 31 -24.65 27.15 -18.79
C THR C 31 -23.27 27.72 -19.08
N ILE C 32 -22.70 27.35 -20.23
CA ILE C 32 -21.40 27.85 -20.62
C ILE C 32 -21.43 28.59 -21.95
N GLU C 33 -20.54 29.58 -22.07
CA GLU C 33 -20.29 30.28 -23.32
C GLU C 33 -18.79 30.49 -23.41
N ILE C 34 -18.28 30.81 -24.60
CA ILE C 34 -16.85 31.09 -24.72
C ILE C 34 -16.63 32.56 -25.10
N SER C 35 -15.51 33.12 -24.65
CA SER C 35 -15.24 34.54 -24.83
C SER C 35 -14.88 34.85 -26.27
N ASP C 36 -14.99 36.14 -26.62
CA ASP C 36 -14.67 36.65 -27.94
C ASP C 36 -13.21 36.38 -28.27
N GLU C 37 -12.33 36.53 -27.28
CA GLU C 37 -10.91 36.32 -27.46
C GLU C 37 -10.61 34.85 -27.74
N ALA C 38 -11.38 33.98 -27.09
CA ALA C 38 -11.26 32.54 -27.31
C ALA C 38 -11.65 32.17 -28.74
N VAL C 39 -12.73 32.78 -29.23
CA VAL C 39 -13.19 32.59 -30.60
C VAL C 39 -12.09 32.99 -31.58
N ALA C 40 -11.46 34.12 -31.32
CA ALA C 40 -10.39 34.63 -32.16
C ALA C 40 -9.20 33.67 -32.20
N ARG C 41 -8.83 33.15 -31.03
CA ARG C 41 -7.72 32.21 -30.94
C ARG C 41 -8.01 30.91 -31.67
N ILE C 42 -9.24 30.43 -31.56
CA ILE C 42 -9.65 29.18 -32.19
C ILE C 42 -9.59 29.27 -33.71
N THR C 43 -10.12 30.36 -34.25
CA THR C 43 -10.12 30.53 -35.71
C THR C 43 -8.72 30.79 -36.25
N ALA C 44 -7.89 31.45 -35.46
CA ALA C 44 -6.52 31.73 -35.84
C ALA C 44 -5.70 30.44 -35.94
N ALA C 45 -5.91 29.56 -34.97
CA ALA C 45 -5.24 28.26 -34.97
C ALA C 45 -5.73 27.40 -36.12
N ARG C 46 -7.03 27.47 -36.41
CA ARG C 46 -7.62 26.66 -37.46
C ARG C 46 -7.14 27.12 -38.84
N ALA C 47 -6.81 28.40 -38.95
CA ALA C 47 -6.28 28.94 -40.20
C ALA C 47 -4.94 28.29 -40.54
N VAL C 48 -4.14 28.02 -39.52
CA VAL C 48 -2.88 27.33 -39.68
C VAL C 48 -3.10 25.93 -40.25
N ILE C 49 -4.04 25.21 -39.66
CA ILE C 49 -4.38 23.86 -40.09
C ILE C 49 -4.90 23.85 -41.53
N ASP C 50 -5.85 24.73 -41.79
CA ASP C 50 -6.44 24.83 -43.12
C ASP C 50 -5.40 25.16 -44.20
N LYS C 51 -4.44 26.00 -43.86
CA LYS C 51 -3.39 26.35 -44.82
C LYS C 51 -2.51 25.14 -45.12
N ILE C 52 -2.16 24.41 -44.07
CA ILE C 52 -1.36 23.19 -44.19
C ILE C 52 -2.05 22.18 -45.11
N VAL C 53 -3.31 21.90 -44.82
CA VAL C 53 -4.09 20.95 -45.60
C VAL C 53 -4.27 21.41 -47.04
N ASN C 54 -4.63 22.66 -47.23
CA ASN C 54 -4.85 23.19 -48.58
C ASN C 54 -3.57 23.29 -49.41
N ASP C 55 -2.44 23.57 -48.77
CA ASP C 55 -1.16 23.63 -49.47
C ASP C 55 -0.56 22.24 -49.64
N ARG C 56 -1.31 21.22 -49.21
CA ARG C 56 -0.88 19.82 -49.30
C ARG C 56 0.51 19.61 -48.70
N GLN C 57 0.76 20.25 -47.56
CA GLN C 57 2.03 20.14 -46.86
C GLN C 57 1.97 19.02 -45.82
N THR C 58 3.05 18.25 -45.74
CA THR C 58 3.09 17.10 -44.83
C THR C 58 3.50 17.51 -43.42
N VAL C 59 2.57 17.38 -42.48
CA VAL C 59 2.84 17.65 -41.07
C VAL C 59 2.27 16.53 -40.20
N TYR C 60 3.12 15.89 -39.41
CA TYR C 60 2.70 14.76 -38.58
C TYR C 60 1.66 15.18 -37.54
N GLY C 61 0.52 14.52 -37.56
CA GLY C 61 -0.59 14.80 -36.66
C GLY C 61 -1.70 15.59 -37.30
N ILE C 62 -1.45 16.12 -38.50
CA ILE C 62 -2.44 16.91 -39.22
C ILE C 62 -3.09 16.12 -40.36
N ASN C 63 -2.30 15.81 -41.38
CA ASN C 63 -2.81 15.13 -42.56
C ASN C 63 -1.97 13.92 -42.97
N THR C 64 -1.24 13.35 -42.02
CA THR C 64 -0.45 12.15 -42.26
C THR C 64 -1.31 10.90 -42.11
N GLY C 65 -0.78 9.88 -41.43
CA GLY C 65 -1.50 8.63 -41.26
C GLY C 65 -1.00 7.78 -40.11
N PHE C 66 -1.28 6.48 -40.18
CA PHE C 66 -0.87 5.55 -39.13
C PHE C 66 -0.09 4.37 -39.70
N THR C 72 4.23 10.59 -45.99
CA THR C 72 2.99 10.07 -46.57
C THR C 72 1.79 10.92 -46.18
N ILE C 73 1.11 11.48 -47.17
CA ILE C 73 -0.03 12.36 -46.92
C ILE C 73 -1.35 11.68 -47.32
N ILE C 74 -2.23 11.49 -46.35
CA ILE C 74 -3.52 10.85 -46.58
C ILE C 74 -4.46 11.78 -47.33
N PRO C 75 -5.04 11.30 -48.44
CA PRO C 75 -5.97 12.06 -49.28
C PRO C 75 -7.22 12.50 -48.52
N PRO C 76 -7.84 13.61 -48.95
CA PRO C 76 -8.99 14.26 -48.28
C PRO C 76 -10.14 13.33 -47.88
N HIS C 77 -10.64 12.53 -48.81
CA HIS C 77 -11.81 11.68 -48.57
C HIS C 77 -11.61 10.67 -47.45
N GLN C 78 -10.35 10.36 -47.15
CA GLN C 78 -10.02 9.37 -46.14
C GLN C 78 -9.52 10.02 -44.85
N LEU C 79 -9.00 11.24 -44.96
CA LEU C 79 -8.59 11.99 -43.78
C LEU C 79 -9.78 12.20 -42.86
N GLU C 80 -10.97 12.33 -43.45
CA GLU C 80 -12.20 12.40 -42.67
C GLU C 80 -12.51 11.06 -42.01
N GLU C 81 -12.33 9.98 -42.77
CA GLU C 81 -12.57 8.64 -42.26
C GLU C 81 -11.62 8.31 -41.11
N LEU C 82 -10.39 8.84 -41.19
CA LEU C 82 -9.39 8.63 -40.16
C LEU C 82 -9.86 9.18 -38.82
N GLN C 83 -10.50 10.34 -38.85
CA GLN C 83 -11.00 10.97 -37.63
C GLN C 83 -12.05 10.08 -36.96
N LEU C 84 -12.97 9.54 -37.75
CA LEU C 84 -14.03 8.67 -37.24
C LEU C 84 -13.47 7.37 -36.68
N ASN C 85 -12.55 6.75 -37.41
CA ASN C 85 -11.90 5.53 -36.95
C ASN C 85 -11.19 5.76 -35.62
N LEU C 86 -10.59 6.94 -35.50
CA LEU C 86 -9.89 7.33 -34.28
C LEU C 86 -10.83 7.34 -33.09
N ILE C 87 -11.94 8.07 -33.21
CA ILE C 87 -12.92 8.19 -32.14
C ILE C 87 -13.52 6.85 -31.74
N ARG C 88 -13.85 6.03 -32.74
CA ARG C 88 -14.50 4.75 -32.51
C ARG C 88 -13.57 3.72 -31.86
N SER C 89 -12.38 3.56 -32.43
CA SER C 89 -11.45 2.56 -31.95
C SER C 89 -10.89 2.92 -30.57
N HIS C 90 -10.93 4.21 -30.22
CA HIS C 90 -10.39 4.67 -28.94
C HIS C 90 -11.47 4.72 -27.85
N SER C 91 -12.72 4.44 -28.24
CA SER C 91 -13.78 4.31 -27.26
C SER C 91 -13.71 2.92 -26.65
N ALA C 92 -12.73 2.73 -25.75
CA ALA C 92 -12.38 1.40 -25.25
C ALA C 92 -12.57 1.27 -23.75
N CYS C 93 -13.25 2.24 -23.14
CA CYS C 93 -13.40 2.25 -21.69
C CYS C 93 -14.49 1.27 -21.24
N VAL C 94 -14.37 0.81 -20.00
CA VAL C 94 -15.28 -0.19 -19.44
C VAL C 94 -15.75 0.21 -18.04
N GLY C 95 -16.73 -0.52 -17.52
CA GLY C 95 -17.23 -0.27 -16.17
C GLY C 95 -18.43 0.65 -16.14
N GLU C 96 -18.81 1.07 -14.94
CA GLU C 96 -19.95 1.97 -14.77
C GLU C 96 -19.64 3.34 -15.35
N PRO C 97 -20.64 3.95 -16.00
CA PRO C 97 -20.47 5.29 -16.56
C PRO C 97 -20.39 6.35 -15.46
N LEU C 98 -19.73 7.47 -15.74
CA LEU C 98 -19.70 8.59 -14.81
C LEU C 98 -21.11 9.06 -14.50
N THR C 99 -21.31 9.63 -13.32
CA THR C 99 -22.56 10.30 -13.00
C THR C 99 -22.75 11.46 -13.98
N PRO C 100 -24.01 11.83 -14.25
CA PRO C 100 -24.30 12.94 -15.18
C PRO C 100 -23.52 14.20 -14.87
N GLU C 101 -23.36 14.52 -13.59
CA GLU C 101 -22.69 15.73 -13.16
C GLU C 101 -21.20 15.71 -13.52
N ARG C 102 -20.57 14.56 -13.32
CA ARG C 102 -19.14 14.42 -13.59
C ARG C 102 -18.85 14.35 -15.09
N ALA C 103 -19.74 13.70 -15.82
CA ALA C 103 -19.62 13.62 -17.27
C ALA C 103 -19.73 15.00 -17.89
N ARG C 104 -20.63 15.82 -17.36
CA ARG C 104 -20.85 17.16 -17.86
C ARG C 104 -19.73 18.11 -17.41
N MET C 105 -19.11 17.82 -16.26
CA MET C 105 -17.93 18.55 -15.83
C MET C 105 -16.78 18.32 -16.83
N MET C 106 -16.61 17.08 -17.24
CA MET C 106 -15.57 16.74 -18.22
C MET C 106 -15.83 17.43 -19.55
N LEU C 107 -17.11 17.54 -19.92
CA LEU C 107 -17.50 18.22 -21.15
C LEU C 107 -17.15 19.70 -21.11
N ALA C 108 -17.53 20.39 -20.03
CA ALA C 108 -17.25 21.81 -19.89
C ALA C 108 -15.74 22.08 -19.84
N LEU C 109 -15.00 21.23 -19.14
CA LEU C 109 -13.56 21.38 -19.04
C LEU C 109 -12.90 21.21 -20.39
N ARG C 110 -13.43 20.28 -21.18
CA ARG C 110 -12.95 20.04 -22.53
C ARG C 110 -13.03 21.32 -23.35
N VAL C 111 -14.17 21.99 -23.25
CA VAL C 111 -14.42 23.23 -23.97
C VAL C 111 -13.45 24.32 -23.52
N ASN C 112 -13.23 24.41 -22.21
CA ASN C 112 -12.33 25.42 -21.66
C ASN C 112 -10.91 25.28 -22.20
N VAL C 113 -10.41 24.06 -22.26
CA VAL C 113 -9.06 23.81 -22.75
C VAL C 113 -8.94 24.18 -24.23
N LEU C 114 -9.97 23.88 -25.01
CA LEU C 114 -10.01 24.22 -26.42
C LEU C 114 -10.00 25.74 -26.62
N CYS C 115 -10.48 26.48 -25.63
CA CYS C 115 -10.53 27.94 -25.70
C CYS C 115 -9.15 28.59 -25.71
N LYS C 116 -8.13 27.84 -25.30
CA LYS C 116 -6.76 28.36 -25.31
C LYS C 116 -6.27 28.51 -26.75
N GLY C 117 -6.89 27.78 -27.66
CA GLY C 117 -6.63 27.93 -29.08
C GLY C 117 -5.33 27.33 -29.57
N HIS C 118 -4.98 26.15 -29.08
CA HIS C 118 -3.76 25.48 -29.52
C HIS C 118 -4.02 24.06 -30.01
N SER C 119 -5.31 23.68 -30.08
CA SER C 119 -5.66 22.34 -30.50
C SER C 119 -5.84 22.24 -32.01
N GLY C 120 -6.24 23.34 -32.63
CA GLY C 120 -6.52 23.34 -34.06
C GLY C 120 -7.93 22.89 -34.38
N ILE C 121 -8.78 22.85 -33.36
CA ILE C 121 -10.18 22.48 -33.52
C ILE C 121 -10.94 23.53 -34.33
N ARG C 122 -11.96 23.12 -35.06
CA ARG C 122 -12.82 24.08 -35.73
C ARG C 122 -13.78 24.72 -34.72
N LEU C 123 -14.19 25.95 -35.02
CA LEU C 123 -15.10 26.69 -34.15
C LEU C 123 -16.47 26.03 -34.08
N GLU C 124 -16.96 25.53 -35.20
CA GLU C 124 -18.28 24.91 -35.27
C GLU C 124 -18.38 23.70 -34.36
N THR C 125 -17.28 22.95 -34.25
CA THR C 125 -17.27 21.76 -33.38
C THR C 125 -17.39 22.16 -31.92
N VAL C 126 -16.68 23.23 -31.53
CA VAL C 126 -16.75 23.73 -30.17
C VAL C 126 -18.16 24.21 -29.84
N GLN C 127 -18.73 24.95 -30.78
CA GLN C 127 -20.09 25.45 -30.69
C GLN C 127 -21.08 24.31 -30.43
N LYS C 128 -20.84 23.17 -31.07
CA LYS C 128 -21.70 22.01 -30.89
C LYS C 128 -21.49 21.36 -29.52
N TYR C 129 -20.24 21.29 -29.06
CA TYR C 129 -19.95 20.84 -27.70
C TYR C 129 -20.65 21.76 -26.69
N LEU C 130 -20.60 23.05 -26.99
CA LEU C 130 -21.21 24.10 -26.20
C LEU C 130 -22.74 23.96 -26.12
N LYS C 131 -23.37 23.83 -27.29
CA LYS C 131 -24.82 23.74 -27.40
C LYS C 131 -25.38 22.47 -26.73
N ALA C 132 -24.66 21.37 -26.85
CA ALA C 132 -25.07 20.11 -26.26
C ALA C 132 -25.10 20.20 -24.73
N PHE C 133 -24.07 20.82 -24.15
CA PHE C 133 -24.03 21.04 -22.71
C PHE C 133 -25.24 21.85 -22.24
N ASN C 134 -25.47 22.99 -22.88
CA ASN C 134 -26.54 23.90 -22.48
C ASN C 134 -27.92 23.28 -22.65
N ALA C 135 -28.04 22.34 -23.59
CA ALA C 135 -29.30 21.66 -23.84
C ALA C 135 -29.56 20.56 -22.82
N GLY C 136 -28.51 20.16 -22.11
CA GLY C 136 -28.64 19.19 -21.05
C GLY C 136 -28.21 17.77 -21.41
N VAL C 137 -27.25 17.64 -22.31
CA VAL C 137 -26.77 16.33 -22.71
C VAL C 137 -26.03 15.65 -21.55
N VAL C 138 -26.18 14.34 -21.45
CA VAL C 138 -25.44 13.55 -20.48
C VAL C 138 -24.59 12.52 -21.22
N PRO C 139 -23.29 12.78 -21.34
CA PRO C 139 -22.39 11.87 -22.05
C PRO C 139 -22.30 10.52 -21.34
N TYR C 140 -22.02 9.46 -22.10
CA TYR C 140 -21.83 8.13 -21.53
C TYR C 140 -20.34 7.84 -21.44
N ILE C 141 -19.78 7.99 -20.25
CA ILE C 141 -18.34 7.84 -20.05
C ILE C 141 -18.00 6.75 -19.05
N PRO C 142 -17.64 5.55 -19.53
CA PRO C 142 -17.21 4.47 -18.63
C PRO C 142 -15.99 4.91 -17.82
N GLU C 143 -16.02 4.64 -16.51
CA GLU C 143 -15.06 5.25 -15.59
C GLU C 143 -13.69 4.57 -15.56
N GLN C 144 -13.58 3.40 -16.18
CA GLN C 144 -12.32 2.67 -16.19
C GLN C 144 -11.73 2.56 -17.59
N GLY C 145 -10.42 2.72 -17.71
CA GLY C 145 -9.76 2.54 -18.99
C GLY C 145 -8.55 3.44 -19.22
N THR C 146 -8.68 4.72 -18.86
CA THR C 146 -7.62 5.68 -19.12
C THR C 146 -6.34 5.36 -18.33
N VAL C 147 -5.19 5.54 -18.99
CA VAL C 147 -3.91 5.44 -18.30
C VAL C 147 -3.29 6.82 -18.15
N GLY C 148 -4.08 7.84 -18.47
CA GLY C 148 -3.69 9.23 -18.27
C GLY C 148 -2.45 9.66 -19.02
N ASP C 150 -6.25 11.35 -21.48
CA ASP C 150 -7.45 10.53 -21.32
C ASP C 150 -8.14 10.26 -22.65
N LEU C 151 -7.47 9.49 -23.50
CA LEU C 151 -7.96 9.17 -24.83
C LEU C 151 -9.33 8.49 -24.82
N GLY C 152 -9.46 7.46 -24.00
CA GLY C 152 -10.70 6.71 -23.87
C GLY C 152 -11.92 7.55 -23.51
N PRO C 153 -11.90 8.17 -22.31
CA PRO C 153 -13.04 8.99 -21.84
C PRO C 153 -13.39 10.10 -22.81
N LEU C 154 -12.38 10.79 -23.34
CA LEU C 154 -12.59 11.89 -24.26
C LEU C 154 -13.15 11.40 -25.61
N SER C 155 -12.79 10.18 -25.99
CA SER C 155 -13.33 9.58 -27.21
C SER C 155 -14.80 9.21 -27.03
N HIS C 156 -15.15 8.68 -25.86
CA HIS C 156 -16.54 8.36 -25.55
C HIS C 156 -17.38 9.64 -25.55
N LEU C 157 -16.78 10.74 -25.13
CA LEU C 157 -17.43 12.04 -25.17
C LEU C 157 -17.70 12.46 -26.62
N ALA C 158 -16.67 12.34 -27.46
CA ALA C 158 -16.79 12.71 -28.87
C ALA C 158 -17.70 11.76 -29.63
N LEU C 159 -17.73 10.50 -29.20
CA LEU C 159 -18.59 9.50 -29.82
C LEU C 159 -20.06 9.90 -29.71
N GLY C 160 -20.46 10.33 -28.52
CA GLY C 160 -21.82 10.79 -28.29
C GLY C 160 -22.14 12.05 -29.07
N MET C 161 -21.14 12.91 -29.22
CA MET C 161 -21.31 14.13 -30.01
C MET C 161 -21.48 13.82 -31.49
N LEU C 162 -21.03 12.64 -31.90
CA LEU C 162 -21.19 12.17 -33.27
C LEU C 162 -22.55 11.52 -33.46
N GLY C 163 -23.29 11.39 -32.36
CA GLY C 163 -24.59 10.74 -32.38
C GLY C 163 -24.47 9.24 -32.38
N GLU C 164 -23.35 8.74 -31.88
CA GLU C 164 -23.11 7.30 -31.81
C GLU C 164 -22.96 6.83 -30.37
N GLY C 165 -23.23 5.55 -30.13
CA GLY C 165 -23.18 5.00 -28.79
C GLY C 165 -24.39 5.42 -27.98
N LEU C 166 -24.17 5.69 -26.69
CA LEU C 166 -25.27 6.04 -25.80
C LEU C 166 -25.20 7.49 -25.31
N LEU C 167 -26.37 8.06 -25.05
CA LEU C 167 -26.48 9.36 -24.41
C LEU C 167 -27.67 9.38 -23.48
N ALA C 168 -27.69 10.33 -22.55
CA ALA C 168 -28.86 10.59 -21.73
C ALA C 168 -29.09 12.10 -21.69
N THR C 169 -30.12 12.52 -20.98
CA THR C 169 -30.37 13.94 -20.77
C THR C 169 -30.64 14.18 -19.29
N LEU C 170 -30.63 15.45 -18.88
CA LEU C 170 -30.91 15.78 -17.50
C LEU C 170 -32.36 15.48 -17.14
N ASN C 171 -33.25 15.59 -18.13
CA ASN C 171 -34.67 15.31 -17.93
C ASN C 171 -34.98 13.81 -18.01
N ASN C 172 -34.11 13.07 -18.68
CA ASN C 172 -34.27 11.63 -18.80
C ASN C 172 -32.89 10.95 -18.78
N LYS C 173 -32.49 10.49 -17.60
CA LYS C 173 -31.12 10.02 -17.40
C LYS C 173 -30.92 8.55 -17.76
N LYS C 174 -31.94 7.94 -18.37
CA LYS C 174 -31.80 6.59 -18.89
C LYS C 174 -31.01 6.64 -20.18
N PHE C 175 -29.84 5.99 -20.18
CA PHE C 175 -28.99 6.00 -21.36
C PHE C 175 -29.65 5.29 -22.53
N ARG C 176 -29.72 5.99 -23.66
CA ARG C 176 -30.38 5.47 -24.84
C ARG C 176 -29.58 5.85 -26.08
N ASP C 177 -30.17 5.64 -27.26
CA ASP C 177 -29.49 5.91 -28.52
C ASP C 177 -29.03 7.37 -28.63
N ALA C 178 -27.74 7.57 -28.84
CA ALA C 178 -27.15 8.90 -28.91
C ALA C 178 -27.75 9.73 -30.04
N GLY C 179 -28.07 9.06 -31.15
CA GLY C 179 -28.65 9.74 -32.29
C GLY C 179 -30.00 10.37 -31.97
N SER C 180 -30.83 9.63 -31.26
CA SER C 180 -32.16 10.12 -30.91
C SER C 180 -32.09 11.21 -29.85
N VAL C 181 -31.13 11.10 -28.93
CA VAL C 181 -30.95 12.11 -27.90
C VAL C 181 -30.56 13.46 -28.51
N LEU C 182 -29.65 13.44 -29.48
CA LEU C 182 -29.26 14.67 -30.16
C LEU C 182 -30.45 15.26 -30.92
N ARG C 183 -31.28 14.37 -31.44
CA ARG C 183 -32.51 14.73 -32.15
CA ARG C 183 -32.51 14.73 -32.15
C ARG C 183 -33.58 15.26 -31.20
N GLU C 184 -33.46 14.89 -29.92
CA GLU C 184 -34.29 15.37 -28.82
C GLU C 184 -33.84 16.76 -28.36
N LEU C 185 -32.56 17.01 -28.38
CA LEU C 185 -32.09 18.32 -27.98
C LEU C 185 -32.08 19.25 -29.19
N GLY C 186 -32.40 18.70 -30.36
CA GLY C 186 -32.37 19.45 -31.60
C GLY C 186 -30.96 19.90 -31.94
N VAL C 187 -29.98 19.10 -31.54
CA VAL C 187 -28.57 19.39 -31.79
C VAL C 187 -28.07 18.58 -33.00
N GLU C 188 -27.31 19.21 -33.87
CA GLU C 188 -26.74 18.49 -35.01
C GLU C 188 -25.39 17.90 -34.61
N PRO C 189 -25.17 16.62 -34.94
CA PRO C 189 -23.92 15.95 -34.57
C PRO C 189 -22.68 16.63 -35.18
N ILE C 190 -21.55 16.50 -34.51
CA ILE C 190 -20.31 17.09 -35.01
C ILE C 190 -19.85 16.38 -36.28
N THR C 191 -19.07 17.09 -37.09
CA THR C 191 -18.36 16.49 -38.22
C THR C 191 -16.89 16.79 -38.03
N LEU C 192 -16.03 15.90 -38.50
CA LEU C 192 -14.61 16.01 -38.19
C LEU C 192 -13.74 16.27 -39.42
N ALA C 193 -13.04 17.41 -39.40
CA ALA C 193 -12.05 17.73 -40.40
C ALA C 193 -10.67 17.30 -39.89
N ALA C 194 -9.62 17.66 -40.61
CA ALA C 194 -8.26 17.31 -40.22
C ALA C 194 -7.93 17.79 -38.82
N LYS C 195 -7.25 16.91 -38.06
CA LYS C 195 -6.76 17.20 -36.70
C LYS C 195 -7.88 17.25 -35.65
N GLU C 196 -9.13 17.34 -36.08
CA GLU C 196 -10.24 17.47 -35.13
C GLU C 196 -10.40 16.25 -34.23
N GLY C 197 -10.09 15.07 -34.76
CA GLY C 197 -10.16 13.84 -33.99
C GLY C 197 -9.21 13.85 -32.79
N LEU C 198 -7.96 14.20 -33.04
CA LEU C 198 -6.97 14.28 -31.96
C LEU C 198 -7.26 15.45 -31.03
N ALA C 199 -7.71 16.56 -31.60
CA ALA C 199 -7.99 17.77 -30.82
C ALA C 199 -9.03 17.51 -29.74
N LEU C 200 -9.97 16.62 -30.03
CA LEU C 200 -11.06 16.33 -29.11
C LEU C 200 -10.68 15.32 -28.03
N ILE C 201 -9.71 14.45 -28.31
CA ILE C 201 -9.42 13.35 -27.38
C ILE C 201 -8.05 13.41 -26.71
N ASN C 202 -7.21 14.36 -27.09
CA ASN C 202 -5.96 14.60 -26.38
C ASN C 202 -6.18 15.47 -25.15
N GLY C 203 -5.75 15.00 -23.99
CA GLY C 203 -5.83 15.82 -22.79
C GLY C 203 -6.04 15.09 -21.49
N THR C 204 -5.97 15.85 -20.40
CA THR C 204 -6.07 15.29 -19.05
C THR C 204 -7.39 15.64 -18.38
N GLN C 205 -8.44 15.81 -19.19
CA GLN C 205 -9.68 16.38 -18.69
C GLN C 205 -10.55 15.41 -17.87
N PHE C 206 -10.36 14.11 -18.04
CA PHE C 206 -11.07 13.14 -17.21
C PHE C 206 -10.50 13.16 -15.80
N ILE C 207 -9.17 13.07 -15.70
CA ILE C 207 -8.47 13.14 -14.43
C ILE C 207 -8.72 14.48 -13.72
N SER C 208 -8.65 15.57 -14.49
CA SER C 208 -8.74 16.90 -13.92
C SER C 208 -10.15 17.31 -13.51
N ALA C 209 -11.16 16.85 -14.25
CA ALA C 209 -12.54 17.15 -13.91
C ALA C 209 -12.93 16.43 -12.63
N LEU C 210 -12.60 15.14 -12.55
CA LEU C 210 -12.84 14.36 -11.35
C LEU C 210 -12.03 14.91 -10.19
N GLY C 211 -10.81 15.34 -10.50
CA GLY C 211 -9.92 15.92 -9.50
C GLY C 211 -10.46 17.24 -8.98
N ALA C 212 -11.14 17.98 -9.85
CA ALA C 212 -11.72 19.26 -9.49
C ALA C 212 -12.80 19.06 -8.42
N GLU C 213 -13.66 18.07 -8.62
CA GLU C 213 -14.68 17.75 -7.63
C GLU C 213 -14.03 17.35 -6.31
N ALA C 214 -13.02 16.50 -6.39
CA ALA C 214 -12.33 16.00 -5.21
C ALA C 214 -11.78 17.13 -4.35
N VAL C 215 -11.02 18.04 -4.96
CA VAL C 215 -10.35 19.08 -4.19
C VAL C 215 -11.34 20.12 -3.68
N VAL C 216 -12.45 20.31 -4.39
CA VAL C 216 -13.51 21.21 -3.92
C VAL C 216 -14.18 20.64 -2.67
N ARG C 217 -14.54 19.36 -2.74
CA ARG C 217 -15.12 18.68 -1.60
C ARG C 217 -14.15 18.60 -0.43
N ALA C 218 -12.86 18.45 -0.76
CA ALA C 218 -11.81 18.36 0.25
C ALA C 218 -11.68 19.67 1.03
N ARG C 219 -11.67 20.78 0.29
CA ARG C 219 -11.56 22.10 0.90
C ARG C 219 -12.73 22.38 1.85
N LYS C 220 -13.92 21.95 1.45
CA LYS C 220 -15.12 22.20 2.23
C LYS C 220 -15.18 21.32 3.47
N ILE C 221 -14.70 20.09 3.37
CA ILE C 221 -14.72 19.18 4.52
C ILE C 221 -13.61 19.56 5.51
N ALA C 222 -12.54 20.18 5.02
CA ALA C 222 -11.46 20.65 5.89
C ALA C 222 -11.98 21.72 6.85
N ARG C 223 -12.79 22.63 6.33
CA ARG C 223 -13.43 23.66 7.16
C ARG C 223 -14.41 23.03 8.15
N LEU C 224 -15.23 22.12 7.65
CA LEU C 224 -16.25 21.45 8.46
C LEU C 224 -15.63 20.58 9.55
N ALA C 225 -14.44 20.03 9.28
CA ALA C 225 -13.73 19.23 10.27
C ALA C 225 -13.43 20.04 11.53
N ASP C 226 -13.15 21.33 11.35
CA ASP C 226 -12.88 22.20 12.47
C ASP C 226 -14.16 22.54 13.24
N VAL C 227 -15.29 22.50 12.55
CA VAL C 227 -16.57 22.73 13.19
C VAL C 227 -16.95 21.53 14.06
N ALA C 228 -16.73 20.33 13.53
CA ALA C 228 -16.99 19.10 14.28
C ALA C 228 -16.09 19.04 15.49
N LEU C 229 -14.81 19.38 15.29
CA LEU C 229 -13.82 19.40 16.36
C LEU C 229 -14.21 20.39 17.45
N ALA C 230 -14.68 21.56 17.06
CA ALA C 230 -15.12 22.58 18.00
C ALA C 230 -16.27 22.06 18.88
N MET C 231 -17.21 21.36 18.25
CA MET C 231 -18.34 20.79 18.99
C MET C 231 -17.86 19.70 19.95
N SER C 232 -16.96 18.83 19.47
CA SER C 232 -16.38 17.78 20.31
C SER C 232 -15.63 18.40 21.48
N HIS C 233 -14.88 19.46 21.18
CA HIS C 233 -14.16 20.23 22.18
C HIS C 233 -15.10 20.68 23.30
N GLU C 234 -16.28 21.13 22.93
CA GLU C 234 -17.27 21.61 23.89
C GLU C 234 -17.93 20.47 24.64
N ALA C 235 -18.28 19.40 23.92
CA ALA C 235 -18.94 18.25 24.52
C ALA C 235 -18.01 17.54 25.49
N LEU C 236 -16.71 17.58 25.21
CA LEU C 236 -15.72 16.92 26.06
C LEU C 236 -15.22 17.87 27.16
N ARG C 237 -15.68 19.12 27.09
CA ARG C 237 -15.29 20.15 28.05
CA ARG C 237 -15.29 20.15 28.05
C ARG C 237 -13.78 20.29 28.15
N ALA C 238 -13.13 20.50 27.01
CA ALA C 238 -11.69 20.67 26.95
C ALA C 238 -11.30 22.13 27.21
N THR C 239 -10.03 22.35 27.50
CA THR C 239 -9.52 23.70 27.73
C THR C 239 -9.13 24.38 26.42
N ASN C 240 -9.12 25.72 26.43
CA ASN C 240 -8.73 26.48 25.25
C ASN C 240 -7.22 26.71 25.18
N SER C 241 -6.50 26.14 26.14
CA SER C 241 -5.06 26.36 26.30
C SER C 241 -4.26 26.10 25.03
N THR C 242 -4.62 25.04 24.31
CA THR C 242 -3.87 24.62 23.12
C THR C 242 -4.12 25.52 21.91
N LEU C 243 -5.04 26.48 22.06
CA LEU C 243 -5.34 27.42 20.98
C LEU C 243 -4.58 28.73 21.15
N ASN C 244 -3.81 28.83 22.23
CA ASN C 244 -2.98 30.00 22.49
C ASN C 244 -2.11 30.33 21.28
N PRO C 245 -2.31 31.52 20.69
CA PRO C 245 -1.62 31.92 19.47
C PRO C 245 -0.09 31.95 19.60
N ASP C 246 0.42 32.03 20.83
CA ASP C 246 1.87 31.96 21.05
C ASP C 246 2.42 30.59 20.67
N ILE C 247 1.63 29.55 20.91
CA ILE C 247 1.99 28.19 20.56
C ILE C 247 2.24 28.05 19.06
N HIS C 248 1.37 28.65 18.27
CA HIS C 248 1.38 28.45 16.83
C HIS C 248 2.24 29.49 16.13
N ARG C 249 2.56 30.57 16.85
CA ARG C 249 3.49 31.58 16.37
C ARG C 249 4.92 31.01 16.30
N VAL C 250 5.23 30.08 17.20
CA VAL C 250 6.57 29.50 17.26
C VAL C 250 6.66 28.15 16.55
N ARG C 251 5.53 27.72 16.01
CA ARG C 251 5.47 26.57 15.11
C ARG C 251 4.70 27.01 13.87
N PRO C 252 5.20 28.05 13.18
CA PRO C 252 4.37 28.91 12.33
C PRO C 252 4.05 28.38 10.93
N HIS C 253 3.71 27.11 10.79
CA HIS C 253 3.18 26.62 9.52
C HIS C 253 1.89 27.38 9.22
N LYS C 254 1.66 27.70 7.95
CA LYS C 254 0.48 28.45 7.57
C LYS C 254 -0.82 27.74 7.97
N GLY C 255 -0.90 26.46 7.67
CA GLY C 255 -2.09 25.68 7.97
C GLY C 255 -2.41 25.61 9.45
N GLN C 256 -1.38 25.33 10.25
CA GLN C 256 -1.54 25.21 11.70
C GLN C 256 -2.04 26.51 12.32
N GLN C 257 -1.48 27.64 11.89
CA GLN C 257 -1.90 28.93 12.40
C GLN C 257 -3.33 29.27 11.98
N LEU C 258 -3.67 28.97 10.73
CA LEU C 258 -4.98 29.26 10.19
C LEU C 258 -6.07 28.41 10.86
N VAL C 259 -5.78 27.13 11.08
CA VAL C 259 -6.72 26.24 11.75
C VAL C 259 -6.98 26.68 13.19
N ALA C 260 -5.91 27.05 13.90
CA ALA C 260 -6.04 27.52 15.27
C ALA C 260 -6.88 28.78 15.34
N GLN C 261 -6.70 29.67 14.38
CA GLN C 261 -7.48 30.92 14.34
C GLN C 261 -8.95 30.62 14.06
N ARG C 262 -9.20 29.66 13.17
CA ARG C 262 -10.54 29.23 12.84
C ARG C 262 -11.24 28.65 14.08
N LEU C 263 -10.50 27.86 14.85
CA LEU C 263 -11.03 27.27 16.08
C LEU C 263 -11.28 28.32 17.17
N ARG C 264 -10.40 29.31 17.25
CA ARG C 264 -10.58 30.38 18.23
C ARG C 264 -11.83 31.20 17.91
N ALA C 265 -12.18 31.29 16.64
CA ALA C 265 -13.39 31.98 16.23
C ALA C 265 -14.65 31.24 16.71
N LEU C 266 -14.60 29.91 16.71
CA LEU C 266 -15.75 29.10 17.05
C LEU C 266 -15.90 28.88 18.54
N LEU C 267 -14.80 29.01 19.28
CA LEU C 267 -14.80 28.69 20.71
C LEU C 267 -14.58 29.89 21.62
N HIS C 268 -14.57 31.11 21.06
CA HIS C 268 -14.39 32.32 21.86
C HIS C 268 -15.70 32.77 22.50
N GLN C 287 -4.22 17.88 30.89
CA GLN C 287 -4.15 18.35 29.51
C GLN C 287 -5.00 17.47 28.59
N ASP C 288 -5.61 18.11 27.59
CA ASP C 288 -6.50 17.41 26.65
C ASP C 288 -5.75 16.37 25.84
N ALA C 289 -6.49 15.42 25.27
CA ALA C 289 -5.92 14.40 24.41
C ALA C 289 -5.34 14.99 23.14
N TYR C 290 -4.43 14.25 22.50
CA TYR C 290 -3.75 14.73 21.30
C TYR C 290 -4.72 14.98 20.14
N SER C 291 -5.76 14.16 20.03
CA SER C 291 -6.72 14.30 18.93
C SER C 291 -7.46 15.64 19.01
N ILE C 292 -7.40 16.29 20.16
CA ILE C 292 -7.92 17.65 20.33
C ILE C 292 -6.79 18.67 20.44
N ARG C 293 -5.81 18.38 21.29
CA ARG C 293 -4.72 19.30 21.56
C ARG C 293 -3.77 19.48 20.36
N CYS C 294 -3.54 18.41 19.61
CA CYS C 294 -2.65 18.46 18.45
C CYS C 294 -3.42 18.64 17.16
N ALA C 295 -4.68 19.02 17.26
CA ALA C 295 -5.52 19.17 16.07
C ALA C 295 -5.02 20.25 15.09
N PRO C 296 -4.59 21.43 15.60
CA PRO C 296 -4.02 22.38 14.64
C PRO C 296 -2.77 21.83 13.94
N GLN C 297 -2.00 21.04 14.66
CA GLN C 297 -0.78 20.46 14.13
C GLN C 297 -1.03 19.31 13.16
N VAL C 298 -2.27 18.81 13.13
CA VAL C 298 -2.63 17.71 12.23
C VAL C 298 -3.54 18.21 11.10
N HIS C 299 -4.58 18.94 11.45
CA HIS C 299 -5.47 19.55 10.45
C HIS C 299 -4.67 20.51 9.57
N GLY C 300 -3.70 21.18 10.17
CA GLY C 300 -2.88 22.17 9.47
C GLY C 300 -2.24 21.65 8.21
N ILE C 301 -1.50 20.54 8.31
CA ILE C 301 -0.81 19.98 7.16
C ILE C 301 -1.82 19.45 6.13
N SER C 302 -2.95 18.94 6.61
CA SER C 302 -4.03 18.52 5.71
C SER C 302 -4.52 19.71 4.89
N ASN C 303 -4.76 20.83 5.56
CA ASN C 303 -5.17 22.07 4.91
C ASN C 303 -4.17 22.53 3.86
N GLU C 304 -2.88 22.46 4.19
CA GLU C 304 -1.84 22.92 3.29
C GLU C 304 -1.69 22.02 2.07
N VAL C 305 -1.90 20.72 2.25
CA VAL C 305 -1.89 19.79 1.13
C VAL C 305 -3.04 20.08 0.18
N ILE C 306 -4.23 20.29 0.75
CA ILE C 306 -5.41 20.64 -0.01
C ILE C 306 -5.21 21.95 -0.78
N GLU C 307 -4.63 22.94 -0.13
CA GLU C 307 -4.37 24.23 -0.76
C GLU C 307 -3.35 24.10 -1.91
N TRP C 308 -2.35 23.25 -1.70
CA TRP C 308 -1.34 23.00 -2.71
C TRP C 308 -1.91 22.29 -3.93
N VAL C 309 -2.69 21.24 -3.67
CA VAL C 309 -3.35 20.49 -4.73
C VAL C 309 -4.28 21.39 -5.53
N TYR C 310 -4.99 22.25 -4.81
CA TYR C 310 -5.91 23.21 -5.43
C TYR C 310 -5.18 24.08 -6.45
N GLY C 311 -3.98 24.53 -6.09
CA GLY C 311 -3.16 25.33 -6.99
C GLY C 311 -2.71 24.56 -8.23
N ILE C 312 -2.25 23.33 -8.02
CA ILE C 312 -1.85 22.47 -9.14
C ILE C 312 -3.00 22.28 -10.12
N LEU C 313 -4.17 21.93 -9.58
CA LEU C 313 -5.33 21.64 -10.41
C LEU C 313 -5.89 22.88 -11.12
N THR C 314 -5.84 24.03 -10.44
CA THR C 314 -6.32 25.27 -11.05
C THR C 314 -5.52 25.59 -12.30
N THR C 315 -4.20 25.38 -12.22
CA THR C 315 -3.34 25.55 -13.39
C THR C 315 -3.73 24.54 -14.47
N GLU C 316 -3.94 23.30 -14.06
CA GLU C 316 -4.21 22.21 -14.99
C GLU C 316 -5.53 22.39 -15.75
N LEU C 317 -6.52 22.99 -15.08
CA LEU C 317 -7.81 23.24 -15.73
C LEU C 317 -7.68 24.25 -16.86
N ASN C 318 -6.61 25.04 -16.82
CA ASN C 318 -6.38 26.08 -17.81
C ASN C 318 -5.09 25.84 -18.61
N CYS C 319 -4.81 24.57 -18.90
CA CYS C 319 -3.62 24.18 -19.65
C CYS C 319 -3.97 23.73 -21.06
N ALA C 320 -3.06 23.95 -22.00
CA ALA C 320 -3.22 23.43 -23.34
C ALA C 320 -2.58 22.04 -23.43
N THR C 321 -3.40 21.02 -23.26
CA THR C 321 -2.93 19.64 -23.18
C THR C 321 -3.04 18.92 -24.52
N ASP C 322 -3.01 19.69 -25.59
CA ASP C 322 -3.20 19.14 -26.93
C ASP C 322 -1.90 18.65 -27.53
N ASN C 323 -2.00 17.83 -28.58
CA ASN C 323 -0.83 17.41 -29.34
C ASN C 323 -1.18 16.91 -30.73
N PRO C 324 -0.48 17.43 -31.76
CA PRO C 324 0.53 18.48 -31.64
C PRO C 324 -0.10 19.86 -31.36
N LEU C 325 0.69 20.75 -30.79
CA LEU C 325 0.20 22.07 -30.41
C LEU C 325 0.30 23.05 -31.57
N VAL C 326 -0.70 23.91 -31.69
CA VAL C 326 -0.73 24.91 -32.75
C VAL C 326 -0.44 26.30 -32.19
N PHE C 327 0.63 26.92 -32.67
CA PHE C 327 1.01 28.27 -32.26
C PHE C 327 1.04 29.21 -33.46
N PRO C 328 -0.07 29.91 -33.70
CA PRO C 328 -0.17 30.81 -34.85
C PRO C 328 0.86 31.93 -34.83
N ASP C 329 1.30 32.33 -33.63
CA ASP C 329 2.27 33.41 -33.50
C ASP C 329 3.65 32.90 -33.09
N GLY C 330 3.85 31.58 -33.17
CA GLY C 330 5.11 30.98 -32.75
C GLY C 330 6.13 30.86 -33.86
N VAL C 331 7.37 30.58 -33.50
CA VAL C 331 8.42 30.35 -34.47
C VAL C 331 8.11 29.09 -35.27
N LYS C 332 7.58 28.08 -34.58
CA LYS C 332 7.01 26.90 -35.23
C LYS C 332 5.51 26.90 -35.00
N LYS C 333 4.74 26.77 -36.08
CA LYS C 333 3.28 26.86 -35.98
C LYS C 333 2.66 25.59 -35.42
N VAL C 334 3.28 24.45 -35.73
CA VAL C 334 2.80 23.16 -35.23
C VAL C 334 3.93 22.41 -34.55
N VAL C 335 3.77 22.17 -33.26
CA VAL C 335 4.84 21.61 -32.44
C VAL C 335 4.39 20.36 -31.68
N SER C 336 5.22 19.32 -31.70
CA SER C 336 4.95 18.12 -30.93
C SER C 336 5.57 18.21 -29.53
N GLY C 337 4.75 18.01 -28.50
CA GLY C 337 5.22 18.04 -27.13
C GLY C 337 4.60 16.94 -26.30
N GLY C 338 4.61 17.11 -24.97
CA GLY C 338 4.07 16.09 -24.08
C GLY C 338 3.09 16.59 -23.05
N ASN C 339 2.33 17.64 -23.39
CA ASN C 339 1.42 18.28 -22.44
C ASN C 339 0.18 17.44 -22.11
N PHE C 340 0.02 16.34 -22.82
CA PHE C 340 -1.10 15.43 -22.60
C PHE C 340 -0.85 14.52 -21.41
N HIS C 341 0.40 14.49 -20.94
CA HIS C 341 0.79 13.57 -19.87
C HIS C 341 0.22 14.05 -18.53
N GLY C 342 -0.55 13.17 -17.88
CA GLY C 342 -1.29 13.56 -16.70
C GLY C 342 -0.59 13.36 -15.37
N GLU C 343 0.74 13.33 -15.37
CA GLU C 343 1.47 13.09 -14.12
C GLU C 343 1.21 14.19 -13.09
N TYR C 344 1.11 15.43 -13.54
CA TYR C 344 0.88 16.55 -12.63
C TYR C 344 -0.44 16.40 -11.85
N PRO C 345 -1.59 16.26 -12.53
CA PRO C 345 -2.79 16.10 -11.69
C PRO C 345 -2.85 14.73 -11.00
N ALA C 346 -2.25 13.70 -11.59
CA ALA C 346 -2.22 12.37 -11.00
C ALA C 346 -1.51 12.38 -9.64
N LYS C 347 -0.30 12.94 -9.63
CA LYS C 347 0.48 13.05 -8.40
C LYS C 347 -0.27 13.86 -7.34
N ALA C 348 -0.86 14.98 -7.77
CA ALA C 348 -1.54 15.88 -6.87
C ALA C 348 -2.73 15.21 -6.20
N LEU C 349 -3.43 14.35 -6.95
CA LEU C 349 -4.61 13.68 -6.43
C LEU C 349 -4.26 12.52 -5.51
N ASP C 350 -3.11 11.89 -5.74
CA ASP C 350 -2.61 10.87 -4.83
C ASP C 350 -2.29 11.50 -3.48
N MET C 351 -1.81 12.73 -3.51
CA MET C 351 -1.42 13.43 -2.29
C MET C 351 -2.62 14.06 -1.61
N LEU C 352 -3.64 14.40 -2.40
CA LEU C 352 -4.89 14.90 -1.84
C LEU C 352 -5.54 13.84 -0.97
N ALA C 353 -5.56 12.61 -1.47
CA ALA C 353 -6.15 11.48 -0.74
C ALA C 353 -5.48 11.30 0.62
N ILE C 354 -4.16 11.34 0.63
CA ILE C 354 -3.39 11.19 1.86
C ILE C 354 -3.68 12.32 2.86
N GLY C 355 -3.76 13.55 2.36
CA GLY C 355 -4.05 14.70 3.18
C GLY C 355 -5.46 14.70 3.77
N VAL C 356 -6.44 14.39 2.92
CA VAL C 356 -7.84 14.33 3.36
C VAL C 356 -8.07 13.19 4.34
N HIS C 357 -7.43 12.05 4.07
CA HIS C 357 -7.52 10.88 4.93
C HIS C 357 -7.24 11.19 6.40
N GLU C 358 -6.27 12.05 6.65
CA GLU C 358 -5.84 12.34 8.02
C GLU C 358 -6.90 13.08 8.81
N LEU C 359 -7.73 13.85 8.11
CA LEU C 359 -8.85 14.53 8.75
C LEU C 359 -9.80 13.52 9.37
N GLY C 360 -10.07 12.45 8.64
CA GLY C 360 -10.95 11.40 9.13
C GLY C 360 -10.27 10.58 10.20
N ASN C 361 -8.96 10.38 10.05
CA ASN C 361 -8.17 9.60 10.98
C ASN C 361 -8.19 10.17 12.40
N ILE C 362 -7.94 11.47 12.53
CA ILE C 362 -7.93 12.11 13.84
C ILE C 362 -9.36 12.34 14.36
N SER C 363 -10.32 12.47 13.44
CA SER C 363 -11.71 12.67 13.80
C SER C 363 -12.28 11.42 14.48
N GLU C 364 -11.93 10.26 13.92
CA GLU C 364 -12.37 8.98 14.45
C GLU C 364 -11.91 8.79 15.90
N ARG C 365 -10.72 9.30 16.22
CA ARG C 365 -10.19 9.22 17.57
C ARG C 365 -11.01 10.09 18.54
N ARG C 366 -11.49 11.23 18.04
CA ARG C 366 -12.32 12.10 18.87
C ARG C 366 -13.71 11.48 19.06
N ILE C 367 -14.16 10.75 18.05
CA ILE C 367 -15.41 9.99 18.15
C ILE C 367 -15.28 8.94 19.25
N GLU C 368 -14.11 8.30 19.29
CA GLU C 368 -13.79 7.32 20.32
C GLU C 368 -13.86 7.94 21.72
N ARG C 369 -13.37 9.17 21.87
CA ARG C 369 -13.39 9.83 23.17
C ARG C 369 -14.81 10.16 23.60
N LEU C 370 -15.65 10.55 22.65
CA LEU C 370 -17.04 10.88 22.93
C LEU C 370 -17.81 9.67 23.48
N ASN C 371 -17.54 8.49 22.93
CA ASN C 371 -18.25 7.27 23.34
C ASN C 371 -17.67 6.63 24.59
N ASN C 372 -16.45 7.01 24.93
CA ASN C 372 -15.75 6.40 26.06
C ASN C 372 -16.05 7.15 27.37
N PRO C 373 -16.74 6.47 28.30
CA PRO C 373 -17.15 7.08 29.57
C PRO C 373 -15.96 7.54 30.42
N THR C 374 -14.86 6.78 30.37
CA THR C 374 -13.64 7.14 31.09
C THR C 374 -13.06 8.44 30.54
N LEU C 375 -13.15 8.62 29.23
CA LEU C 375 -12.51 9.75 28.56
C LEU C 375 -13.42 10.97 28.47
N SER C 376 -14.72 10.73 28.37
CA SER C 376 -15.68 11.79 28.11
C SER C 376 -16.23 12.45 29.37
N ARG C 377 -16.31 11.65 30.45
CA ARG C 377 -17.06 12.02 31.66
C ARG C 377 -18.54 12.24 31.30
N LEU C 378 -18.99 11.48 30.30
CA LEU C 378 -20.37 11.48 29.86
C LEU C 378 -20.90 10.05 29.99
N PRO C 379 -22.23 9.86 29.91
CA PRO C 379 -22.75 8.49 29.81
C PRO C 379 -22.12 7.72 28.66
N ALA C 380 -21.79 6.45 28.88
CA ALA C 380 -21.12 5.64 27.87
C ALA C 380 -21.93 5.58 26.57
N PHE C 381 -21.25 5.82 25.46
CA PHE C 381 -21.86 5.80 24.13
C PHE C 381 -22.98 6.84 23.98
N LEU C 382 -22.85 7.92 24.74
CA LEU C 382 -23.73 9.09 24.64
C LEU C 382 -25.23 8.76 24.79
N VAL C 383 -25.53 7.73 25.58
CA VAL C 383 -26.92 7.42 25.86
C VAL C 383 -27.13 7.24 27.37
N LYS C 384 -28.11 7.95 27.91
CA LYS C 384 -28.51 7.76 29.29
C LYS C 384 -29.38 6.51 29.35
N ASN C 385 -29.54 5.95 30.54
CA ASN C 385 -30.22 4.67 30.71
C ASN C 385 -29.60 3.62 29.78
N GLY C 386 -28.29 3.51 29.85
CA GLY C 386 -27.54 2.63 28.96
C GLY C 386 -27.64 1.16 29.32
N GLY C 387 -28.68 0.80 30.06
CA GLY C 387 -28.93 -0.59 30.37
C GLY C 387 -29.50 -1.31 29.15
N LEU C 388 -30.50 -0.70 28.53
CA LEU C 388 -31.18 -1.29 27.38
C LEU C 388 -30.74 -0.69 26.05
N ASN C 389 -29.86 0.30 26.10
CA ASN C 389 -29.47 1.03 24.89
C ASN C 389 -27.98 0.98 24.59
N SER C 390 -27.63 1.17 23.32
CA SER C 390 -26.24 1.13 22.88
C SER C 390 -25.73 2.47 22.36
N GLY C 391 -26.66 3.38 22.07
CA GLY C 391 -26.30 4.72 21.63
C GLY C 391 -25.54 4.75 20.32
N PHE C 392 -24.47 5.55 20.31
CA PHE C 392 -23.66 5.80 19.12
C PHE C 392 -22.47 4.84 19.02
N MET C 393 -22.56 3.73 19.73
CA MET C 393 -21.50 2.72 19.77
C MET C 393 -21.10 2.22 18.38
N ILE C 394 -22.08 1.79 17.61
CA ILE C 394 -21.83 1.18 16.31
C ILE C 394 -21.56 2.25 15.24
N ALA C 395 -21.93 3.50 15.53
CA ALA C 395 -21.64 4.60 14.61
C ALA C 395 -20.15 4.87 14.57
N HIS C 396 -19.51 4.79 15.74
CA HIS C 396 -18.06 4.88 15.84
C HIS C 396 -17.43 3.75 15.03
N THR C 398 -18.65 2.34 12.36
CA THR C 398 -18.78 2.71 10.96
C THR C 398 -17.67 3.69 10.56
N ALA C 399 -17.37 4.63 11.46
CA ALA C 399 -16.32 5.61 11.20
C ALA C 399 -14.95 4.94 11.09
N ALA C 400 -14.68 4.01 12.00
CA ALA C 400 -13.41 3.28 12.00
C ALA C 400 -13.23 2.48 10.72
N ALA C 401 -14.31 1.87 10.23
CA ALA C 401 -14.26 1.10 8.99
C ALA C 401 -13.92 1.98 7.79
N LEU C 402 -14.46 3.20 7.79
CA LEU C 402 -14.20 4.17 6.72
C LEU C 402 -12.74 4.62 6.72
N VAL C 403 -12.21 4.91 7.91
CA VAL C 403 -10.80 5.28 8.04
C VAL C 403 -9.91 4.15 7.54
N SER C 404 -10.27 2.92 7.91
CA SER C 404 -9.47 1.75 7.58
C SER C 404 -9.37 1.53 6.07
N GLU C 405 -10.49 1.69 5.38
CA GLU C 405 -10.47 1.48 3.93
C GLU C 405 -9.80 2.65 3.23
N ASN C 406 -9.80 3.82 3.86
CA ASN C 406 -9.09 4.97 3.32
C ASN C 406 -7.59 4.75 3.29
N LYS C 407 -7.09 3.90 4.19
CA LYS C 407 -5.66 3.60 4.24
C LYS C 407 -5.19 2.85 3.00
N VAL C 408 -6.06 2.01 2.44
CA VAL C 408 -5.77 1.32 1.20
C VAL C 408 -5.77 2.33 0.04
N TYR C 409 -6.76 3.20 0.03
CA TYR C 409 -6.88 4.24 -0.99
C TYR C 409 -5.76 5.27 -0.92
N CYS C 410 -5.01 5.26 0.18
CA CYS C 410 -3.88 6.18 0.35
C CYS C 410 -2.66 5.75 -0.46
N HIS C 411 -2.68 4.52 -0.96
CA HIS C 411 -1.58 4.06 -1.81
C HIS C 411 -1.61 4.84 -3.12
N PRO C 412 -0.46 5.43 -3.49
CA PRO C 412 -0.38 6.27 -4.70
C PRO C 412 -0.52 5.47 -6.00
N ALA C 413 -1.60 5.70 -6.72
CA ALA C 413 -1.84 5.02 -7.99
C ALA C 413 -0.87 5.49 -9.07
N SER C 414 -0.44 6.75 -9.00
CA SER C 414 0.44 7.33 -9.99
C SER C 414 1.89 6.83 -9.86
N ALA C 415 2.15 6.05 -8.81
CA ALA C 415 3.48 5.50 -8.59
C ALA C 415 3.76 4.36 -9.57
N ASP C 416 2.70 3.88 -10.21
CA ASP C 416 2.81 2.77 -11.15
C ASP C 416 2.75 3.29 -12.58
N SER C 417 3.48 2.61 -13.46
CA SER C 417 3.38 2.86 -14.89
C SER C 417 3.52 1.56 -15.65
N ILE C 418 2.60 1.29 -16.55
CA ILE C 418 2.71 0.12 -17.41
C ILE C 418 2.88 0.60 -18.84
N SER C 419 4.09 0.43 -19.37
CA SER C 419 4.40 0.83 -20.74
C SER C 419 3.52 0.06 -21.72
N THR C 420 2.58 0.78 -22.33
CA THR C 420 1.58 0.17 -23.20
C THR C 420 2.13 -0.09 -24.60
N SER C 421 3.45 -0.04 -24.72
CA SER C 421 4.12 -0.32 -25.98
C SER C 421 5.63 -0.42 -25.77
N ALA C 422 6.25 -1.34 -26.49
CA ALA C 422 7.70 -1.32 -26.66
C ALA C 422 8.01 -0.34 -27.78
N ALA C 423 7.09 0.61 -27.98
CA ALA C 423 7.23 1.67 -28.96
C ALA C 423 7.44 3.02 -28.27
N GLN C 424 6.51 3.96 -28.48
CA GLN C 424 6.70 5.34 -28.05
C GLN C 424 5.98 5.72 -26.76
N GLU C 425 4.83 5.10 -26.49
CA GLU C 425 4.06 5.39 -25.29
C GLU C 425 4.59 4.60 -24.10
N ASP C 426 5.78 4.96 -23.62
CA ASP C 426 6.52 4.09 -22.72
C ASP C 426 6.45 4.55 -21.26
N HIS C 427 5.78 5.67 -21.01
CA HIS C 427 5.52 6.10 -19.64
C HIS C 427 4.18 6.82 -19.55
N VAL C 428 3.33 6.35 -18.64
CA VAL C 428 2.01 6.94 -18.46
C VAL C 428 1.80 7.24 -16.98
N SER C 429 0.78 8.05 -16.68
CA SER C 429 0.58 8.54 -15.32
C SER C 429 -0.28 7.61 -14.45
N MET C 430 -1.19 6.88 -15.09
CA MET C 430 -2.16 6.03 -14.39
C MET C 430 -2.97 6.84 -13.38
N GLY C 431 -3.30 8.07 -13.74
CA GLY C 431 -3.97 8.98 -12.83
C GLY C 431 -5.49 8.90 -12.83
N GLY C 432 -6.03 8.01 -13.65
CA GLY C 432 -7.46 7.81 -13.72
C GLY C 432 -8.00 7.32 -12.39
N PHE C 433 -7.30 6.35 -11.81
CA PHE C 433 -7.70 5.78 -10.53
C PHE C 433 -7.33 6.72 -9.37
N SER C 434 -6.31 7.54 -9.57
CA SER C 434 -5.93 8.55 -8.58
C SER C 434 -7.08 9.53 -8.35
N ALA C 435 -7.72 9.93 -9.44
CA ALA C 435 -8.83 10.87 -9.36
C ALA C 435 -10.06 10.24 -8.71
N ARG C 436 -10.34 8.99 -9.06
CA ARG C 436 -11.54 8.31 -8.57
C ARG C 436 -11.43 7.97 -7.09
N LYS C 437 -10.26 7.49 -6.66
CA LYS C 437 -10.11 7.12 -5.26
C LYS C 437 -9.96 8.36 -4.38
N ALA C 438 -9.55 9.48 -4.97
CA ALA C 438 -9.52 10.75 -4.23
C ALA C 438 -10.94 11.15 -3.87
N ILE C 439 -11.87 11.02 -4.81
CA ILE C 439 -13.27 11.32 -4.56
C ILE C 439 -13.84 10.39 -3.50
N LYS C 440 -13.44 9.12 -3.54
CA LYS C 440 -13.91 8.12 -2.59
C LYS C 440 -13.45 8.43 -1.16
N VAL C 441 -12.19 8.81 -1.01
CA VAL C 441 -11.65 9.16 0.30
C VAL C 441 -12.40 10.35 0.89
N VAL C 442 -12.62 11.39 0.09
CA VAL C 442 -13.34 12.57 0.57
C VAL C 442 -14.78 12.23 0.92
N GLU C 443 -15.41 11.39 0.10
CA GLU C 443 -16.75 10.91 0.36
C GLU C 443 -16.83 10.18 1.70
N ASN C 444 -15.83 9.34 1.97
CA ASN C 444 -15.74 8.63 3.23
C ASN C 444 -15.52 9.55 4.42
N VAL C 445 -14.62 10.52 4.26
CA VAL C 445 -14.27 11.44 5.33
C VAL C 445 -15.45 12.35 5.68
N GLU C 446 -16.26 12.69 4.68
CA GLU C 446 -17.47 13.47 4.90
C GLU C 446 -18.42 12.77 5.87
N ARG C 447 -18.51 11.46 5.75
CA ARG C 447 -19.38 10.67 6.63
C ARG C 447 -18.79 10.60 8.03
N ILE C 448 -17.48 10.48 8.11
CA ILE C 448 -16.78 10.44 9.39
C ILE C 448 -17.03 11.72 10.18
N ILE C 449 -16.81 12.86 9.52
CA ILE C 449 -17.05 14.16 10.13
C ILE C 449 -18.52 14.29 10.57
N ALA C 450 -19.43 13.76 9.76
CA ALA C 450 -20.85 13.77 10.09
C ALA C 450 -21.12 12.99 11.37
N ILE C 451 -20.48 11.83 11.49
CA ILE C 451 -20.65 11.00 12.69
C ILE C 451 -20.10 11.72 13.93
N GLU C 452 -18.95 12.37 13.80
CA GLU C 452 -18.40 13.12 14.93
C GLU C 452 -19.33 14.25 15.35
N LEU C 453 -19.78 15.04 14.37
CA LEU C 453 -20.67 16.16 14.64
C LEU C 453 -21.98 15.69 15.28
N LEU C 454 -22.50 14.56 14.80
CA LEU C 454 -23.72 13.98 15.33
C LEU C 454 -23.54 13.56 16.79
N GLY C 455 -22.41 12.91 17.08
CA GLY C 455 -22.11 12.46 18.42
C GLY C 455 -21.85 13.61 19.37
N ALA C 456 -21.12 14.62 18.88
CA ALA C 456 -20.78 15.77 19.71
C ALA C 456 -22.01 16.59 20.08
N CYS C 457 -22.98 16.68 19.17
CA CYS C 457 -24.21 17.42 19.44
C CYS C 457 -25.03 16.73 20.52
N GLN C 458 -24.97 15.41 20.56
CA GLN C 458 -25.64 14.66 21.62
C GLN C 458 -24.96 14.94 22.95
N GLY C 459 -23.64 15.13 22.90
CA GLY C 459 -22.88 15.52 24.07
C GLY C 459 -23.37 16.83 24.64
N ILE C 460 -23.64 17.79 23.75
CA ILE C 460 -24.18 19.08 24.13
C ILE C 460 -25.53 18.92 24.85
N ASP C 461 -26.37 18.03 24.34
CA ASP C 461 -27.66 17.74 24.96
C ASP C 461 -27.48 17.20 26.38
N LEU C 462 -26.51 16.30 26.53
CA LEU C 462 -26.23 15.68 27.82
C LEU C 462 -25.68 16.68 28.84
N LEU C 463 -25.20 17.83 28.37
CA LEU C 463 -24.60 18.81 29.25
C LEU C 463 -25.54 19.95 29.62
N ARG C 464 -26.73 19.97 29.02
CA ARG C 464 -27.74 20.98 29.35
C ARG C 464 -27.97 21.00 30.86
N PRO C 465 -28.29 22.18 31.42
CA PRO C 465 -28.58 23.46 30.78
C PRO C 465 -27.35 24.28 30.36
N LEU C 466 -26.17 23.67 30.37
CA LEU C 466 -24.97 24.34 29.89
C LEU C 466 -25.13 24.76 28.44
N ARG C 467 -24.53 25.90 28.09
CA ARG C 467 -24.56 26.40 26.72
C ARG C 467 -23.14 26.50 26.18
N THR C 468 -23.01 26.47 24.85
CA THR C 468 -21.72 26.70 24.23
C THR C 468 -21.73 28.08 23.56
N THR C 469 -20.75 28.33 22.69
CA THR C 469 -20.64 29.64 22.05
C THR C 469 -21.79 29.89 21.09
N GLU C 470 -21.98 31.15 20.70
CA GLU C 470 -23.04 31.53 19.80
C GLU C 470 -22.98 30.83 18.44
N PRO C 471 -21.79 30.77 17.79
CA PRO C 471 -21.81 30.06 16.51
C PRO C 471 -22.04 28.56 16.66
N MET C 472 -21.53 27.97 17.73
CA MET C 472 -21.68 26.52 17.93
C MET C 472 -23.10 26.16 18.37
N GLU C 473 -23.75 27.06 19.08
CA GLU C 473 -25.15 26.87 19.43
C GLU C 473 -26.03 26.88 18.18
N LYS C 474 -25.64 27.69 17.20
CA LYS C 474 -26.36 27.77 15.93
C LYS C 474 -26.19 26.49 15.11
N VAL C 475 -24.98 25.94 15.13
CA VAL C 475 -24.70 24.69 14.44
C VAL C 475 -25.49 23.55 15.09
N TRP C 476 -25.50 23.54 16.42
CA TRP C 476 -26.24 22.54 17.17
C TRP C 476 -27.73 22.57 16.82
N SER C 477 -28.31 23.77 16.81
CA SER C 477 -29.71 23.94 16.42
C SER C 477 -29.95 23.46 15.00
N LEU C 478 -28.98 23.72 14.13
CA LEU C 478 -29.08 23.32 12.74
C LEU C 478 -29.11 21.79 12.62
N VAL C 479 -28.25 21.13 13.39
CA VAL C 479 -28.21 19.67 13.42
C VAL C 479 -29.50 19.11 14.00
N ARG C 480 -29.99 19.75 15.06
CA ARG C 480 -31.21 19.31 15.73
C ARG C 480 -32.45 19.48 14.84
N SER C 481 -32.32 20.23 13.76
CA SER C 481 -33.44 20.43 12.84
C SER C 481 -33.56 19.29 11.83
N VAL C 482 -32.55 18.43 11.78
CA VAL C 482 -32.60 17.26 10.90
C VAL C 482 -32.44 15.97 11.69
N SER C 483 -31.99 16.09 12.93
CA SER C 483 -31.77 14.93 13.78
C SER C 483 -32.06 15.25 15.25
N PRO C 484 -33.16 14.69 15.78
CA PRO C 484 -33.57 14.91 17.17
C PRO C 484 -32.57 14.30 18.16
N PRO C 485 -32.59 14.76 19.42
CA PRO C 485 -31.68 14.17 20.41
C PRO C 485 -31.96 12.68 20.62
N TRP C 486 -30.96 11.96 21.11
CA TRP C 486 -31.06 10.52 21.25
C TRP C 486 -31.62 10.14 22.61
N GLU C 487 -32.93 9.96 22.69
CA GLU C 487 -33.56 9.50 23.92
C GLU C 487 -33.41 7.99 24.04
N GLU C 488 -34.28 7.25 23.36
CA GLU C 488 -34.14 5.80 23.26
C GLU C 488 -33.46 5.45 21.94
N ASP C 489 -33.09 4.19 21.80
CA ASP C 489 -32.40 3.72 20.60
C ASP C 489 -33.31 3.76 19.37
N ARG C 490 -32.72 4.12 18.23
CA ARG C 490 -33.44 4.14 16.96
C ARG C 490 -32.47 3.82 15.82
N VAL C 491 -32.99 3.70 14.60
CA VAL C 491 -32.16 3.39 13.44
C VAL C 491 -31.22 4.57 13.15
N ILE C 492 -29.93 4.34 13.38
CA ILE C 492 -28.97 5.44 13.44
C ILE C 492 -28.35 5.79 12.07
N ASN C 493 -28.45 4.89 11.11
CA ASN C 493 -27.90 5.17 9.79
C ASN C 493 -28.68 6.30 9.11
N THR C 494 -29.93 6.45 9.51
CA THR C 494 -30.77 7.55 9.04
C THR C 494 -30.22 8.89 9.53
N ASP C 495 -29.88 8.97 10.81
CA ASP C 495 -29.32 10.19 11.38
C ASP C 495 -27.97 10.53 10.75
N ILE C 496 -27.12 9.51 10.57
CA ILE C 496 -25.81 9.70 9.95
C ILE C 496 -25.96 10.28 8.54
N ASP C 497 -26.86 9.69 7.75
CA ASP C 497 -27.07 10.15 6.39
C ASP C 497 -27.64 11.56 6.35
N ASN C 498 -28.57 11.87 7.26
CA ASN C 498 -29.15 13.20 7.34
C ASN C 498 -28.13 14.29 7.68
N VAL C 499 -27.25 13.99 8.63
CA VAL C 499 -26.23 14.96 9.03
C VAL C 499 -25.20 15.10 7.90
N THR C 500 -24.95 14.01 7.18
CA THR C 500 -24.06 14.05 6.04
C THR C 500 -24.64 14.94 4.95
N LYS C 501 -25.93 14.78 4.67
CA LYS C 501 -26.63 15.65 3.72
C LYS C 501 -26.54 17.11 4.15
N LEU C 502 -26.68 17.34 5.46
CA LEU C 502 -26.61 18.68 6.03
C LEU C 502 -25.25 19.32 5.78
N LEU C 503 -24.18 18.57 6.04
CA LEU C 503 -22.82 19.05 5.81
C LEU C 503 -22.59 19.40 4.34
N ARG C 504 -23.04 18.52 3.46
CA ARG C 504 -22.82 18.70 2.03
C ARG C 504 -23.64 19.85 1.46
N SER C 505 -24.71 20.22 2.16
CA SER C 505 -25.60 21.28 1.71
C SER C 505 -24.96 22.66 1.79
N GLY C 506 -23.96 22.81 2.67
CA GLY C 506 -23.28 24.07 2.83
C GLY C 506 -23.87 24.92 3.95
N ALA C 507 -24.98 24.45 4.51
CA ALA C 507 -25.70 25.20 5.54
C ALA C 507 -24.88 25.32 6.83
N VAL C 508 -24.09 24.31 7.15
CA VAL C 508 -23.29 24.33 8.37
C VAL C 508 -22.20 25.39 8.29
N TRP C 509 -21.44 25.40 7.20
CA TRP C 509 -20.41 26.42 7.04
C TRP C 509 -21.00 27.82 6.94
N LYS C 510 -22.10 27.94 6.20
CA LYS C 510 -22.78 29.23 6.04
C LYS C 510 -23.18 29.81 7.40
N THR C 511 -23.47 28.91 8.35
CA THR C 511 -23.88 29.31 9.69
C THR C 511 -22.75 29.95 10.49
N VAL C 512 -21.56 29.36 10.45
CA VAL C 512 -20.42 29.87 11.24
C VAL C 512 -19.57 30.88 10.48
N LYS C 513 -19.73 30.92 9.16
CA LYS C 513 -18.94 31.77 8.27
C LYS C 513 -18.72 33.21 8.78
N PRO C 514 -19.79 33.91 9.20
CA PRO C 514 -19.52 35.30 9.60
C PRO C 514 -18.74 35.47 10.91
N TYR C 515 -18.52 34.40 11.65
CA TYR C 515 -17.76 34.47 12.90
C TYR C 515 -16.27 34.26 12.67
N VAL C 516 -15.92 33.80 11.46
CA VAL C 516 -14.54 33.45 11.14
C VAL C 516 -13.85 34.55 10.34
N PRO C 517 -12.63 34.94 10.75
CA PRO C 517 -11.80 35.88 10.00
C PRO C 517 -11.64 35.45 8.54
N GLU C 518 -11.68 36.40 7.61
CA GLU C 518 -11.67 36.11 6.18
C GLU C 518 -10.56 35.14 5.76
N GLU C 519 -9.38 35.34 6.33
CA GLU C 519 -8.21 34.56 5.93
C GLU C 519 -8.33 33.09 6.35
N ALA C 520 -9.14 32.83 7.37
CA ALA C 520 -9.31 31.48 7.89
C ALA C 520 -10.52 30.76 7.27
N ARG C 521 -11.06 31.31 6.19
CA ARG C 521 -12.24 30.74 5.54
C ARG C 521 -11.90 29.89 4.33
N PHE C 522 -10.60 29.73 4.04
CA PHE C 522 -10.15 28.91 2.92
C PHE C 522 -10.70 29.43 1.59
N LEU C 523 -10.45 30.71 1.30
CA LEU C 523 -11.03 31.36 0.12
C LEU C 523 -9.99 31.86 -0.86
N GLY C 524 -8.72 31.93 -0.43
CA GLY C 524 -7.66 32.44 -1.27
C GLY C 524 -7.51 31.70 -2.60
N VAL C 525 -7.80 30.40 -2.57
CA VAL C 525 -7.63 29.55 -3.75
C VAL C 525 -8.72 29.77 -4.80
N LEU C 526 -9.75 30.54 -4.45
CA LEU C 526 -10.89 30.75 -5.34
C LEU C 526 -10.61 31.73 -6.47
N THR C 527 -9.51 32.47 -6.38
CA THR C 527 -9.12 33.39 -7.44
C THR C 527 -7.87 32.91 -8.18
N VAL C 528 -7.92 32.91 -9.51
CA VAL C 528 -6.83 32.41 -10.32
C VAL C 528 -5.62 33.34 -10.30
N LYS C 529 -4.48 32.81 -9.84
CA LYS C 529 -3.24 33.58 -9.81
C LYS C 529 -2.60 33.60 -11.19
N LYS C 530 -1.79 34.62 -11.45
CA LYS C 530 -1.04 34.70 -12.70
C LYS C 530 -0.06 33.54 -12.77
N PRO C 531 0.10 32.96 -13.97
CA PRO C 531 0.99 31.80 -14.12
C PRO C 531 2.46 32.16 -13.91
N PHE C 532 3.25 31.19 -13.45
CA PHE C 532 4.67 31.41 -13.22
C PHE C 532 5.36 31.84 -14.51
N GLU C 533 6.33 32.75 -14.37
CA GLU C 533 7.06 33.25 -15.52
C GLU C 533 8.57 33.15 -15.29
N LEU C 534 9.26 32.55 -16.25
CA LEU C 534 10.71 32.42 -16.22
C LEU C 534 11.39 33.78 -16.14
N LYS C 535 12.43 33.90 -15.30
CA LYS C 535 13.22 35.12 -15.23
C LYS C 535 14.13 35.23 -16.45
N SER C 536 14.66 34.10 -16.90
CA SER C 536 15.62 34.09 -18.01
C SER C 536 14.96 33.64 -19.31
N LYS C 537 15.54 34.07 -20.43
CA LYS C 537 14.98 33.80 -21.74
C LYS C 537 15.62 32.55 -22.38
N MET C 538 16.47 31.86 -21.63
CA MET C 538 17.09 30.63 -22.11
C MET C 538 16.09 29.46 -22.08
N MET D 7 34.18 24.97 9.07
CA MET D 7 32.82 25.48 9.04
C MET D 7 32.23 25.59 10.44
N ARG D 8 32.00 26.82 10.88
CA ARG D 8 31.35 27.07 12.16
C ARG D 8 30.00 27.75 11.97
N VAL D 9 28.93 27.00 12.28
CA VAL D 9 27.58 27.51 12.11
C VAL D 9 27.03 28.08 13.42
N ILE D 10 26.47 29.28 13.36
CA ILE D 10 25.84 29.90 14.52
C ILE D 10 24.33 29.67 14.50
N LEU D 11 23.85 28.90 15.46
CA LEU D 11 22.43 28.55 15.56
C LEU D 11 21.66 29.59 16.36
N ASP D 12 20.43 29.89 15.94
CA ASP D 12 19.59 30.84 16.66
C ASP D 12 18.13 30.43 16.63
N GLY D 13 17.87 29.21 16.15
CA GLY D 13 16.52 28.67 16.12
C GLY D 13 15.62 29.28 15.07
N CYS D 14 16.19 30.05 14.16
CA CYS D 14 15.39 30.74 13.14
C CYS D 14 15.97 30.63 11.74
N SER D 15 17.23 30.24 11.62
CA SER D 15 17.96 30.38 10.36
C SER D 15 18.47 29.08 9.75
N LEU D 16 18.14 27.94 10.36
CA LEU D 16 18.68 26.67 9.89
C LEU D 16 17.97 26.15 8.65
N THR D 17 18.75 25.77 7.64
CA THR D 17 18.21 25.13 6.44
C THR D 17 18.61 23.66 6.43
N PRO D 18 17.83 22.82 5.72
CA PRO D 18 18.20 21.40 5.58
C PRO D 18 19.61 21.20 5.03
N ASP D 19 20.03 22.07 4.12
CA ASP D 19 21.35 21.94 3.52
C ASP D 19 22.48 22.24 4.52
N VAL D 20 22.28 23.23 5.38
CA VAL D 20 23.28 23.53 6.40
C VAL D 20 23.33 22.43 7.45
N LEU D 21 22.16 21.88 7.82
CA LEU D 21 22.09 20.79 8.78
C LEU D 21 22.79 19.54 8.23
N TYR D 22 22.57 19.26 6.95
CA TYR D 22 23.22 18.15 6.28
C TYR D 22 24.74 18.32 6.34
N ALA D 23 25.21 19.54 6.06
CA ALA D 23 26.63 19.85 6.12
C ALA D 23 27.18 19.66 7.52
N LEU D 24 26.39 20.05 8.53
CA LEU D 24 26.77 19.90 9.93
C LEU D 24 27.03 18.44 10.30
N GLY D 25 26.31 17.54 9.64
CA GLY D 25 26.48 16.12 9.90
C GLY D 25 27.54 15.45 9.04
N TYR D 26 27.75 15.95 7.84
CA TYR D 26 28.59 15.23 6.87
C TYR D 26 29.92 15.89 6.51
N GLU D 27 30.07 17.19 6.81
CA GLU D 27 31.31 17.90 6.49
C GLU D 27 32.33 17.83 7.62
N LYS D 28 33.54 17.40 7.30
CA LYS D 28 34.60 17.30 8.30
C LYS D 28 34.92 18.67 8.89
N GLY D 29 35.02 18.73 10.21
CA GLY D 29 35.37 19.97 10.89
C GLY D 29 34.18 20.85 11.20
N ALA D 30 32.98 20.33 10.97
CA ALA D 30 31.76 21.08 11.27
C ALA D 30 31.67 21.40 12.76
N THR D 31 31.26 22.61 13.08
CA THR D 31 31.12 23.05 14.46
C THR D 31 29.93 23.97 14.63
N ILE D 32 29.30 23.93 15.80
CA ILE D 32 28.16 24.79 16.07
C ILE D 32 28.40 25.70 17.27
N GLU D 33 27.77 26.87 17.21
CA GLU D 33 27.72 27.81 18.33
C GLU D 33 26.31 28.38 18.36
N ILE D 34 25.91 29.00 19.46
CA ILE D 34 24.59 29.63 19.50
C ILE D 34 24.73 31.14 19.64
N SER D 35 23.77 31.88 19.07
CA SER D 35 23.84 33.33 19.02
C SER D 35 23.60 33.95 20.39
N ASP D 36 24.02 35.22 20.55
CA ASP D 36 23.83 35.92 21.81
C ASP D 36 22.36 36.14 22.14
N GLU D 37 21.55 36.31 21.10
CA GLU D 37 20.11 36.51 21.26
C GLU D 37 19.44 35.20 21.69
N ALA D 38 20.01 34.07 21.26
CA ALA D 38 19.55 32.76 21.69
C ALA D 38 19.86 32.55 23.17
N VAL D 39 21.07 32.95 23.58
CA VAL D 39 21.49 32.88 24.98
C VAL D 39 20.53 33.68 25.86
N ALA D 40 20.18 34.87 25.40
CA ALA D 40 19.28 35.75 26.13
C ALA D 40 17.90 35.11 26.30
N ARG D 41 17.39 34.52 25.23
CA ARG D 41 16.09 33.87 25.25
C ARG D 41 16.07 32.67 26.19
N ILE D 42 17.15 31.90 26.18
CA ILE D 42 17.24 30.70 27.00
C ILE D 42 17.24 31.04 28.48
N THR D 43 18.03 32.05 28.88
CA THR D 43 18.10 32.45 30.28
C THR D 43 16.81 33.12 30.74
N ALA D 44 16.14 33.83 29.83
CA ALA D 44 14.88 34.49 30.14
C ALA D 44 13.78 33.46 30.41
N ALA D 45 13.75 32.40 29.60
CA ALA D 45 12.80 31.32 29.79
C ALA D 45 13.09 30.56 31.08
N ARG D 46 14.37 30.37 31.37
CA ARG D 46 14.77 29.62 32.56
C ARG D 46 14.44 30.39 33.84
N ALA D 47 14.41 31.71 33.74
CA ALA D 47 14.05 32.57 34.87
C ALA D 47 12.60 32.32 35.28
N VAL D 48 11.75 32.07 34.29
CA VAL D 48 10.35 31.75 34.53
C VAL D 48 10.24 30.44 35.33
N ILE D 49 10.97 29.44 34.87
CA ILE D 49 10.98 28.13 35.52
C ILE D 49 11.51 28.23 36.95
N ASP D 50 12.65 28.89 37.10
CA ASP D 50 13.28 29.05 38.41
C ASP D 50 12.35 29.78 39.39
N LYS D 51 11.57 30.73 38.91
CA LYS D 51 10.62 31.44 39.77
C LYS D 51 9.49 30.54 40.22
N ILE D 52 8.94 29.78 39.28
CA ILE D 52 7.88 28.82 39.60
C ILE D 52 8.33 27.81 40.65
N VAL D 53 9.54 27.27 40.48
CA VAL D 53 10.08 26.29 41.42
C VAL D 53 10.38 26.91 42.77
N ASN D 54 11.03 28.07 42.77
CA ASN D 54 11.40 28.75 44.01
C ASN D 54 10.19 29.22 44.80
N ASP D 55 9.18 29.70 44.09
CA ASP D 55 7.95 30.16 44.74
C ASP D 55 7.04 29.01 45.11
N ARG D 56 7.51 27.78 44.87
CA ARG D 56 6.76 26.56 45.17
C ARG D 56 5.36 26.59 44.58
N GLN D 57 5.26 27.10 43.35
CA GLN D 57 3.99 27.18 42.65
C GLN D 57 3.75 25.93 41.80
N THR D 58 2.52 25.43 41.81
CA THR D 58 2.19 24.20 41.09
C THR D 58 1.87 24.46 39.63
N VAL D 59 2.73 23.96 38.75
CA VAL D 59 2.51 24.06 37.31
C VAL D 59 2.77 22.72 36.64
N TYR D 60 1.78 22.20 35.92
CA TYR D 60 1.90 20.91 35.24
C TYR D 60 3.04 20.89 34.22
N GLY D 61 3.96 19.95 34.40
CA GLY D 61 5.07 19.81 33.49
C GLY D 61 6.36 20.40 34.02
N ILE D 62 6.23 21.20 35.08
CA ILE D 62 7.36 21.90 35.69
C ILE D 62 7.80 21.24 36.99
N ASN D 63 6.95 21.33 38.02
CA ASN D 63 7.26 20.72 39.30
C ASN D 63 6.22 19.71 39.76
N THR D 64 5.34 19.32 38.85
CA THR D 64 4.35 18.28 39.13
C THR D 64 4.88 16.89 38.82
N GLY D 65 4.13 15.88 39.24
CA GLY D 65 4.48 14.49 38.98
C GLY D 65 3.70 13.93 37.82
N PHE D 66 3.60 12.61 37.75
CA PHE D 66 2.91 11.94 36.65
C PHE D 66 1.61 11.27 37.11
N GLU D 70 -0.82 13.08 38.00
CA GLU D 70 -0.55 13.65 39.32
C GLU D 70 -0.13 15.11 39.22
N SER D 71 -1.07 16.01 39.49
CA SER D 71 -0.84 17.43 39.39
C SER D 71 -0.40 18.05 40.73
N THR D 72 0.21 17.26 41.59
CA THR D 72 0.70 17.75 42.88
C THR D 72 2.17 18.15 42.79
N ILE D 73 2.61 19.01 43.71
CA ILE D 73 4.01 19.44 43.72
C ILE D 73 4.94 18.37 44.29
N ILE D 74 5.99 18.08 43.53
CA ILE D 74 7.03 17.15 43.91
C ILE D 74 8.12 17.89 44.69
N PRO D 75 8.65 17.28 45.77
CA PRO D 75 9.79 17.87 46.47
C PRO D 75 11.03 17.93 45.57
N PRO D 76 11.92 18.90 45.82
CA PRO D 76 13.11 19.19 44.99
C PRO D 76 14.00 17.98 44.68
N HIS D 77 14.39 17.21 45.67
CA HIS D 77 15.28 16.06 45.45
C HIS D 77 14.60 15.00 44.58
N GLN D 78 13.30 14.80 44.81
CA GLN D 78 12.51 13.87 44.01
C GLN D 78 12.27 14.43 42.62
N LEU D 79 12.52 15.72 42.44
CA LEU D 79 12.28 16.35 41.15
C LEU D 79 13.48 16.11 40.23
N GLU D 80 14.67 16.05 40.81
CA GLU D 80 15.87 15.69 40.06
C GLU D 80 15.84 14.23 39.64
N GLU D 81 15.42 13.36 40.54
CA GLU D 81 15.32 11.94 40.26
C GLU D 81 14.30 11.68 39.16
N LEU D 82 13.24 12.48 39.13
CA LEU D 82 12.20 12.35 38.13
C LEU D 82 12.77 12.56 36.72
N GLN D 83 13.67 13.52 36.58
CA GLN D 83 14.29 13.80 35.29
C GLN D 83 15.08 12.59 34.80
N LEU D 84 15.86 12.00 35.69
CA LEU D 84 16.67 10.82 35.34
C LEU D 84 15.82 9.62 34.98
N ASN D 85 14.79 9.36 35.78
CA ASN D 85 13.84 8.29 35.50
C ASN D 85 13.19 8.45 34.14
N LEU D 86 12.89 9.71 33.82
CA LEU D 86 12.28 10.05 32.54
C LEU D 86 13.18 9.64 31.38
N ILE D 87 14.44 10.10 31.41
CA ILE D 87 15.41 9.81 30.35
C ILE D 87 15.65 8.31 30.19
N ARG D 88 15.81 7.62 31.31
CA ARG D 88 16.12 6.19 31.30
C ARG D 88 14.95 5.34 30.81
N SER D 89 13.77 5.56 31.37
CA SER D 89 12.61 4.74 31.03
C SER D 89 12.14 5.00 29.59
N HIS D 90 12.48 6.17 29.05
CA HIS D 90 12.05 6.52 27.70
C HIS D 90 13.10 6.15 26.65
N SER D 91 14.24 5.65 27.09
CA SER D 91 15.23 5.11 26.17
C SER D 91 14.82 3.70 25.78
N ALA D 92 13.81 3.60 24.91
CA ALA D 92 13.14 2.35 24.61
C ALA D 92 13.26 1.93 23.16
N CYS D 93 14.15 2.60 22.43
CA CYS D 93 14.28 2.34 21.00
C CYS D 93 15.09 1.07 20.73
N VAL D 94 14.85 0.46 19.57
CA VAL D 94 15.48 -0.80 19.20
C VAL D 94 16.02 -0.75 17.77
N GLY D 95 16.79 -1.77 17.40
CA GLY D 95 17.31 -1.87 16.04
C GLY D 95 18.70 -1.28 15.89
N GLU D 96 19.14 -1.16 14.65
CA GLU D 96 20.45 -0.60 14.36
C GLU D 96 20.50 0.89 14.71
N PRO D 97 21.63 1.33 15.29
CA PRO D 97 21.79 2.76 15.61
C PRO D 97 21.94 3.60 14.36
N LEU D 98 21.59 4.88 14.44
CA LEU D 98 21.81 5.81 13.34
C LEU D 98 23.28 5.88 13.01
N THR D 99 23.59 6.19 11.74
CA THR D 99 24.97 6.48 11.36
C THR D 99 25.44 7.70 12.14
N PRO D 100 26.76 7.80 12.38
CA PRO D 100 27.32 8.93 13.13
C PRO D 100 26.86 10.29 12.60
N GLU D 101 26.77 10.42 11.28
CA GLU D 101 26.39 11.68 10.66
C GLU D 101 24.95 12.07 10.98
N ARG D 102 24.06 11.09 10.94
CA ARG D 102 22.65 11.34 11.21
C ARG D 102 22.38 11.58 12.69
N ALA D 103 23.09 10.86 13.54
CA ALA D 103 22.98 11.04 14.98
C ALA D 103 23.41 12.44 15.37
N ARG D 104 24.48 12.92 14.74
CA ARG D 104 25.02 14.24 15.03
C ARG D 104 24.16 15.35 14.40
N MET D 105 23.48 15.02 13.30
CA MET D 105 22.49 15.94 12.74
C MET D 105 21.35 16.15 13.73
N MET D 106 20.88 15.07 14.33
CA MET D 106 19.81 15.15 15.32
C MET D 106 20.24 15.97 16.53
N LEU D 107 21.52 15.82 16.91
CA LEU D 107 22.09 16.56 18.03
C LEU D 107 22.09 18.07 17.75
N ALA D 108 22.60 18.46 16.58
CA ALA D 108 22.67 19.86 16.21
C ALA D 108 21.28 20.48 16.08
N LEU D 109 20.34 19.73 15.50
CA LEU D 109 18.98 20.21 15.34
C LEU D 109 18.31 20.40 16.70
N ARG D 110 18.63 19.52 17.64
CA ARG D 110 18.13 19.62 19.00
C ARG D 110 18.52 20.96 19.61
N VAL D 111 19.79 21.31 19.43
CA VAL D 111 20.33 22.56 19.95
C VAL D 111 19.65 23.76 19.31
N ASN D 112 19.43 23.69 17.99
CA ASN D 112 18.80 24.79 17.27
C ASN D 112 17.39 25.08 17.79
N VAL D 113 16.61 24.04 18.02
CA VAL D 113 15.25 24.20 18.52
C VAL D 113 15.25 24.82 19.92
N LEU D 114 16.19 24.39 20.76
CA LEU D 114 16.32 24.96 22.11
C LEU D 114 16.69 26.45 22.07
N CYS D 115 17.31 26.88 20.98
CA CYS D 115 17.71 28.28 20.82
C CYS D 115 16.52 29.22 20.70
N LYS D 116 15.36 28.69 20.38
CA LYS D 116 14.16 29.52 20.28
C LYS D 116 13.74 30.01 21.66
N GLY D 117 14.17 29.31 22.70
CA GLY D 117 13.98 29.74 24.07
C GLY D 117 12.58 29.55 24.61
N HIS D 118 11.95 28.42 24.30
CA HIS D 118 10.61 28.15 24.81
C HIS D 118 10.54 26.80 25.53
N SER D 119 11.68 26.15 25.69
CA SER D 119 11.72 24.83 26.33
C SER D 119 11.89 24.94 27.84
N GLY D 120 12.56 25.99 28.29
CA GLY D 120 12.84 26.16 29.71
C GLY D 120 14.12 25.44 30.12
N ILE D 121 14.91 25.04 29.15
CA ILE D 121 16.17 24.37 29.38
C ILE D 121 17.19 25.32 30.05
N ARG D 122 18.11 24.78 30.82
CA ARG D 122 19.20 25.57 31.39
C ARG D 122 20.29 25.81 30.36
N LEU D 123 20.93 26.97 30.41
CA LEU D 123 21.97 27.33 29.46
C LEU D 123 23.15 26.36 29.53
N GLU D 124 23.53 25.93 30.73
CA GLU D 124 24.69 25.06 30.87
C GLU D 124 24.46 23.68 30.25
N THR D 125 23.21 23.24 30.20
CA THR D 125 22.89 21.97 29.54
C THR D 125 23.09 22.10 28.03
N VAL D 126 22.65 23.22 27.46
CA VAL D 126 22.81 23.47 26.03
C VAL D 126 24.29 23.52 25.68
N GLN D 127 25.08 24.16 26.54
CA GLN D 127 26.53 24.27 26.31
C GLN D 127 27.20 22.89 26.27
N LYS D 128 26.82 22.01 27.19
CA LYS D 128 27.37 20.66 27.22
C LYS D 128 26.99 19.86 25.96
N TYR D 129 25.78 20.08 25.47
CA TYR D 129 25.37 19.55 24.17
C TYR D 129 26.26 20.10 23.05
N LEU D 130 26.47 21.42 23.07
CA LEU D 130 27.33 22.10 22.09
C LEU D 130 28.76 21.58 22.11
N LYS D 131 29.33 21.52 23.31
CA LYS D 131 30.70 21.07 23.49
C LYS D 131 30.87 19.63 23.03
N ALA D 132 29.87 18.78 23.33
CA ALA D 132 29.95 17.38 22.94
C ALA D 132 29.99 17.23 21.42
N PHE D 133 29.13 17.97 20.73
CA PHE D 133 29.11 17.97 19.27
C PHE D 133 30.47 18.38 18.70
N ASN D 134 30.98 19.51 19.18
CA ASN D 134 32.23 20.06 18.65
C ASN D 134 33.43 19.17 18.95
N ALA D 135 33.33 18.39 20.03
CA ALA D 135 34.40 17.47 20.42
C ALA D 135 34.37 16.19 19.59
N GLY D 136 33.24 15.96 18.92
CA GLY D 136 33.12 14.81 18.03
C GLY D 136 32.38 13.62 18.60
N VAL D 137 31.42 13.87 19.50
CA VAL D 137 30.65 12.79 20.08
C VAL D 137 29.75 12.14 19.04
N VAL D 138 29.58 10.83 19.14
CA VAL D 138 28.66 10.09 18.29
C VAL D 138 27.61 9.42 19.17
N PRO D 139 26.40 10.01 19.22
CA PRO D 139 25.31 9.45 20.03
C PRO D 139 24.89 8.08 19.55
N TYR D 140 24.39 7.25 20.46
CA TYR D 140 23.87 5.94 20.10
C TYR D 140 22.35 6.00 20.02
N ILE D 141 21.82 6.08 18.81
CA ILE D 141 20.39 6.25 18.61
C ILE D 141 19.78 5.13 17.78
N PRO D 142 19.15 4.15 18.44
CA PRO D 142 18.47 3.07 17.71
C PRO D 142 17.38 3.65 16.81
N GLU D 143 17.31 3.19 15.56
CA GLU D 143 16.52 3.85 14.53
C GLU D 143 15.02 3.52 14.58
N GLN D 144 14.64 2.53 15.37
CA GLN D 144 13.24 2.12 15.47
C GLN D 144 12.67 2.38 16.87
N GLY D 145 11.44 2.87 16.92
CA GLY D 145 10.77 3.07 18.20
C GLY D 145 9.83 4.25 18.26
N THR D 146 10.24 5.38 17.70
CA THR D 146 9.45 6.61 17.78
C THR D 146 8.12 6.48 17.02
N VAL D 147 7.07 7.06 17.60
CA VAL D 147 5.79 7.15 16.91
C VAL D 147 5.51 8.60 16.53
N GLY D 148 6.53 9.44 16.68
CA GLY D 148 6.48 10.81 16.23
C GLY D 148 5.41 11.66 16.88
N ASP D 150 9.54 12.64 19.21
CA ASP D 150 10.52 11.57 19.15
C ASP D 150 11.15 11.33 20.52
N LEU D 151 10.29 10.98 21.49
CA LEU D 151 10.71 10.78 22.87
C LEU D 151 11.87 9.80 23.00
N GLY D 152 11.73 8.64 22.36
CA GLY D 152 12.77 7.62 22.38
C GLY D 152 14.14 8.07 21.91
N PRO D 153 14.25 8.46 20.63
CA PRO D 153 15.54 8.90 20.07
C PRO D 153 16.17 10.05 20.86
N LEU D 154 15.36 11.03 21.25
CA LEU D 154 15.85 12.18 21.99
C LEU D 154 16.29 11.80 23.41
N SER D 155 15.66 10.77 23.97
CA SER D 155 16.06 10.25 25.28
C SER D 155 17.40 9.52 25.20
N HIS D 156 17.59 8.75 24.14
CA HIS D 156 18.86 8.07 23.91
C HIS D 156 19.98 9.08 23.73
N LEU D 157 19.65 10.21 23.12
CA LEU D 157 20.59 11.31 22.97
C LEU D 157 20.97 11.88 24.34
N ALA D 158 19.97 12.14 25.17
CA ALA D 158 20.19 12.70 26.50
C ALA D 158 20.86 11.69 27.42
N LEU D 159 20.59 10.40 27.20
CA LEU D 159 21.18 9.34 28.00
C LEU D 159 22.70 9.36 27.86
N GLY D 160 23.18 9.49 26.63
CA GLY D 160 24.60 9.56 26.36
C GLY D 160 25.23 10.81 26.94
N MET D 161 24.47 11.91 26.94
CA MET D 161 24.92 13.17 27.51
C MET D 161 24.97 13.12 29.03
N LEU D 162 24.33 12.10 29.60
CA LEU D 162 24.40 11.83 31.04
C LEU D 162 25.57 10.91 31.35
N GLY D 163 26.24 10.43 30.31
CA GLY D 163 27.34 9.51 30.47
C GLY D 163 26.87 8.09 30.71
N GLU D 164 25.65 7.80 30.25
CA GLU D 164 25.08 6.47 30.41
C GLU D 164 24.79 5.83 29.06
N GLY D 165 24.74 4.51 29.03
CA GLY D 165 24.55 3.78 27.79
C GLY D 165 25.81 3.76 26.95
N LEU D 166 25.63 3.86 25.64
CA LEU D 166 26.77 3.79 24.72
C LEU D 166 27.05 5.12 24.02
N LEU D 167 28.31 5.34 23.69
CA LEU D 167 28.72 6.47 22.86
C LEU D 167 29.88 6.04 21.97
N ALA D 168 30.09 6.80 20.89
CA ALA D 168 31.28 6.65 20.08
C ALA D 168 31.87 8.02 19.80
N THR D 169 32.97 8.08 19.06
CA THR D 169 33.55 9.34 18.63
C THR D 169 33.84 9.27 17.14
N LEU D 170 34.12 10.42 16.53
CA LEU D 170 34.45 10.45 15.12
C LEU D 170 35.79 9.75 14.85
N ASN D 171 36.69 9.81 15.83
CA ASN D 171 37.99 9.17 15.71
C ASN D 171 37.95 7.68 16.03
N ASN D 172 36.94 7.27 16.79
CA ASN D 172 36.74 5.88 17.14
C ASN D 172 35.25 5.56 17.20
N LYS D 173 34.73 5.02 16.10
CA LYS D 173 33.29 4.87 15.94
C LYS D 173 32.74 3.57 16.52
N LYS D 174 33.59 2.84 17.24
CA LYS D 174 33.14 1.66 17.96
C LYS D 174 32.40 2.09 19.23
N PHE D 175 31.12 1.77 19.29
CA PHE D 175 30.30 2.17 20.44
C PHE D 175 30.80 1.51 21.72
N ARG D 176 31.05 2.34 22.73
CA ARG D 176 31.58 1.87 24.00
C ARG D 176 30.92 2.62 25.14
N ASP D 177 31.45 2.47 26.35
CA ASP D 177 30.87 3.10 27.53
C ASP D 177 30.79 4.62 27.40
N ALA D 178 29.59 5.15 27.54
CA ALA D 178 29.34 6.58 27.39
C ALA D 178 30.13 7.41 28.38
N GLY D 179 30.31 6.87 29.59
CA GLY D 179 31.04 7.56 30.63
C GLY D 179 32.49 7.79 30.25
N SER D 180 33.12 6.78 29.67
CA SER D 180 34.52 6.87 29.29
C SER D 180 34.70 7.76 28.06
N VAL D 181 33.72 7.75 27.17
CA VAL D 181 33.78 8.59 25.97
C VAL D 181 33.74 10.06 26.35
N LEU D 182 32.85 10.42 27.29
CA LEU D 182 32.79 11.80 27.76
C LEU D 182 34.09 12.21 28.44
N ARG D 183 34.70 11.30 29.20
CA ARG D 183 36.01 11.60 29.76
C ARG D 183 37.00 11.83 28.62
N GLU D 184 36.92 10.97 27.60
CA GLU D 184 37.80 11.05 26.44
C GLU D 184 37.70 12.41 25.76
N LEU D 185 36.49 12.97 25.71
CA LEU D 185 36.23 14.22 25.01
C LEU D 185 36.38 15.45 25.91
N GLY D 186 36.58 15.23 27.20
CA GLY D 186 36.70 16.33 28.13
C GLY D 186 35.39 17.05 28.33
N VAL D 187 34.28 16.33 28.20
CA VAL D 187 32.96 16.91 28.45
C VAL D 187 32.36 16.33 29.73
N GLU D 188 32.02 17.22 30.66
CA GLU D 188 31.33 16.84 31.89
C GLU D 188 29.87 16.53 31.55
N PRO D 189 29.36 15.41 32.07
CA PRO D 189 27.97 15.01 31.78
C PRO D 189 26.95 16.04 32.25
N ILE D 190 25.80 16.09 31.59
CA ILE D 190 24.75 17.03 31.97
C ILE D 190 24.15 16.66 33.32
N THR D 191 23.57 17.65 33.97
CA THR D 191 22.76 17.43 35.17
C THR D 191 21.41 18.04 34.90
N LEU D 192 20.37 17.47 35.49
CA LEU D 192 19.01 17.86 35.14
C LEU D 192 18.24 18.52 36.28
N ALA D 193 17.85 19.77 36.06
CA ALA D 193 16.96 20.47 36.98
C ALA D 193 15.52 20.31 36.51
N ALA D 194 14.60 21.03 37.15
CA ALA D 194 13.18 20.96 36.79
C ALA D 194 12.95 21.26 35.31
N LYS D 195 12.08 20.48 34.68
CA LYS D 195 11.65 20.64 33.29
C LYS D 195 12.72 20.25 32.26
N GLU D 196 13.97 20.11 32.70
CA GLU D 196 15.06 19.83 31.77
C GLU D 196 14.92 18.47 31.09
N GLY D 197 14.35 17.49 31.79
CA GLY D 197 14.10 16.18 31.23
C GLY D 197 13.17 16.22 30.01
N LEU D 198 12.04 16.89 30.16
CA LEU D 198 11.09 17.06 29.08
C LEU D 198 11.62 17.95 27.98
N ALA D 199 12.35 19.00 28.38
CA ALA D 199 12.89 19.96 27.42
C ALA D 199 13.82 19.29 26.42
N LEU D 200 14.53 18.25 26.87
CA LEU D 200 15.49 17.57 26.04
C LEU D 200 14.87 16.53 25.11
N ILE D 201 13.72 15.96 25.52
CA ILE D 201 13.17 14.83 24.76
C ILE D 201 11.84 15.11 24.05
N ASN D 202 11.27 16.29 24.26
CA ASN D 202 10.08 16.69 23.49
C ASN D 202 10.49 17.28 22.14
N GLY D 203 9.94 16.75 21.06
CA GLY D 203 10.20 17.33 19.76
C GLY D 203 10.21 16.37 18.60
N THR D 204 10.31 16.94 17.39
CA THR D 204 10.24 16.16 16.15
C THR D 204 11.61 16.08 15.47
N GLN D 205 12.67 16.12 16.26
CA GLN D 205 14.02 16.28 15.71
C GLN D 205 14.61 15.03 15.07
N PHE D 206 14.12 13.85 15.45
CA PHE D 206 14.56 12.61 14.79
C PHE D 206 13.98 12.55 13.38
N ILE D 207 12.68 12.76 13.27
CA ILE D 207 12.00 12.79 11.98
C ILE D 207 12.55 13.90 11.09
N SER D 208 12.75 15.08 11.66
CA SER D 208 13.15 16.26 10.89
C SER D 208 14.62 16.24 10.46
N ALA D 209 15.48 15.68 11.29
CA ALA D 209 16.90 15.59 10.92
C ALA D 209 17.09 14.59 9.79
N LEU D 210 16.45 13.43 9.92
CA LEU D 210 16.48 12.43 8.85
C LEU D 210 15.80 12.96 7.60
N GLY D 211 14.73 13.72 7.81
CA GLY D 211 14.00 14.32 6.71
C GLY D 211 14.83 15.38 6.00
N ALA D 212 15.67 16.07 6.77
CA ALA D 212 16.55 17.09 6.21
C ALA D 212 17.52 16.48 5.22
N GLU D 213 18.12 15.35 5.60
CA GLU D 213 19.02 14.64 4.69
C GLU D 213 18.27 14.21 3.43
N ALA D 214 17.09 13.65 3.62
CA ALA D 214 16.28 13.14 2.53
C ALA D 214 16.01 14.22 1.48
N VAL D 215 15.50 15.37 1.93
CA VAL D 215 15.08 16.41 0.99
C VAL D 215 16.28 17.08 0.34
N VAL D 216 17.42 17.11 1.03
CA VAL D 216 18.65 17.65 0.46
C VAL D 216 19.14 16.74 -0.68
N ARG D 217 19.19 15.45 -0.40
CA ARG D 217 19.58 14.46 -1.40
C ARG D 217 18.59 14.44 -2.57
N ALA D 218 17.32 14.65 -2.25
CA ALA D 218 16.26 14.66 -3.24
C ALA D 218 16.44 15.82 -4.22
N ARG D 219 16.70 17.01 -3.68
CA ARG D 219 16.91 18.20 -4.49
C ARG D 219 18.09 18.04 -5.43
N LYS D 220 19.15 17.41 -4.95
CA LYS D 220 20.36 17.24 -5.74
C LYS D 220 20.20 16.17 -6.82
N ILE D 221 19.42 15.13 -6.54
CA ILE D 221 19.21 14.08 -7.53
C ILE D 221 18.21 14.53 -8.59
N ALA D 222 17.34 15.47 -8.23
CA ALA D 222 16.39 16.04 -9.19
C ALA D 222 17.13 16.79 -10.29
N ARG D 223 18.14 17.55 -9.90
CA ARG D 223 19.00 18.25 -10.87
C ARG D 223 19.78 17.25 -11.73
N LEU D 224 20.37 16.26 -11.07
CA LEU D 224 21.17 15.25 -11.75
C LEU D 224 20.35 14.38 -12.70
N ALA D 225 19.07 14.20 -12.37
CA ALA D 225 18.18 13.44 -13.23
C ALA D 225 18.07 14.08 -14.61
N ASP D 226 18.10 15.40 -14.64
CA ASP D 226 18.04 16.13 -15.90
C ASP D 226 19.34 16.03 -16.68
N VAL D 227 20.44 15.83 -15.97
CA VAL D 227 21.74 15.64 -16.61
C VAL D 227 21.80 14.27 -17.26
N ALA D 228 21.31 13.25 -16.56
CA ALA D 228 21.26 11.90 -17.09
C ALA D 228 20.34 11.86 -18.31
N LEU D 229 19.19 12.52 -18.19
CA LEU D 229 18.22 12.62 -19.27
C LEU D 229 18.81 13.29 -20.50
N ALA D 230 19.56 14.37 -20.28
CA ALA D 230 20.21 15.08 -21.37
C ALA D 230 21.19 14.16 -22.11
N MET D 231 21.94 13.36 -21.37
CA MET D 231 22.88 12.44 -21.98
C MET D 231 22.14 11.36 -22.76
N SER D 232 21.08 10.82 -22.17
CA SER D 232 20.26 9.82 -22.86
C SER D 232 19.65 10.40 -24.12
N HIS D 233 19.18 11.64 -24.01
CA HIS D 233 18.65 12.39 -25.14
C HIS D 233 19.65 12.42 -26.30
N GLU D 234 20.91 12.63 -25.97
CA GLU D 234 21.96 12.70 -26.97
C GLU D 234 22.33 11.32 -27.53
N ALA D 235 22.43 10.34 -26.63
CA ALA D 235 22.77 8.98 -27.03
C ALA D 235 21.69 8.36 -27.90
N LEU D 236 20.44 8.76 -27.65
CA LEU D 236 19.32 8.24 -28.41
C LEU D 236 19.04 9.09 -29.65
N ARG D 237 19.77 10.18 -29.78
CA ARG D 237 19.62 11.09 -30.91
C ARG D 237 18.18 11.58 -31.05
N ALA D 238 17.65 12.12 -29.97
CA ALA D 238 16.28 12.64 -29.98
C ALA D 238 16.25 14.09 -30.47
N THR D 239 15.07 14.57 -30.82
CA THR D 239 14.89 15.95 -31.28
C THR D 239 14.70 16.90 -30.10
N ASN D 240 15.01 18.17 -30.32
CA ASN D 240 14.83 19.19 -29.29
C ASN D 240 13.42 19.78 -29.29
N SER D 241 12.57 19.26 -30.17
CA SER D 241 11.22 19.79 -30.38
C SER D 241 10.40 19.92 -29.10
N THR D 242 10.52 18.94 -28.22
CA THR D 242 9.70 18.91 -27.01
C THR D 242 10.18 19.91 -25.94
N LEU D 243 11.29 20.59 -26.22
CA LEU D 243 11.83 21.58 -25.29
C LEU D 243 11.41 23.00 -25.69
N ASN D 244 10.66 23.10 -26.79
CA ASN D 244 10.14 24.38 -27.25
C ASN D 244 9.39 25.10 -26.13
N PRO D 245 9.88 26.28 -25.74
CA PRO D 245 9.32 27.03 -24.61
C PRO D 245 7.84 27.40 -24.78
N ASP D 246 7.34 27.41 -26.02
CA ASP D 246 5.92 27.64 -26.26
C ASP D 246 5.07 26.52 -25.67
N ILE D 247 5.58 25.30 -25.74
CA ILE D 247 4.90 24.13 -25.17
C ILE D 247 4.65 24.30 -23.68
N HIS D 248 5.66 24.79 -22.98
CA HIS D 248 5.62 24.83 -21.53
C HIS D 248 5.04 26.15 -21.02
N ARG D 249 4.99 27.14 -21.91
CA ARG D 249 4.33 28.40 -21.62
C ARG D 249 2.81 28.22 -21.49
N VAL D 250 2.27 27.25 -22.23
CA VAL D 250 0.82 27.02 -22.24
C VAL D 250 0.43 25.86 -21.31
N ARG D 251 1.42 25.26 -20.67
CA ARG D 251 1.18 24.29 -19.60
C ARG D 251 2.08 24.71 -18.43
N PRO D 252 1.86 25.94 -17.93
CA PRO D 252 2.89 26.70 -17.20
C PRO D 252 3.09 26.35 -15.73
N HIS D 253 3.12 25.07 -15.40
CA HIS D 253 3.55 24.67 -14.06
C HIS D 253 4.99 25.14 -13.86
N LYS D 254 5.30 25.60 -12.65
CA LYS D 254 6.64 26.10 -12.36
C LYS D 254 7.72 25.04 -12.62
N GLY D 255 7.50 23.83 -12.11
CA GLY D 255 8.46 22.77 -12.25
C GLY D 255 8.72 22.39 -13.70
N GLN D 256 7.65 22.24 -14.47
CA GLN D 256 7.75 21.85 -15.88
C GLN D 256 8.55 22.87 -16.68
N GLN D 257 8.27 24.16 -16.45
CA GLN D 257 8.98 25.22 -17.14
C GLN D 257 10.46 25.27 -16.76
N LEU D 258 10.73 25.10 -15.47
CA LEU D 258 12.09 25.14 -14.95
C LEU D 258 12.93 23.97 -15.45
N VAL D 259 12.34 22.78 -15.48
CA VAL D 259 13.03 21.59 -15.98
C VAL D 259 13.36 21.72 -17.45
N ALA D 260 12.41 22.22 -18.24
CA ALA D 260 12.62 22.41 -19.67
C ALA D 260 13.74 23.41 -19.92
N GLN D 261 13.79 24.47 -19.10
CA GLN D 261 14.85 25.47 -19.25
C GLN D 261 16.21 24.89 -18.89
N ARG D 262 16.23 24.04 -17.86
CA ARG D 262 17.44 23.36 -17.44
C ARG D 262 17.96 22.45 -18.54
N LEU D 263 17.04 21.74 -19.20
CA LEU D 263 17.39 20.86 -20.31
C LEU D 263 17.87 21.63 -21.54
N ARG D 264 17.26 22.79 -21.80
CA ARG D 264 17.67 23.60 -22.93
C ARG D 264 19.08 24.14 -22.72
N ALA D 265 19.43 24.44 -21.48
CA ALA D 265 20.76 24.96 -21.17
C ALA D 265 21.80 23.88 -21.47
N LEU D 266 21.48 22.65 -21.08
CA LEU D 266 22.38 21.52 -21.28
C LEU D 266 22.47 21.09 -22.74
N LEU D 267 21.41 21.33 -23.51
CA LEU D 267 21.32 20.77 -24.86
C LEU D 267 21.40 21.78 -26.00
N HIS D 268 21.09 23.04 -25.74
CA HIS D 268 21.13 24.04 -26.81
C HIS D 268 22.44 24.83 -26.76
N ASP D 288 9.60 11.73 -30.20
CA ASP D 288 10.33 10.81 -29.34
C ASP D 288 9.39 10.01 -28.45
N ALA D 289 9.96 9.15 -27.62
CA ALA D 289 9.19 8.42 -26.63
C ALA D 289 8.80 9.34 -25.47
N TYR D 290 7.77 8.94 -24.73
CA TYR D 290 7.24 9.75 -23.64
C TYR D 290 8.25 9.95 -22.52
N SER D 291 9.08 8.93 -22.25
CA SER D 291 10.06 9.02 -21.17
C SER D 291 11.10 10.11 -21.44
N ILE D 292 11.17 10.56 -22.68
CA ILE D 292 12.01 11.71 -23.04
C ILE D 292 11.15 12.94 -23.34
N ARG D 293 10.12 12.76 -24.16
CA ARG D 293 9.27 13.87 -24.60
C ARG D 293 8.41 14.45 -23.48
N CYS D 294 7.95 13.60 -22.56
CA CYS D 294 7.11 14.05 -21.46
C CYS D 294 7.91 14.24 -20.18
N ALA D 295 9.24 14.29 -20.31
CA ALA D 295 10.11 14.42 -19.14
C ALA D 295 9.89 15.73 -18.36
N PRO D 296 9.77 16.88 -19.05
CA PRO D 296 9.44 18.08 -18.27
C PRO D 296 8.11 17.96 -17.52
N GLN D 297 7.15 17.26 -18.13
CA GLN D 297 5.83 17.10 -17.54
C GLN D 297 5.83 16.09 -16.40
N VAL D 298 6.91 15.32 -16.25
CA VAL D 298 7.01 14.33 -15.19
C VAL D 298 8.03 14.75 -14.13
N HIS D 299 9.22 15.16 -14.57
CA HIS D 299 10.22 15.69 -13.66
C HIS D 299 9.70 16.93 -12.96
N GLY D 300 8.90 17.72 -13.68
CA GLY D 300 8.36 18.97 -13.17
C GLY D 300 7.63 18.84 -11.85
N ILE D 301 6.67 17.93 -11.80
CA ILE D 301 5.87 17.75 -10.58
C ILE D 301 6.74 17.16 -9.47
N SER D 302 7.70 16.31 -9.83
CA SER D 302 8.67 15.80 -8.85
C SER D 302 9.44 16.96 -8.22
N ASN D 303 9.92 17.86 -9.06
CA ASN D 303 10.64 19.05 -8.59
C ASN D 303 9.78 19.91 -7.65
N GLU D 304 8.51 20.09 -8.00
CA GLU D 304 7.62 20.93 -7.21
C GLU D 304 7.29 20.30 -5.85
N VAL D 305 7.18 18.97 -5.84
CA VAL D 305 6.95 18.26 -4.59
C VAL D 305 8.16 18.42 -3.67
N ILE D 306 9.35 18.24 -4.24
CA ILE D 306 10.61 18.41 -3.51
C ILE D 306 10.73 19.83 -2.95
N GLU D 307 10.40 20.82 -3.77
CA GLU D 307 10.45 22.22 -3.35
C GLU D 307 9.46 22.51 -2.23
N TRP D 308 8.28 21.91 -2.32
CA TRP D 308 7.24 22.08 -1.31
C TRP D 308 7.65 21.45 0.02
N VAL D 309 8.15 20.22 -0.05
CA VAL D 309 8.63 19.51 1.13
C VAL D 309 9.76 20.29 1.80
N TYR D 310 10.65 20.82 0.97
CA TYR D 310 11.78 21.62 1.44
C TYR D 310 11.30 22.79 2.30
N GLY D 311 10.23 23.45 1.85
CA GLY D 311 9.65 24.55 2.60
C GLY D 311 9.04 24.12 3.92
N ILE D 312 8.29 23.02 3.91
CA ILE D 312 7.72 22.48 5.13
C ILE D 312 8.81 22.17 6.15
N LEU D 313 9.85 21.47 5.71
CA LEU D 313 10.93 21.05 6.60
C LEU D 313 11.77 22.21 7.11
N THR D 314 11.98 23.22 6.27
CA THR D 314 12.76 24.38 6.68
C THR D 314 12.07 25.09 7.85
N THR D 315 10.75 25.19 7.77
CA THR D 315 9.97 25.74 8.87
C THR D 315 10.13 24.86 10.10
N GLU D 316 10.02 23.55 9.90
CA GLU D 316 10.04 22.59 11.00
C GLU D 316 11.38 22.57 11.75
N LEU D 317 12.48 22.79 11.03
CA LEU D 317 13.81 22.83 11.65
C LEU D 317 13.94 24.02 12.61
N ASN D 318 13.08 25.02 12.41
CA ASN D 318 13.11 26.23 13.24
C ASN D 318 11.82 26.44 14.03
N CYS D 319 11.24 25.33 14.50
CA CYS D 319 10.01 25.37 15.28
C CYS D 319 10.27 25.07 16.76
N ALA D 320 9.44 25.65 17.61
CA ALA D 320 9.50 25.32 19.04
C ALA D 320 8.55 24.16 19.33
N THR D 321 9.10 22.96 19.34
CA THR D 321 8.31 21.75 19.47
C THR D 321 8.26 21.24 20.90
N ASP D 322 8.44 22.15 21.85
CA ASP D 322 8.51 21.79 23.25
C ASP D 322 7.13 21.72 23.89
N ASN D 323 7.05 21.09 25.07
CA ASN D 323 5.83 21.09 25.84
C ASN D 323 6.07 20.75 27.31
N PRO D 324 5.53 21.57 28.23
CA PRO D 324 4.81 22.81 27.92
C PRO D 324 5.73 23.92 27.44
N LEU D 325 5.17 24.89 26.71
CA LEU D 325 5.95 25.97 26.14
C LEU D 325 6.12 27.11 27.14
N VAL D 326 7.31 27.72 27.14
CA VAL D 326 7.59 28.84 28.02
C VAL D 326 7.63 30.14 27.25
N PHE D 327 6.74 31.08 27.59
CA PHE D 327 6.70 32.38 26.96
C PHE D 327 6.90 33.49 28.00
N PRO D 328 8.16 33.94 28.16
CA PRO D 328 8.49 34.97 29.16
C PRO D 328 7.76 36.28 28.94
N ASP D 329 7.41 36.57 27.68
CA ASP D 329 6.72 37.82 27.34
C ASP D 329 5.25 37.59 27.00
N GLY D 330 4.75 36.40 27.27
CA GLY D 330 3.38 36.06 26.92
C GLY D 330 2.37 36.36 28.03
N VAL D 331 1.09 36.33 27.68
CA VAL D 331 0.02 36.51 28.65
C VAL D 331 0.05 35.36 29.65
N LYS D 332 0.31 34.16 29.14
CA LYS D 332 0.58 32.99 29.98
C LYS D 332 2.04 32.59 29.78
N LYS D 333 2.77 32.46 30.89
CA LYS D 333 4.21 32.18 30.82
C LYS D 333 4.49 30.72 30.48
N VAL D 334 3.63 29.83 30.95
CA VAL D 334 3.78 28.40 30.68
C VAL D 334 2.49 27.85 30.09
N VAL D 335 2.56 27.37 28.86
CA VAL D 335 1.38 26.96 28.11
C VAL D 335 1.51 25.54 27.57
N SER D 336 0.46 24.74 27.73
CA SER D 336 0.42 23.40 27.17
C SER D 336 -0.19 23.41 25.76
N GLY D 337 0.54 22.86 24.80
CA GLY D 337 0.08 22.78 23.43
C GLY D 337 0.39 21.45 22.79
N GLY D 338 0.42 21.40 21.46
CA GLY D 338 0.67 20.15 20.76
C GLY D 338 1.73 20.23 19.67
N ASN D 339 2.72 21.12 19.86
CA ASN D 339 3.75 21.35 18.84
C ASN D 339 4.74 20.22 18.69
N PHE D 340 4.65 19.22 19.56
CA PHE D 340 5.53 18.06 19.52
C PHE D 340 5.03 17.04 18.49
N HIS D 341 3.81 17.25 17.99
CA HIS D 341 3.20 16.30 17.07
C HIS D 341 3.84 16.39 15.70
N GLY D 342 4.36 15.28 15.20
CA GLY D 342 5.15 15.28 14.00
C GLY D 342 4.41 15.04 12.70
N GLU D 343 3.11 15.32 12.66
CA GLU D 343 2.32 15.08 11.46
C GLU D 343 2.83 15.90 10.27
N TYR D 344 3.24 17.14 10.52
CA TYR D 344 3.71 18.01 9.45
C TYR D 344 4.94 17.43 8.72
N PRO D 345 6.03 17.12 9.46
CA PRO D 345 7.15 16.55 8.69
C PRO D 345 6.87 15.11 8.21
N ALA D 346 6.05 14.37 8.96
CA ALA D 346 5.69 13.01 8.57
C ALA D 346 4.98 12.97 7.22
N LYS D 347 3.95 13.79 7.08
CA LYS D 347 3.19 13.89 5.84
C LYS D 347 4.08 14.33 4.69
N ALA D 348 4.94 15.32 4.94
CA ALA D 348 5.81 15.87 3.92
C ALA D 348 6.79 14.83 3.40
N LEU D 349 7.27 13.97 4.30
CA LEU D 349 8.26 12.96 3.92
C LEU D 349 7.62 11.79 3.17
N ASP D 350 6.36 11.50 3.49
CA ASP D 350 5.61 10.50 2.73
C ASP D 350 5.42 10.95 1.29
N MET D 351 5.23 12.25 1.11
CA MET D 351 5.04 12.81 -0.22
C MET D 351 6.35 13.00 -0.95
N LEU D 352 7.42 13.23 -0.21
CA LEU D 352 8.74 13.33 -0.80
C LEU D 352 9.11 12.02 -1.48
N ALA D 353 8.85 10.91 -0.79
CA ALA D 353 9.13 9.58 -1.31
C ALA D 353 8.42 9.34 -2.64
N ILE D 354 7.13 9.71 -2.69
CA ILE D 354 6.34 9.55 -3.91
C ILE D 354 6.88 10.40 -5.06
N GLY D 355 7.26 11.64 -4.75
CA GLY D 355 7.81 12.54 -5.75
C GLY D 355 9.16 12.11 -6.29
N VAL D 356 10.05 11.71 -5.39
CA VAL D 356 11.40 11.25 -5.77
C VAL D 356 11.33 9.95 -6.56
N HIS D 357 10.43 9.06 -6.13
CA HIS D 357 10.23 7.77 -6.79
C HIS D 357 10.02 7.90 -8.30
N GLU D 358 9.27 8.93 -8.71
CA GLU D 358 8.89 9.08 -10.11
C GLU D 358 10.09 9.41 -10.98
N LEU D 359 11.10 10.06 -10.39
CA LEU D 359 12.33 10.35 -11.11
C LEU D 359 13.01 9.05 -11.53
N GLY D 360 13.03 8.07 -10.63
CA GLY D 360 13.62 6.78 -10.93
C GLY D 360 12.74 5.98 -11.88
N ASN D 361 11.44 6.13 -11.73
CA ASN D 361 10.46 5.43 -12.55
C ASN D 361 10.60 5.74 -14.03
N ILE D 362 10.66 7.03 -14.37
CA ILE D 362 10.79 7.44 -15.77
C ILE D 362 12.22 7.23 -16.28
N SER D 363 13.19 7.27 -15.38
CA SER D 363 14.59 7.07 -15.74
C SER D 363 14.83 5.64 -16.18
N GLU D 364 14.22 4.70 -15.46
CA GLU D 364 14.33 3.28 -15.76
C GLU D 364 13.82 2.98 -17.18
N ARG D 365 12.78 3.70 -17.60
CA ARG D 365 12.23 3.53 -18.95
C ARG D 365 13.22 4.01 -20.01
N ARG D 366 13.96 5.07 -19.70
CA ARG D 366 14.97 5.57 -20.62
C ARG D 366 16.16 4.62 -20.69
N ILE D 367 16.45 3.97 -19.56
CA ILE D 367 17.47 2.92 -19.52
C ILE D 367 17.07 1.78 -20.43
N GLU D 368 15.79 1.44 -20.40
CA GLU D 368 15.23 0.41 -21.27
C GLU D 368 15.42 0.77 -22.74
N ARG D 369 15.23 2.03 -23.10
CA ARG D 369 15.40 2.46 -24.49
C ARG D 369 16.85 2.37 -24.93
N LEU D 370 17.77 2.69 -24.03
CA LEU D 370 19.19 2.63 -24.33
C LEU D 370 19.65 1.21 -24.67
N ASN D 371 19.10 0.22 -23.95
CA ASN D 371 19.49 -1.17 -24.14
C ASN D 371 18.76 -1.85 -25.28
N ASN D 372 17.65 -1.25 -25.70
CA ASN D 372 16.82 -1.84 -26.74
C ASN D 372 17.27 -1.41 -28.14
N PRO D 373 17.75 -2.37 -28.94
CA PRO D 373 18.32 -2.12 -30.27
C PRO D 373 17.32 -1.55 -31.28
N THR D 374 16.05 -1.88 -31.14
CA THR D 374 15.01 -1.38 -32.03
C THR D 374 14.58 0.03 -31.61
N LEU D 375 14.87 0.37 -30.36
CA LEU D 375 14.50 1.68 -29.82
C LEU D 375 15.66 2.68 -29.87
N SER D 376 16.89 2.16 -29.76
CA SER D 376 18.06 3.02 -29.64
C SER D 376 18.77 3.27 -30.97
N ARG D 377 18.62 2.35 -31.91
CA ARG D 377 19.41 2.32 -33.14
C ARG D 377 20.89 2.20 -32.79
N LEU D 378 21.16 1.60 -31.64
CA LEU D 378 22.51 1.33 -31.16
C LEU D 378 22.68 -0.18 -31.02
N PRO D 379 23.93 -0.66 -30.85
CA PRO D 379 24.11 -2.08 -30.55
C PRO D 379 23.32 -2.51 -29.31
N ALA D 380 22.72 -3.69 -29.37
CA ALA D 380 21.87 -4.18 -28.29
C ALA D 380 22.64 -4.22 -26.97
N PHE D 381 22.05 -3.62 -25.94
CA PHE D 381 22.65 -3.53 -24.60
C PHE D 381 23.98 -2.78 -24.60
N LEU D 382 24.13 -1.89 -25.58
CA LEU D 382 25.30 -1.01 -25.69
C LEU D 382 26.62 -1.78 -25.68
N LEU D 388 28.86 -12.40 -27.81
CA LEU D 388 29.24 -13.12 -26.61
C LEU D 388 29.30 -12.18 -25.40
N ASN D 389 28.86 -10.95 -25.58
CA ASN D 389 28.85 -9.97 -24.51
C ASN D 389 27.43 -9.48 -24.21
N SER D 390 27.13 -9.27 -22.93
CA SER D 390 25.78 -8.90 -22.52
C SER D 390 25.62 -7.41 -22.24
N GLY D 391 26.75 -6.72 -22.07
CA GLY D 391 26.73 -5.28 -21.85
C GLY D 391 26.01 -4.84 -20.57
N PHE D 392 25.16 -3.84 -20.70
CA PHE D 392 24.50 -3.26 -19.54
CA PHE D 392 24.47 -3.23 -19.56
C PHE D 392 23.10 -3.85 -19.34
N MET D 393 22.90 -5.03 -19.91
CA MET D 393 21.62 -5.74 -19.82
C MET D 393 21.13 -5.90 -18.39
N ILE D 394 21.99 -6.43 -17.52
CA ILE D 394 21.62 -6.75 -16.15
C ILE D 394 21.63 -5.49 -15.27
N ALA D 395 22.28 -4.44 -15.74
CA ALA D 395 22.28 -3.17 -15.02
C ALA D 395 20.89 -2.54 -15.06
N HIS D 396 20.24 -2.66 -16.22
CA HIS D 396 18.85 -2.23 -16.36
C HIS D 396 17.99 -3.03 -15.39
N THR D 398 18.88 -4.25 -12.51
CA THR D 398 19.10 -3.70 -11.18
C THR D 398 18.26 -2.44 -10.97
N ALA D 399 18.19 -1.61 -12.01
CA ALA D 399 17.41 -0.38 -11.94
C ALA D 399 15.93 -0.68 -11.76
N ALA D 400 15.42 -1.65 -12.51
CA ALA D 400 14.02 -2.04 -12.43
C ALA D 400 13.66 -2.57 -11.04
N ALA D 401 14.57 -3.32 -10.44
CA ALA D 401 14.36 -3.86 -9.09
C ALA D 401 14.26 -2.73 -8.06
N LEU D 402 15.08 -1.70 -8.24
CA LEU D 402 15.08 -0.55 -7.34
C LEU D 402 13.77 0.26 -7.44
N VAL D 403 13.30 0.46 -8.67
CA VAL D 403 12.02 1.13 -8.89
C VAL D 403 10.89 0.34 -8.24
N SER D 404 10.94 -0.98 -8.40
CA SER D 404 9.89 -1.86 -7.91
C SER D 404 9.77 -1.81 -6.40
N GLU D 405 10.90 -1.80 -5.70
CA GLU D 405 10.85 -1.78 -4.25
C GLU D 405 10.49 -0.38 -3.75
N ASN D 406 10.78 0.63 -4.56
CA ASN D 406 10.37 1.99 -4.23
C ASN D 406 8.84 2.14 -4.20
N LYS D 407 8.15 1.31 -4.96
CA LYS D 407 6.69 1.36 -5.00
C LYS D 407 6.07 0.95 -3.66
N VAL D 408 6.73 0.03 -2.97
CA VAL D 408 6.31 -0.37 -1.63
C VAL D 408 6.55 0.77 -0.65
N TYR D 409 7.73 1.38 -0.76
CA TYR D 409 8.11 2.51 0.10
C TYR D 409 7.26 3.75 -0.16
N CYS D 410 6.51 3.75 -1.26
CA CYS D 410 5.64 4.87 -1.61
C CYS D 410 4.36 4.88 -0.77
N HIS D 411 4.08 3.78 -0.07
CA HIS D 411 2.94 3.73 0.81
C HIS D 411 3.16 4.68 1.98
N PRO D 412 2.20 5.59 2.22
CA PRO D 412 2.35 6.59 3.28
C PRO D 412 2.31 5.99 4.69
N ALA D 413 3.43 6.08 5.40
CA ALA D 413 3.52 5.58 6.76
C ALA D 413 2.69 6.44 7.73
N SER D 414 2.59 7.73 7.44
CA SER D 414 1.88 8.65 8.32
C SER D 414 0.36 8.50 8.23
N ALA D 415 -0.10 7.66 7.32
CA ALA D 415 -1.53 7.40 7.15
C ALA D 415 -2.05 6.53 8.29
N ASP D 416 -1.13 5.92 9.03
CA ASP D 416 -1.49 5.04 10.13
C ASP D 416 -1.30 5.74 11.46
N SER D 417 -2.15 5.41 12.42
CA SER D 417 -1.97 5.86 13.79
C SER D 417 -2.41 4.76 14.74
N ILE D 418 -1.55 4.43 15.70
CA ILE D 418 -1.90 3.47 16.74
C ILE D 418 -1.83 4.17 18.09
N SER D 419 -2.99 4.26 18.74
CA SER D 419 -3.13 5.08 19.94
C SER D 419 -2.94 4.29 21.23
N THR D 420 -2.36 4.93 22.23
CA THR D 420 -2.43 4.41 23.59
C THR D 420 -3.68 4.98 24.26
N SER D 421 -4.60 4.09 24.61
CA SER D 421 -5.95 4.46 25.02
C SER D 421 -6.01 5.32 26.28
N ALA D 422 -5.63 4.75 27.42
CA ALA D 422 -5.60 5.54 28.65
C ALA D 422 -4.21 6.09 28.88
N ALA D 423 -3.84 7.00 27.99
CA ALA D 423 -2.78 7.96 28.21
C ALA D 423 -3.39 9.23 27.66
N GLN D 424 -2.56 10.16 27.20
CA GLN D 424 -3.10 11.32 26.50
C GLN D 424 -2.94 11.12 25.00
N GLU D 425 -1.99 10.27 24.63
CA GLU D 425 -1.57 10.12 23.24
C GLU D 425 -2.51 9.27 22.41
N ASP D 426 -3.66 9.82 22.03
CA ASP D 426 -4.60 9.04 21.25
C ASP D 426 -4.44 9.22 19.74
N HIS D 427 -3.52 10.09 19.34
CA HIS D 427 -3.20 10.23 17.92
C HIS D 427 -1.73 10.58 17.75
N VAL D 428 -1.02 9.79 16.94
CA VAL D 428 0.39 10.01 16.70
C VAL D 428 0.66 10.01 15.20
N SER D 429 1.83 10.49 14.79
CA SER D 429 2.12 10.69 13.38
C SER D 429 2.71 9.46 12.69
N MET D 430 3.44 8.64 13.46
CA MET D 430 4.16 7.48 12.92
C MET D 430 5.12 7.91 11.81
N GLY D 431 5.75 9.06 11.99
CA GLY D 431 6.60 9.63 10.96
C GLY D 431 8.05 9.20 11.01
N GLY D 432 8.38 8.34 11.97
CA GLY D 432 9.73 7.83 12.11
C GLY D 432 10.11 7.01 10.88
N PHE D 433 9.19 6.15 10.44
CA PHE D 433 9.42 5.31 9.28
C PHE D 433 9.27 6.11 7.99
N SER D 434 8.47 7.18 8.03
CA SER D 434 8.34 8.08 6.88
C SER D 434 9.68 8.70 6.53
N ALA D 435 10.42 9.11 7.55
CA ALA D 435 11.72 9.73 7.35
C ALA D 435 12.74 8.73 6.84
N ARG D 436 12.74 7.53 7.40
CA ARG D 436 13.72 6.51 7.04
C ARG D 436 13.51 5.97 5.63
N LYS D 437 12.26 5.72 5.25
CA LYS D 437 11.99 5.18 3.92
C LYS D 437 12.14 6.26 2.86
N ALA D 438 12.01 7.52 3.25
CA ALA D 438 12.28 8.63 2.33
C ALA D 438 13.76 8.62 1.93
N ILE D 439 14.63 8.42 2.91
CA ILE D 439 16.06 8.33 2.64
C ILE D 439 16.38 7.13 1.77
N LYS D 440 15.68 6.03 2.00
CA LYS D 440 15.88 4.81 1.22
C LYS D 440 15.49 4.98 -0.25
N VAL D 441 14.36 5.63 -0.49
CA VAL D 441 13.90 5.87 -1.85
C VAL D 441 14.91 6.74 -2.61
N VAL D 442 15.38 7.81 -1.98
CA VAL D 442 16.35 8.70 -2.61
C VAL D 442 17.67 7.96 -2.87
N GLU D 443 18.08 7.14 -1.91
CA GLU D 443 19.27 6.33 -2.06
C GLU D 443 19.14 5.39 -3.27
N ASN D 444 17.97 4.79 -3.42
CA ASN D 444 17.70 3.92 -4.56
C ASN D 444 17.68 4.67 -5.89
N VAL D 445 17.04 5.83 -5.90
CA VAL D 445 16.92 6.63 -7.12
C VAL D 445 18.27 7.17 -7.58
N GLU D 446 19.15 7.46 -6.62
CA GLU D 446 20.52 7.89 -6.93
C GLU D 446 21.24 6.83 -7.77
N ARG D 447 21.03 5.56 -7.43
CA ARG D 447 21.66 4.47 -8.15
C ARG D 447 21.06 4.32 -9.54
N ILE D 448 19.75 4.50 -9.62
CA ILE D 448 19.04 4.43 -10.90
C ILE D 448 19.58 5.48 -11.87
N ILE D 449 19.66 6.72 -11.42
CA ILE D 449 20.19 7.82 -12.22
C ILE D 449 21.63 7.52 -12.63
N ALA D 450 22.41 6.92 -11.73
CA ALA D 450 23.78 6.54 -12.03
C ALA D 450 23.84 5.51 -13.16
N ILE D 451 22.93 4.54 -13.12
CA ILE D 451 22.88 3.52 -14.15
C ILE D 451 22.51 4.14 -15.51
N GLU D 452 21.55 5.05 -15.52
CA GLU D 452 21.17 5.73 -16.75
C GLU D 452 22.34 6.52 -17.33
N LEU D 453 22.97 7.32 -16.48
CA LEU D 453 24.11 8.14 -16.90
C LEU D 453 25.26 7.28 -17.43
N LEU D 454 25.50 6.16 -16.76
CA LEU D 454 26.54 5.22 -17.17
C LEU D 454 26.24 4.62 -18.54
N GLY D 455 24.99 4.22 -18.74
CA GLY D 455 24.56 3.65 -20.01
C GLY D 455 24.57 4.66 -21.14
N ALA D 456 24.12 5.87 -20.84
CA ALA D 456 24.04 6.93 -21.83
C ALA D 456 25.43 7.36 -22.30
N CYS D 457 26.40 7.37 -21.40
CA CYS D 457 27.78 7.72 -21.75
C CYS D 457 28.39 6.71 -22.70
N GLN D 458 28.02 5.44 -22.53
CA GLN D 458 28.47 4.40 -23.43
C GLN D 458 27.85 4.63 -24.81
N GLY D 459 26.62 5.13 -24.82
CA GLY D 459 25.96 5.49 -26.06
C GLY D 459 26.74 6.55 -26.81
N ILE D 460 27.24 7.54 -26.08
CA ILE D 460 28.07 8.59 -26.66
C ILE D 460 29.33 8.00 -27.30
N ASP D 461 29.95 7.04 -26.63
CA ASP D 461 31.11 6.34 -27.19
C ASP D 461 30.76 5.68 -28.51
N LEU D 462 29.63 4.98 -28.53
CA LEU D 462 29.19 4.25 -29.71
C LEU D 462 28.88 5.18 -30.89
N LEU D 463 28.70 6.46 -30.61
CA LEU D 463 28.33 7.41 -31.64
C LEU D 463 29.51 8.22 -32.17
N ARG D 464 30.68 8.05 -31.55
CA ARG D 464 31.89 8.73 -32.01
C ARG D 464 32.12 8.45 -33.51
N PRO D 465 32.68 9.41 -34.24
CA PRO D 465 33.29 10.68 -33.80
C PRO D 465 32.30 11.81 -33.55
N LEU D 466 31.01 11.51 -33.49
CA LEU D 466 30.01 12.52 -33.15
C LEU D 466 30.28 13.12 -31.78
N ARG D 467 29.98 14.41 -31.63
CA ARG D 467 30.15 15.10 -30.36
C ARG D 467 28.81 15.62 -29.87
N THR D 468 28.70 15.83 -28.56
CA THR D 468 27.50 16.47 -28.01
C THR D 468 27.85 17.88 -27.56
N THR D 469 26.98 18.49 -26.77
CA THR D 469 27.20 19.87 -26.34
C THR D 469 28.39 19.99 -25.41
N GLU D 470 28.87 21.22 -25.23
CA GLU D 470 30.02 21.48 -24.38
C GLU D 470 29.81 21.04 -22.92
N PRO D 471 28.65 21.37 -22.31
CA PRO D 471 28.52 20.89 -20.92
C PRO D 471 28.38 19.37 -20.82
N MET D 472 27.74 18.75 -21.80
CA MET D 472 27.52 17.30 -21.76
C MET D 472 28.80 16.54 -22.11
N GLU D 473 29.65 17.14 -22.93
CA GLU D 473 30.96 16.56 -23.21
C GLU D 473 31.83 16.57 -21.97
N LYS D 474 31.66 17.59 -21.13
CA LYS D 474 32.40 17.69 -19.88
C LYS D 474 31.94 16.64 -18.87
N VAL D 475 30.63 16.40 -18.82
CA VAL D 475 30.07 15.36 -17.96
C VAL D 475 30.56 14.00 -18.40
N TRP D 476 30.54 13.78 -19.70
CA TRP D 476 31.00 12.52 -20.28
C TRP D 476 32.47 12.24 -19.91
N SER D 477 33.31 13.26 -20.06
CA SER D 477 34.72 13.15 -19.68
C SER D 477 34.87 12.87 -18.20
N LEU D 478 34.00 13.48 -17.40
CA LEU D 478 34.02 13.29 -15.95
C LEU D 478 33.69 11.84 -15.60
N VAL D 479 32.67 11.29 -16.27
CA VAL D 479 32.29 9.90 -16.07
C VAL D 479 33.40 8.96 -16.53
N ARG D 480 34.01 9.29 -17.67
CA ARG D 480 35.08 8.47 -18.23
C ARG D 480 36.33 8.47 -17.35
N SER D 481 36.41 9.40 -16.40
CA SER D 481 37.56 9.47 -15.50
C SER D 481 37.42 8.51 -14.33
N VAL D 482 36.23 7.93 -14.16
CA VAL D 482 36.02 6.94 -13.10
C VAL D 482 35.53 5.61 -13.68
N SER D 483 35.11 5.64 -14.94
CA SER D 483 34.60 4.44 -15.61
C SER D 483 34.94 4.45 -17.09
N PRO D 484 35.86 3.57 -17.50
CA PRO D 484 36.30 3.46 -18.90
C PRO D 484 35.17 2.96 -19.80
N PRO D 485 35.27 3.18 -21.12
CA PRO D 485 34.23 2.68 -22.03
C PRO D 485 34.14 1.16 -21.98
N TRP D 486 32.99 0.63 -22.38
CA TRP D 486 32.73 -0.81 -22.29
C TRP D 486 33.17 -1.51 -23.56
N GLU D 487 34.41 -2.02 -23.56
CA GLU D 487 34.90 -2.84 -24.66
C GLU D 487 34.42 -4.28 -24.47
N GLU D 488 35.17 -5.05 -23.70
CA GLU D 488 34.75 -6.40 -23.34
C GLU D 488 33.91 -6.36 -22.06
N ASP D 489 33.19 -7.44 -21.78
CA ASP D 489 32.42 -7.52 -20.53
C ASP D 489 33.33 -7.50 -19.31
N ARG D 490 32.87 -6.85 -18.25
CA ARG D 490 33.58 -6.79 -16.99
C ARG D 490 32.59 -6.69 -15.84
N VAL D 491 33.09 -6.73 -14.60
CA VAL D 491 32.22 -6.65 -13.43
C VAL D 491 31.59 -5.25 -13.34
N ILE D 492 30.29 -5.19 -13.57
CA ILE D 492 29.62 -3.92 -13.82
C ILE D 492 29.12 -3.22 -12.54
N ASN D 493 29.01 -3.95 -11.44
CA ASN D 493 28.56 -3.34 -10.20
C ASN D 493 29.60 -2.34 -9.70
N THR D 494 30.85 -2.56 -10.08
CA THR D 494 31.93 -1.62 -9.77
C THR D 494 31.72 -0.29 -10.47
N ASP D 495 31.39 -0.34 -11.76
CA ASP D 495 31.12 0.87 -12.54
C ASP D 495 29.90 1.61 -12.00
N ILE D 496 28.84 0.87 -11.67
CA ILE D 496 27.63 1.47 -11.12
C ILE D 496 27.93 2.21 -9.83
N ASP D 497 28.68 1.57 -8.93
CA ASP D 497 29.01 2.17 -7.65
C ASP D 497 29.90 3.39 -7.82
N ASN D 498 30.86 3.32 -8.75
CA ASN D 498 31.75 4.44 -9.03
C ASN D 498 31.01 5.67 -9.55
N VAL D 499 30.08 5.45 -10.48
CA VAL D 499 29.31 6.56 -11.04
C VAL D 499 28.35 7.11 -9.99
N THR D 500 27.87 6.24 -9.11
CA THR D 500 27.03 6.68 -8.00
C THR D 500 27.82 7.58 -7.05
N LYS D 501 29.04 7.15 -6.72
CA LYS D 501 29.94 7.96 -5.90
C LYS D 501 30.20 9.32 -6.56
N LEU D 502 30.37 9.30 -7.88
CA LEU D 502 30.61 10.50 -8.66
C LEU D 502 29.45 11.48 -8.54
N LEU D 503 28.23 10.97 -8.72
CA LEU D 503 27.03 11.81 -8.59
C LEU D 503 26.91 12.42 -7.21
N ARG D 504 27.16 11.61 -6.17
CA ARG D 504 27.00 12.07 -4.80
C ARG D 504 28.09 13.07 -4.40
N SER D 505 29.20 13.05 -5.13
CA SER D 505 30.33 13.93 -4.84
C SER D 505 30.02 15.39 -5.14
N GLY D 506 29.08 15.64 -6.06
CA GLY D 506 28.72 16.99 -6.44
C GLY D 506 29.47 17.47 -7.66
N ALA D 507 30.44 16.67 -8.11
CA ALA D 507 31.29 17.05 -9.24
C ALA D 507 30.52 17.16 -10.55
N VAL D 508 29.49 16.32 -10.71
CA VAL D 508 28.71 16.33 -11.94
C VAL D 508 27.91 17.63 -12.05
N TRP D 509 27.19 18.00 -11.00
CA TRP D 509 26.42 19.24 -11.03
C TRP D 509 27.35 20.46 -11.15
N LYS D 510 28.45 20.44 -10.40
CA LYS D 510 29.43 21.52 -10.43
C LYS D 510 29.93 21.76 -11.86
N THR D 511 29.98 20.69 -12.64
CA THR D 511 30.45 20.75 -14.02
C THR D 511 29.49 21.53 -14.94
N VAL D 512 28.20 21.24 -14.84
CA VAL D 512 27.21 21.87 -15.71
C VAL D 512 26.64 23.16 -15.15
N LYS D 513 26.82 23.37 -13.85
CA LYS D 513 26.27 24.52 -13.13
C LYS D 513 26.39 25.87 -13.85
N PRO D 514 27.59 26.22 -14.37
CA PRO D 514 27.67 27.56 -14.98
C PRO D 514 26.92 27.70 -16.32
N TYR D 515 26.44 26.59 -16.89
CA TYR D 515 25.70 26.64 -18.15
C TYR D 515 24.21 26.84 -17.92
N VAL D 516 23.77 26.67 -16.67
CA VAL D 516 22.36 26.72 -16.33
C VAL D 516 21.96 28.07 -15.72
N PRO D 517 20.86 28.67 -16.22
CA PRO D 517 20.30 29.89 -15.64
C PRO D 517 20.06 29.75 -14.15
N GLU D 518 20.35 30.80 -13.38
CA GLU D 518 20.29 30.74 -11.91
C GLU D 518 18.99 30.15 -11.38
N GLU D 519 17.87 30.53 -11.99
CA GLU D 519 16.56 30.12 -11.51
C GLU D 519 16.33 28.63 -11.69
N ALA D 520 17.04 28.03 -12.64
CA ALA D 520 16.87 26.60 -12.92
C ALA D 520 17.87 25.73 -12.17
N ARG D 521 18.54 26.30 -11.18
CA ARG D 521 19.56 25.57 -10.43
C ARG D 521 19.05 25.02 -9.09
N PHE D 522 17.76 25.24 -8.81
CA PHE D 522 17.13 24.73 -7.59
C PHE D 522 17.82 25.32 -6.35
N LEU D 523 17.89 26.65 -6.28
CA LEU D 523 18.62 27.32 -5.21
C LEU D 523 17.74 28.20 -4.33
N GLY D 524 16.53 28.50 -4.80
CA GLY D 524 15.62 29.38 -4.07
C GLY D 524 15.32 28.91 -2.66
N VAL D 525 15.29 27.61 -2.47
CA VAL D 525 14.95 27.02 -1.18
C VAL D 525 16.07 27.14 -0.15
N LEU D 526 17.25 27.56 -0.59
CA LEU D 526 18.43 27.63 0.28
C LEU D 526 18.40 28.83 1.24
N THR D 527 17.51 29.78 1.00
CA THR D 527 17.37 30.92 1.91
C THR D 527 16.05 30.88 2.67
N VAL D 528 16.13 31.08 3.98
CA VAL D 528 14.95 31.00 4.85
C VAL D 528 14.01 32.17 4.64
N LYS D 529 12.77 31.87 4.26
CA LYS D 529 11.74 32.89 4.07
C LYS D 529 11.15 33.28 5.41
N LYS D 530 10.61 34.49 5.48
CA LYS D 530 9.93 34.95 6.70
C LYS D 530 8.70 34.08 6.92
N PRO D 531 8.41 33.74 8.19
CA PRO D 531 7.28 32.87 8.50
C PRO D 531 5.93 33.54 8.20
N PHE D 532 4.93 32.73 7.88
CA PHE D 532 3.59 33.23 7.60
C PHE D 532 3.04 34.03 8.78
N GLU D 533 2.32 35.10 8.47
CA GLU D 533 1.75 35.95 9.51
C GLU D 533 0.26 36.18 9.28
N LEU D 534 -0.54 35.91 10.30
CA LEU D 534 -1.98 36.13 10.25
C LEU D 534 -2.31 37.59 9.93
N LYS D 535 -3.31 37.81 9.07
CA LYS D 535 -3.78 39.16 8.79
C LYS D 535 -4.60 39.67 9.97
N SER D 536 -5.17 38.74 10.74
CA SER D 536 -5.75 39.07 12.03
C SER D 536 -5.09 38.26 13.15
N LYS D 537 -4.80 38.91 14.27
CA LYS D 537 -4.20 38.20 15.40
C LYS D 537 -5.25 37.70 16.40
N MET D 538 -6.51 37.73 15.98
CA MET D 538 -7.59 37.14 16.76
C MET D 538 -7.49 35.61 16.74
#